data_2D9T
#
_entry.id   2D9T
#
_entity_poly.entity_id   1
_entity_poly.type   'polypeptide(L)'
_entity_poly.pdbx_seq_one_letter_code
;GSSGSSGKVWKPGDECFALYWEDNKFYRAEVEALHSSGMTAVVKFTDYGNYEEVLLSNIKPVQTEAWVRDPNSGPSSG
;
_entity_poly.pdbx_strand_id   A
#
# COMPACT_ATOMS: atom_id res chain seq x y z
N GLY A 1 -9.05 -8.93 20.64
CA GLY A 1 -10.22 -8.06 20.73
C GLY A 1 -11.47 -8.73 20.20
N SER A 2 -11.87 -8.37 19.00
CA SER A 2 -13.07 -8.93 18.38
C SER A 2 -12.85 -9.19 16.90
N SER A 3 -13.13 -10.41 16.47
CA SER A 3 -12.95 -10.79 15.07
C SER A 3 -14.26 -10.63 14.29
N GLY A 4 -14.17 -10.05 13.10
CA GLY A 4 -15.35 -9.84 12.29
C GLY A 4 -15.70 -8.37 12.13
N SER A 5 -14.77 -7.60 11.59
CA SER A 5 -14.98 -6.17 11.39
C SER A 5 -14.41 -5.71 10.05
N SER A 6 -15.25 -5.07 9.24
CA SER A 6 -14.85 -4.59 7.94
C SER A 6 -13.96 -3.35 8.06
N GLY A 7 -13.01 -3.22 7.15
CA GLY A 7 -12.11 -2.07 7.17
C GLY A 7 -10.71 -2.43 6.73
N LYS A 8 -9.83 -1.43 6.64
CA LYS A 8 -8.46 -1.64 6.23
C LYS A 8 -7.56 -0.49 6.70
N VAL A 9 -6.50 -0.83 7.43
CA VAL A 9 -5.58 0.17 7.93
C VAL A 9 -4.20 0.00 7.31
N TRP A 10 -3.54 1.12 7.03
CA TRP A 10 -2.21 1.09 6.43
C TRP A 10 -1.13 1.15 7.50
N LYS A 11 0.09 0.78 7.13
CA LYS A 11 1.22 0.78 8.06
C LYS A 11 2.54 0.95 7.31
N PRO A 12 3.54 1.48 8.02
CA PRO A 12 4.88 1.71 7.44
C PRO A 12 5.62 0.40 7.18
N GLY A 13 5.61 -0.03 5.92
CA GLY A 13 6.28 -1.26 5.55
C GLY A 13 5.37 -2.24 4.84
N ASP A 14 4.41 -1.70 4.09
CA ASP A 14 3.46 -2.54 3.36
C ASP A 14 3.33 -2.06 1.92
N GLU A 15 3.48 -2.99 0.98
CA GLU A 15 3.38 -2.66 -0.45
C GLU A 15 1.94 -2.37 -0.83
N CYS A 16 1.71 -1.22 -1.46
CA CYS A 16 0.37 -0.83 -1.89
C CYS A 16 0.43 -0.06 -3.20
N PHE A 17 -0.74 0.20 -3.78
CA PHE A 17 -0.83 0.94 -5.04
C PHE A 17 -1.29 2.36 -4.81
N ALA A 18 -0.46 3.32 -5.19
CA ALA A 18 -0.78 4.73 -5.03
C ALA A 18 -0.96 5.42 -6.38
N LEU A 19 -1.92 6.33 -6.46
CA LEU A 19 -2.19 7.05 -7.69
C LEU A 19 -1.19 8.18 -7.89
N TYR A 20 -0.38 8.07 -8.95
CA TYR A 20 0.62 9.08 -9.25
C TYR A 20 0.00 10.48 -9.28
N TRP A 21 0.82 11.48 -9.02
CA TRP A 21 0.35 12.87 -9.01
C TRP A 21 0.53 13.52 -10.38
N GLU A 22 1.15 12.77 -11.29
CA GLU A 22 1.39 13.27 -12.64
C GLU A 22 0.78 12.35 -13.68
N ASP A 23 0.40 11.14 -13.24
CA ASP A 23 -0.20 10.16 -14.14
C ASP A 23 -1.59 9.78 -13.66
N ASN A 24 -1.87 10.03 -12.39
CA ASN A 24 -3.17 9.71 -11.81
C ASN A 24 -3.53 8.26 -12.07
N LYS A 25 -2.52 7.41 -12.23
CA LYS A 25 -2.73 6.00 -12.48
C LYS A 25 -2.24 5.15 -11.31
N PHE A 26 -2.92 4.03 -11.07
CA PHE A 26 -2.55 3.14 -9.97
C PHE A 26 -1.23 2.44 -10.26
N TYR A 27 -0.23 2.72 -9.45
CA TYR A 27 1.09 2.12 -9.62
C TYR A 27 1.58 1.51 -8.31
N ARG A 28 2.40 0.47 -8.41
CA ARG A 28 2.95 -0.20 -7.25
C ARG A 28 3.67 0.79 -6.33
N ALA A 29 3.69 0.50 -5.04
CA ALA A 29 4.35 1.36 -4.07
C ALA A 29 4.42 0.69 -2.70
N GLU A 30 4.94 1.42 -1.71
CA GLU A 30 5.06 0.91 -0.36
C GLU A 30 4.88 2.01 0.67
N VAL A 31 3.94 1.81 1.59
CA VAL A 31 3.66 2.79 2.63
C VAL A 31 4.93 3.14 3.40
N GLU A 32 5.52 4.28 3.06
CA GLU A 32 6.74 4.74 3.71
C GLU A 32 6.44 5.20 5.14
N ALA A 33 5.46 6.08 5.28
CA ALA A 33 5.07 6.60 6.59
C ALA A 33 3.74 7.33 6.51
N LEU A 34 2.87 7.06 7.48
CA LEU A 34 1.56 7.68 7.53
C LEU A 34 1.64 9.10 8.10
N HIS A 35 0.54 9.83 8.01
CA HIS A 35 0.50 11.21 8.53
C HIS A 35 -0.28 11.26 9.83
N SER A 36 0.31 11.87 10.85
CA SER A 36 -0.32 11.99 12.16
C SER A 36 -1.80 12.33 12.00
N SER A 37 -2.09 13.39 11.25
CA SER A 37 -3.46 13.82 11.03
C SER A 37 -4.35 12.64 10.70
N GLY A 38 -4.00 11.90 9.64
CA GLY A 38 -4.78 10.75 9.23
C GLY A 38 -5.52 10.98 7.93
N MET A 39 -4.83 11.58 6.97
CA MET A 39 -5.42 11.85 5.66
C MET A 39 -4.49 11.41 4.53
N THR A 40 -3.27 11.94 4.54
CA THR A 40 -2.28 11.60 3.52
C THR A 40 -1.14 10.78 4.11
N ALA A 41 -0.38 10.13 3.24
CA ALA A 41 0.75 9.32 3.67
C ALA A 41 1.84 9.27 2.61
N VAL A 42 3.09 9.13 3.05
CA VAL A 42 4.22 9.08 2.13
C VAL A 42 4.45 7.65 1.62
N VAL A 43 4.21 7.45 0.33
CA VAL A 43 4.40 6.14 -0.28
C VAL A 43 5.50 6.17 -1.32
N LYS A 44 6.34 5.14 -1.32
CA LYS A 44 7.45 5.04 -2.26
C LYS A 44 7.04 4.27 -3.51
N PHE A 45 7.24 4.88 -4.67
CA PHE A 45 6.89 4.26 -5.94
C PHE A 45 8.02 3.36 -6.44
N THR A 46 7.69 2.12 -6.75
CA THR A 46 8.68 1.17 -7.25
C THR A 46 9.18 1.56 -8.63
N ASP A 47 8.29 2.13 -9.44
CA ASP A 47 8.65 2.55 -10.79
C ASP A 47 10.09 3.07 -10.82
N TYR A 48 10.44 3.91 -9.87
CA TYR A 48 11.78 4.49 -9.80
C TYR A 48 12.34 4.39 -8.39
N GLY A 49 11.48 4.64 -7.40
CA GLY A 49 11.90 4.58 -6.02
C GLY A 49 11.89 5.94 -5.34
N ASN A 50 10.92 6.77 -5.72
CA ASN A 50 10.80 8.11 -5.15
C ASN A 50 9.55 8.22 -4.29
N TYR A 51 9.62 9.05 -3.25
CA TYR A 51 8.50 9.25 -2.35
C TYR A 51 7.51 10.26 -2.92
N GLU A 52 6.23 10.07 -2.62
CA GLU A 52 5.19 10.96 -3.11
C GLU A 52 4.04 11.06 -2.10
N GLU A 53 3.57 12.28 -1.86
CA GLU A 53 2.48 12.51 -0.92
C GLU A 53 1.14 12.19 -1.57
N VAL A 54 0.53 11.08 -1.17
CA VAL A 54 -0.76 10.67 -1.72
C VAL A 54 -1.76 10.39 -0.60
N LEU A 55 -3.03 10.65 -0.87
CA LEU A 55 -4.09 10.42 0.11
C LEU A 55 -4.28 8.93 0.37
N LEU A 56 -4.72 8.59 1.57
CA LEU A 56 -4.95 7.20 1.94
C LEU A 56 -6.16 6.64 1.21
N SER A 57 -7.09 7.52 0.83
CA SER A 57 -8.29 7.12 0.13
C SER A 57 -7.99 6.80 -1.34
N ASN A 58 -6.74 7.03 -1.74
CA ASN A 58 -6.32 6.77 -3.11
C ASN A 58 -5.30 5.64 -3.15
N ILE A 59 -5.36 4.76 -2.17
CA ILE A 59 -4.43 3.62 -2.10
C ILE A 59 -5.19 2.30 -2.05
N LYS A 60 -4.64 1.28 -2.68
CA LYS A 60 -5.26 -0.05 -2.71
C LYS A 60 -4.29 -1.10 -2.20
N PRO A 61 -4.82 -2.08 -1.45
CA PRO A 61 -4.01 -3.17 -0.89
C PRO A 61 -3.52 -4.13 -1.97
N VAL A 62 -2.22 -4.43 -1.95
CA VAL A 62 -1.63 -5.33 -2.93
C VAL A 62 -1.88 -6.79 -2.53
N GLN A 63 -2.30 -7.59 -3.51
CA GLN A 63 -2.57 -9.01 -3.28
C GLN A 63 -1.30 -9.74 -2.87
N THR A 64 -1.47 -10.87 -2.19
CA THR A 64 -0.34 -11.67 -1.74
C THR A 64 -0.14 -12.90 -2.62
N GLU A 65 1.07 -13.43 -2.64
CA GLU A 65 1.38 -14.60 -3.44
C GLU A 65 0.75 -15.85 -2.84
N ALA A 66 -0.51 -16.10 -3.18
CA ALA A 66 -1.23 -17.26 -2.69
C ALA A 66 -1.08 -18.45 -3.63
N TRP A 67 0.14 -18.64 -4.14
CA TRP A 67 0.42 -19.74 -5.06
C TRP A 67 0.01 -21.08 -4.45
N VAL A 68 -0.35 -22.03 -5.29
CA VAL A 68 -0.75 -23.36 -4.83
C VAL A 68 -0.11 -24.45 -5.68
N ARG A 69 0.56 -25.39 -5.03
CA ARG A 69 1.22 -26.49 -5.72
C ARG A 69 0.29 -27.70 -5.82
N ASP A 70 0.47 -28.49 -6.87
CA ASP A 70 -0.35 -29.68 -7.07
C ASP A 70 0.16 -30.50 -8.24
N PRO A 71 0.13 -31.84 -8.09
CA PRO A 71 0.59 -32.76 -9.13
C PRO A 71 -0.32 -32.77 -10.35
N ASN A 72 -1.47 -32.12 -10.23
CA ASN A 72 -2.44 -32.05 -11.31
C ASN A 72 -2.25 -30.78 -12.14
N SER A 73 -1.69 -30.93 -13.34
CA SER A 73 -1.45 -29.81 -14.23
C SER A 73 -2.72 -28.98 -14.41
N GLY A 74 -2.62 -27.69 -14.14
CA GLY A 74 -3.76 -26.80 -14.28
C GLY A 74 -3.96 -26.33 -15.71
N PRO A 75 -3.39 -25.15 -16.03
CA PRO A 75 -3.49 -24.57 -17.38
C PRO A 75 -2.70 -25.35 -18.42
N SER A 76 -3.26 -25.50 -19.61
CA SER A 76 -2.60 -26.23 -20.68
C SER A 76 -2.67 -25.44 -22.00
N SER A 77 -1.89 -25.87 -22.98
CA SER A 77 -1.87 -25.21 -24.28
C SER A 77 -3.26 -25.11 -24.87
N GLY A 78 -3.61 -23.93 -25.39
CA GLY A 78 -4.91 -23.73 -25.97
C GLY A 78 -5.03 -24.34 -27.36
N GLY A 1 -14.12 13.38 18.80
CA GLY A 1 -14.13 13.02 17.39
C GLY A 1 -15.00 11.81 17.11
N SER A 2 -15.69 11.82 15.97
CA SER A 2 -16.57 10.73 15.59
C SER A 2 -15.96 9.92 14.44
N SER A 3 -14.66 9.68 14.51
CA SER A 3 -13.96 8.93 13.48
C SER A 3 -13.31 7.68 14.06
N GLY A 4 -13.10 6.67 13.21
CA GLY A 4 -12.49 5.44 13.66
C GLY A 4 -11.76 4.72 12.54
N SER A 5 -10.67 4.05 12.89
CA SER A 5 -9.87 3.32 11.91
C SER A 5 -10.34 1.87 11.80
N SER A 6 -11.66 1.68 11.84
CA SER A 6 -12.23 0.35 11.74
C SER A 6 -12.27 -0.13 10.30
N GLY A 7 -11.87 -1.38 10.08
CA GLY A 7 -11.88 -1.93 8.74
C GLY A 7 -10.47 -2.20 8.23
N LYS A 8 -9.97 -1.31 7.37
CA LYS A 8 -8.64 -1.45 6.80
C LYS A 8 -7.78 -0.23 7.13
N VAL A 9 -6.57 -0.48 7.62
CA VAL A 9 -5.64 0.59 7.97
C VAL A 9 -4.27 0.35 7.35
N TRP A 10 -3.60 1.43 7.00
CA TRP A 10 -2.27 1.34 6.39
C TRP A 10 -1.19 1.42 7.46
N LYS A 11 0.03 1.01 7.10
CA LYS A 11 1.16 1.04 8.03
C LYS A 11 2.48 1.13 7.28
N PRO A 12 3.50 1.68 7.95
CA PRO A 12 4.84 1.85 7.37
C PRO A 12 5.54 0.51 7.16
N GLY A 13 5.53 0.02 5.93
CA GLY A 13 6.18 -1.24 5.61
C GLY A 13 5.25 -2.22 4.93
N ASP A 14 4.36 -1.70 4.08
CA ASP A 14 3.41 -2.54 3.36
C ASP A 14 3.32 -2.12 1.89
N GLU A 15 3.21 -3.10 1.01
CA GLU A 15 3.12 -2.83 -0.43
C GLU A 15 1.69 -2.48 -0.82
N CYS A 16 1.53 -1.35 -1.49
CA CYS A 16 0.21 -0.89 -1.92
C CYS A 16 0.31 -0.09 -3.21
N PHE A 17 -0.83 0.15 -3.85
CA PHE A 17 -0.88 0.90 -5.10
C PHE A 17 -1.33 2.33 -4.85
N ALA A 18 -0.44 3.28 -5.13
CA ALA A 18 -0.74 4.69 -4.93
C ALA A 18 -0.83 5.42 -6.27
N LEU A 19 -1.83 6.28 -6.41
CA LEU A 19 -2.03 7.04 -7.64
C LEU A 19 -0.95 8.10 -7.80
N TYR A 20 -0.51 8.30 -9.04
CA TYR A 20 0.53 9.29 -9.34
C TYR A 20 -0.06 10.69 -9.39
N TRP A 21 0.81 11.69 -9.27
CA TRP A 21 0.38 13.08 -9.31
C TRP A 21 0.64 13.70 -10.68
N GLU A 22 1.26 12.92 -11.57
CA GLU A 22 1.56 13.39 -12.91
C GLU A 22 0.88 12.53 -13.96
N ASP A 23 0.24 11.45 -13.51
CA ASP A 23 -0.46 10.54 -14.41
C ASP A 23 -1.85 10.23 -13.89
N ASN A 24 -1.98 10.14 -12.57
CA ASN A 24 -3.27 9.85 -11.93
C ASN A 24 -3.64 8.38 -12.13
N LYS A 25 -2.63 7.53 -12.28
CA LYS A 25 -2.85 6.11 -12.47
C LYS A 25 -2.32 5.31 -11.27
N PHE A 26 -2.87 4.11 -11.08
CA PHE A 26 -2.46 3.26 -9.97
C PHE A 26 -1.12 2.59 -10.26
N TYR A 27 -0.15 2.82 -9.40
CA TYR A 27 1.19 2.25 -9.56
C TYR A 27 1.67 1.61 -8.26
N ARG A 28 2.44 0.55 -8.39
CA ARG A 28 2.98 -0.16 -7.23
C ARG A 28 3.74 0.81 -6.32
N ALA A 29 3.65 0.56 -5.01
CA ALA A 29 4.34 1.40 -4.03
C ALA A 29 4.39 0.71 -2.68
N GLU A 30 4.91 1.43 -1.68
CA GLU A 30 5.02 0.90 -0.33
C GLU A 30 4.89 2.00 0.71
N VAL A 31 3.85 1.92 1.53
CA VAL A 31 3.61 2.92 2.56
C VAL A 31 4.88 3.22 3.34
N GLU A 32 5.48 4.38 3.06
CA GLU A 32 6.71 4.78 3.74
C GLU A 32 6.42 5.22 5.16
N ALA A 33 5.47 6.14 5.33
CA ALA A 33 5.10 6.64 6.65
C ALA A 33 3.81 7.45 6.58
N LEU A 34 2.88 7.15 7.47
CA LEU A 34 1.60 7.86 7.52
C LEU A 34 1.75 9.20 8.23
N HIS A 35 0.72 10.03 8.11
CA HIS A 35 0.73 11.35 8.75
C HIS A 35 0.29 11.25 10.21
N SER A 36 0.53 12.31 10.96
CA SER A 36 0.15 12.34 12.37
C SER A 36 -1.36 12.44 12.54
N SER A 37 -1.99 13.23 11.68
CA SER A 37 -3.43 13.42 11.74
C SER A 37 -4.15 12.16 11.27
N GLY A 38 -4.09 11.90 9.97
CA GLY A 38 -4.75 10.73 9.41
C GLY A 38 -5.47 11.03 8.11
N MET A 39 -4.74 11.57 7.14
CA MET A 39 -5.32 11.90 5.84
C MET A 39 -4.42 11.41 4.71
N THR A 40 -3.19 11.91 4.67
CA THR A 40 -2.24 11.52 3.63
C THR A 40 -1.11 10.66 4.21
N ALA A 41 -0.32 10.06 3.32
CA ALA A 41 0.79 9.22 3.74
C ALA A 41 1.88 9.18 2.68
N VAL A 42 3.12 9.13 3.13
CA VAL A 42 4.27 9.09 2.21
C VAL A 42 4.46 7.69 1.65
N VAL A 43 4.24 7.54 0.35
CA VAL A 43 4.41 6.25 -0.32
C VAL A 43 5.56 6.28 -1.30
N LYS A 44 6.31 5.18 -1.37
CA LYS A 44 7.44 5.08 -2.28
C LYS A 44 7.10 4.20 -3.48
N PHE A 45 7.32 4.73 -4.67
CA PHE A 45 7.04 3.99 -5.90
C PHE A 45 8.19 3.06 -6.25
N THR A 46 7.87 1.79 -6.48
CA THR A 46 8.88 0.79 -6.82
C THR A 46 9.48 1.06 -8.19
N ASP A 47 8.67 1.63 -9.09
CA ASP A 47 9.13 1.95 -10.43
C ASP A 47 10.53 2.52 -10.41
N TYR A 48 10.77 3.48 -9.52
CA TYR A 48 12.07 4.12 -9.39
C TYR A 48 12.49 4.22 -7.93
N GLY A 49 11.54 4.55 -7.07
CA GLY A 49 11.84 4.67 -5.65
C GLY A 49 11.76 6.10 -5.16
N ASN A 50 10.76 6.83 -5.63
CA ASN A 50 10.58 8.23 -5.24
C ASN A 50 9.35 8.38 -4.34
N TYR A 51 9.48 9.20 -3.31
CA TYR A 51 8.39 9.44 -2.36
C TYR A 51 7.38 10.42 -2.94
N GLU A 52 6.10 10.11 -2.77
CA GLU A 52 5.04 10.97 -3.27
C GLU A 52 3.89 11.08 -2.26
N GLU A 53 3.45 12.30 -1.98
CA GLU A 53 2.37 12.53 -1.03
C GLU A 53 1.02 12.19 -1.65
N VAL A 54 0.48 11.03 -1.27
CA VAL A 54 -0.81 10.58 -1.80
C VAL A 54 -1.79 10.29 -0.67
N LEU A 55 -3.07 10.53 -0.92
CA LEU A 55 -4.11 10.29 0.07
C LEU A 55 -4.34 8.79 0.28
N LEU A 56 -4.67 8.41 1.50
CA LEU A 56 -4.92 7.01 1.82
C LEU A 56 -6.14 6.49 1.07
N SER A 57 -7.02 7.40 0.66
CA SER A 57 -8.22 7.04 -0.06
C SER A 57 -7.90 6.66 -1.51
N ASN A 58 -6.72 7.07 -1.97
CA ASN A 58 -6.28 6.77 -3.33
C ASN A 58 -5.30 5.60 -3.35
N ILE A 59 -5.32 4.80 -2.28
CA ILE A 59 -4.44 3.65 -2.18
C ILE A 59 -5.24 2.35 -2.17
N LYS A 60 -4.61 1.27 -2.64
CA LYS A 60 -5.26 -0.03 -2.69
C LYS A 60 -4.31 -1.12 -2.18
N PRO A 61 -4.87 -2.08 -1.42
CA PRO A 61 -4.09 -3.19 -0.87
C PRO A 61 -3.64 -4.17 -1.94
N VAL A 62 -2.33 -4.31 -2.09
CA VAL A 62 -1.76 -5.21 -3.08
C VAL A 62 -2.13 -6.66 -2.78
N GLN A 63 -2.46 -7.41 -3.81
CA GLN A 63 -2.83 -8.82 -3.66
C GLN A 63 -1.72 -9.60 -2.97
N THR A 64 -2.06 -10.27 -1.89
CA THR A 64 -1.09 -11.06 -1.14
C THR A 64 -1.77 -12.21 -0.40
N GLU A 65 -1.28 -13.42 -0.63
CA GLU A 65 -1.84 -14.61 0.02
C GLU A 65 -1.12 -14.92 1.31
N ALA A 66 -0.78 -13.86 2.06
CA ALA A 66 -0.09 -14.02 3.33
C ALA A 66 -1.08 -14.09 4.50
N TRP A 67 -2.15 -14.85 4.31
CA TRP A 67 -3.17 -15.00 5.33
C TRP A 67 -2.54 -15.34 6.69
N VAL A 68 -2.87 -14.54 7.70
CA VAL A 68 -2.33 -14.76 9.04
C VAL A 68 -3.20 -15.74 9.83
N ARG A 69 -3.36 -16.94 9.28
CA ARG A 69 -4.16 -17.98 9.94
C ARG A 69 -3.55 -18.37 11.28
N ASP A 70 -2.22 -18.48 11.31
CA ASP A 70 -1.52 -18.86 12.53
C ASP A 70 -0.10 -18.29 12.53
N PRO A 71 0.37 -17.89 13.72
CA PRO A 71 1.72 -17.32 13.88
C PRO A 71 2.82 -18.37 13.69
N ASN A 72 3.56 -18.24 12.59
CA ASN A 72 4.63 -19.17 12.29
C ASN A 72 5.53 -18.62 11.18
N SER A 73 6.79 -19.08 11.15
CA SER A 73 7.73 -18.63 10.15
C SER A 73 7.93 -19.69 9.07
N GLY A 74 6.83 -20.30 8.64
CA GLY A 74 6.90 -21.32 7.61
C GLY A 74 7.90 -22.41 7.95
N PRO A 75 8.24 -23.23 6.95
CA PRO A 75 9.19 -24.33 7.12
C PRO A 75 10.62 -23.84 7.33
N SER A 76 11.54 -24.78 7.54
CA SER A 76 12.93 -24.44 7.77
C SER A 76 13.63 -24.09 6.45
N SER A 77 14.19 -22.88 6.39
CA SER A 77 14.88 -22.42 5.19
C SER A 77 15.81 -21.25 5.52
N GLY A 78 17.07 -21.36 5.10
CA GLY A 78 18.03 -20.31 5.35
C GLY A 78 19.29 -20.82 6.01
N GLY A 1 -20.46 -2.06 -6.23
CA GLY A 1 -19.69 -2.04 -5.00
C GLY A 1 -20.37 -1.28 -3.89
N SER A 2 -20.04 -1.62 -2.65
CA SER A 2 -20.63 -0.96 -1.50
C SER A 2 -19.56 -0.56 -0.49
N SER A 3 -19.40 0.74 -0.29
CA SER A 3 -18.40 1.26 0.65
C SER A 3 -19.05 1.70 1.95
N GLY A 4 -18.95 0.85 2.97
CA GLY A 4 -19.54 1.17 4.26
C GLY A 4 -18.54 1.05 5.40
N SER A 5 -18.04 -0.16 5.63
CA SER A 5 -17.08 -0.39 6.69
C SER A 5 -15.66 -0.15 6.20
N SER A 6 -15.27 -0.86 5.15
CA SER A 6 -13.93 -0.73 4.58
C SER A 6 -12.90 -0.50 5.67
N GLY A 7 -13.04 -1.23 6.78
CA GLY A 7 -12.11 -1.08 7.89
C GLY A 7 -10.70 -1.48 7.52
N LYS A 8 -9.92 -0.51 7.06
CA LYS A 8 -8.53 -0.76 6.66
C LYS A 8 -7.61 0.32 7.21
N VAL A 9 -6.45 -0.10 7.70
CA VAL A 9 -5.46 0.83 8.25
C VAL A 9 -4.07 0.55 7.71
N TRP A 10 -3.50 1.53 7.01
CA TRP A 10 -2.17 1.38 6.44
C TRP A 10 -1.11 1.44 7.53
N LYS A 11 0.10 0.95 7.20
CA LYS A 11 1.20 0.95 8.15
C LYS A 11 2.54 1.06 7.43
N PRO A 12 3.55 1.58 8.14
CA PRO A 12 4.90 1.74 7.57
C PRO A 12 5.61 0.40 7.36
N GLY A 13 5.51 -0.11 6.14
CA GLY A 13 6.15 -1.38 5.82
C GLY A 13 5.22 -2.34 5.12
N ASP A 14 4.24 -1.79 4.40
CA ASP A 14 3.28 -2.61 3.66
C ASP A 14 3.13 -2.12 2.22
N GLU A 15 3.32 -3.04 1.28
CA GLU A 15 3.20 -2.71 -0.13
C GLU A 15 1.79 -2.30 -0.49
N CYS A 16 1.66 -1.23 -1.29
CA CYS A 16 0.36 -0.74 -1.70
C CYS A 16 0.43 -0.07 -3.07
N PHE A 17 -0.71 0.37 -3.59
CA PHE A 17 -0.76 1.03 -4.87
C PHE A 17 -1.12 2.51 -4.72
N ALA A 18 -0.24 3.37 -5.24
CA ALA A 18 -0.47 4.81 -5.16
C ALA A 18 -0.74 5.40 -6.55
N LEU A 19 -1.67 6.35 -6.59
CA LEU A 19 -2.04 6.99 -7.85
C LEU A 19 -1.10 8.15 -8.16
N TYR A 20 -0.32 8.00 -9.22
CA TYR A 20 0.63 9.03 -9.63
C TYR A 20 -0.07 10.37 -9.78
N TRP A 21 0.54 11.41 -9.20
CA TRP A 21 -0.02 12.76 -9.26
C TRP A 21 0.17 13.37 -10.64
N GLU A 22 0.75 12.59 -11.55
CA GLU A 22 1.00 13.05 -12.92
C GLU A 22 0.22 12.21 -13.92
N ASP A 23 0.17 10.90 -13.69
CA ASP A 23 -0.54 9.99 -14.58
C ASP A 23 -1.89 9.60 -13.98
N ASN A 24 -2.04 9.81 -12.68
CA ASN A 24 -3.28 9.47 -11.99
C ASN A 24 -3.64 8.01 -12.19
N LYS A 25 -2.62 7.16 -12.33
CA LYS A 25 -2.83 5.74 -12.54
C LYS A 25 -2.25 4.93 -11.37
N PHE A 26 -2.92 3.85 -11.00
CA PHE A 26 -2.48 3.01 -9.91
C PHE A 26 -1.17 2.31 -10.26
N TYR A 27 -0.15 2.55 -9.44
CA TYR A 27 1.16 1.95 -9.66
C TYR A 27 1.72 1.37 -8.36
N ARG A 28 2.42 0.24 -8.48
CA ARG A 28 3.01 -0.41 -7.33
C ARG A 28 3.71 0.59 -6.42
N ALA A 29 3.68 0.34 -5.12
CA ALA A 29 4.32 1.23 -4.15
C ALA A 29 4.37 0.57 -2.77
N GLU A 30 4.89 1.32 -1.79
CA GLU A 30 5.00 0.81 -0.44
C GLU A 30 4.84 1.94 0.57
N VAL A 31 3.98 1.72 1.57
CA VAL A 31 3.73 2.72 2.61
C VAL A 31 5.01 3.06 3.36
N GLU A 32 5.56 4.24 3.07
CA GLU A 32 6.78 4.70 3.72
C GLU A 32 6.51 5.14 5.15
N ALA A 33 5.55 6.05 5.31
CA ALA A 33 5.19 6.55 6.63
C ALA A 33 3.90 7.37 6.57
N LEU A 34 2.98 7.07 7.47
CA LEU A 34 1.69 7.78 7.53
C LEU A 34 1.86 9.16 8.13
N HIS A 35 0.83 9.99 8.00
CA HIS A 35 0.86 11.34 8.55
C HIS A 35 0.34 11.38 9.98
N SER A 36 0.43 12.54 10.62
CA SER A 36 -0.03 12.69 11.99
C SER A 36 -1.55 12.72 12.05
N SER A 37 -2.15 13.69 11.37
CA SER A 37 -3.60 13.84 11.35
C SER A 37 -4.27 12.52 10.98
N GLY A 38 -3.88 11.95 9.85
CA GLY A 38 -4.45 10.70 9.40
C GLY A 38 -5.23 10.84 8.11
N MET A 39 -4.71 11.64 7.19
CA MET A 39 -5.37 11.86 5.90
C MET A 39 -4.49 11.38 4.75
N THR A 40 -3.26 11.88 4.70
CA THR A 40 -2.31 11.50 3.65
C THR A 40 -1.22 10.61 4.21
N ALA A 41 -0.41 10.04 3.30
CA ALA A 41 0.68 9.16 3.70
C ALA A 41 1.77 9.14 2.64
N VAL A 42 3.03 9.07 3.08
CA VAL A 42 4.16 9.04 2.17
C VAL A 42 4.38 7.64 1.60
N VAL A 43 4.12 7.48 0.31
CA VAL A 43 4.30 6.20 -0.35
C VAL A 43 5.43 6.25 -1.37
N LYS A 44 6.26 5.21 -1.36
CA LYS A 44 7.38 5.13 -2.29
C LYS A 44 7.01 4.34 -3.54
N PHE A 45 7.25 4.93 -4.70
CA PHE A 45 6.94 4.28 -5.97
C PHE A 45 8.09 3.39 -6.41
N THR A 46 7.75 2.22 -6.95
CA THR A 46 8.76 1.27 -7.41
C THR A 46 9.31 1.68 -8.77
N ASP A 47 8.47 2.30 -9.59
CA ASP A 47 8.88 2.74 -10.92
C ASP A 47 10.33 3.23 -10.89
N TYR A 48 10.65 4.07 -9.92
CA TYR A 48 12.00 4.61 -9.79
C TYR A 48 12.48 4.54 -8.35
N GLY A 49 11.61 4.91 -7.41
CA GLY A 49 11.97 4.88 -6.01
C GLY A 49 11.87 6.24 -5.35
N ASN A 50 10.85 7.00 -5.73
CA ASN A 50 10.65 8.33 -5.17
C ASN A 50 9.40 8.37 -4.30
N TYR A 51 9.42 9.22 -3.28
CA TYR A 51 8.30 9.35 -2.36
C TYR A 51 7.26 10.33 -2.91
N GLU A 52 5.99 9.99 -2.74
CA GLU A 52 4.90 10.85 -3.22
C GLU A 52 3.78 10.94 -2.18
N GLU A 53 3.40 12.17 -1.86
CA GLU A 53 2.33 12.39 -0.88
C GLU A 53 0.96 12.12 -1.49
N VAL A 54 0.39 10.97 -1.18
CA VAL A 54 -0.92 10.59 -1.70
C VAL A 54 -1.89 10.30 -0.56
N LEU A 55 -3.17 10.58 -0.80
CA LEU A 55 -4.21 10.36 0.20
C LEU A 55 -4.46 8.86 0.39
N LEU A 56 -4.79 8.48 1.63
CA LEU A 56 -5.05 7.09 1.96
C LEU A 56 -6.24 6.57 1.18
N SER A 57 -7.13 7.47 0.79
CA SER A 57 -8.33 7.10 0.03
C SER A 57 -7.97 6.78 -1.42
N ASN A 58 -6.77 7.17 -1.83
CA ASN A 58 -6.32 6.94 -3.20
C ASN A 58 -5.26 5.84 -3.23
N ILE A 59 -5.32 4.94 -2.24
CA ILE A 59 -4.37 3.84 -2.16
C ILE A 59 -5.09 2.50 -2.17
N LYS A 60 -4.55 1.55 -2.94
CA LYS A 60 -5.15 0.21 -3.03
C LYS A 60 -4.18 -0.84 -2.50
N PRO A 61 -4.73 -1.83 -1.78
CA PRO A 61 -3.94 -2.92 -1.20
C PRO A 61 -3.40 -3.87 -2.26
N VAL A 62 -2.23 -4.44 -1.99
CA VAL A 62 -1.60 -5.37 -2.93
C VAL A 62 -1.90 -6.81 -2.55
N GLN A 63 -2.34 -7.60 -3.52
CA GLN A 63 -2.66 -9.00 -3.30
C GLN A 63 -1.48 -9.74 -2.66
N THR A 64 -1.75 -10.91 -2.10
CA THR A 64 -0.71 -11.71 -1.46
C THR A 64 -1.22 -13.12 -1.14
N GLU A 65 -0.37 -14.11 -1.35
CA GLU A 65 -0.72 -15.50 -1.09
C GLU A 65 -0.03 -16.02 0.17
N ALA A 66 -0.61 -15.73 1.33
CA ALA A 66 -0.04 -16.16 2.60
C ALA A 66 -0.99 -17.11 3.32
N TRP A 67 -1.59 -18.04 2.58
CA TRP A 67 -2.52 -19.00 3.16
C TRP A 67 -1.92 -19.66 4.39
N VAL A 68 -2.55 -19.43 5.54
CA VAL A 68 -2.08 -20.00 6.80
C VAL A 68 -3.25 -20.56 7.61
N ARG A 69 -3.07 -21.78 8.12
CA ARG A 69 -4.11 -22.42 8.91
C ARG A 69 -4.29 -21.72 10.25
N ASP A 70 -5.27 -22.17 11.03
CA ASP A 70 -5.54 -21.58 12.34
C ASP A 70 -5.52 -20.06 12.27
N PRO A 71 -6.32 -19.50 11.35
CA PRO A 71 -6.41 -18.05 11.16
C PRO A 71 -7.10 -17.35 12.33
N ASN A 72 -7.37 -16.06 12.17
CA ASN A 72 -8.02 -15.28 13.22
C ASN A 72 -9.48 -15.03 12.88
N SER A 73 -10.37 -15.83 13.46
CA SER A 73 -11.80 -15.70 13.22
C SER A 73 -12.49 -15.00 14.40
N GLY A 74 -13.70 -14.51 14.15
CA GLY A 74 -14.44 -13.83 15.20
C GLY A 74 -15.90 -13.62 14.83
N PRO A 75 -16.67 -14.71 14.85
CA PRO A 75 -18.10 -14.67 14.52
C PRO A 75 -18.92 -13.94 15.58
N SER A 76 -19.06 -12.63 15.43
CA SER A 76 -19.81 -11.82 16.37
C SER A 76 -21.08 -11.26 15.72
N SER A 77 -22.20 -11.94 15.97
CA SER A 77 -23.48 -11.52 15.40
C SER A 77 -24.17 -10.50 16.32
N GLY A 78 -24.66 -9.41 15.72
CA GLY A 78 -25.33 -8.39 16.50
C GLY A 78 -26.85 -8.49 16.40
N GLY A 1 -23.27 11.29 15.95
CA GLY A 1 -22.26 11.51 14.93
C GLY A 1 -22.04 10.29 14.06
N SER A 2 -21.38 10.49 12.93
CA SER A 2 -21.11 9.40 11.99
C SER A 2 -20.60 8.17 12.74
N SER A 3 -21.24 7.03 12.51
CA SER A 3 -20.85 5.79 13.16
C SER A 3 -20.34 4.78 12.13
N GLY A 4 -19.71 3.71 12.63
CA GLY A 4 -19.19 2.68 11.74
C GLY A 4 -18.56 3.27 10.48
N SER A 5 -17.46 4.00 10.66
CA SER A 5 -16.78 4.62 9.53
C SER A 5 -15.66 3.71 9.02
N SER A 6 -15.99 2.88 8.03
CA SER A 6 -15.02 1.96 7.45
C SER A 6 -13.76 2.69 7.02
N GLY A 7 -12.72 1.94 6.69
CA GLY A 7 -11.47 2.54 6.25
C GLY A 7 -10.33 1.55 6.25
N LYS A 8 -9.54 1.56 5.17
CA LYS A 8 -8.40 0.64 5.05
C LYS A 8 -7.24 1.11 5.93
N VAL A 9 -6.85 0.26 6.86
CA VAL A 9 -5.75 0.57 7.76
C VAL A 9 -4.40 0.33 7.09
N TRP A 10 -3.57 1.37 7.07
CA TRP A 10 -2.25 1.28 6.45
C TRP A 10 -1.15 1.31 7.51
N LYS A 11 0.05 0.90 7.12
CA LYS A 11 1.19 0.88 8.03
C LYS A 11 2.50 0.98 7.27
N PRO A 12 3.55 1.49 7.95
CA PRO A 12 4.88 1.64 7.36
C PRO A 12 5.56 0.30 7.10
N GLY A 13 5.59 -0.12 5.84
CA GLY A 13 6.21 -1.38 5.50
C GLY A 13 5.25 -2.34 4.83
N ASP A 14 4.33 -1.81 4.04
CA ASP A 14 3.34 -2.63 3.35
C ASP A 14 3.20 -2.20 1.89
N GLU A 15 3.26 -3.16 0.99
CA GLU A 15 3.15 -2.88 -0.44
C GLU A 15 1.72 -2.48 -0.80
N CYS A 16 1.58 -1.37 -1.50
CA CYS A 16 0.27 -0.88 -1.92
C CYS A 16 0.36 -0.14 -3.24
N PHE A 17 -0.80 0.20 -3.80
CA PHE A 17 -0.86 0.92 -5.08
C PHE A 17 -1.24 2.37 -4.87
N ALA A 18 -0.37 3.27 -5.30
CA ALA A 18 -0.61 4.71 -5.17
C ALA A 18 -0.85 5.36 -6.53
N LEU A 19 -1.78 6.30 -6.57
CA LEU A 19 -2.11 7.00 -7.81
C LEU A 19 -1.14 8.16 -8.06
N TYR A 20 -0.26 7.98 -9.03
CA TYR A 20 0.72 9.01 -9.36
C TYR A 20 0.05 10.38 -9.51
N TRP A 21 0.78 11.43 -9.15
CA TRP A 21 0.26 12.79 -9.24
C TRP A 21 0.51 13.37 -10.61
N GLU A 22 1.15 12.60 -11.48
CA GLU A 22 1.45 13.05 -12.83
C GLU A 22 0.83 12.12 -13.87
N ASP A 23 0.40 10.94 -13.42
CA ASP A 23 -0.20 9.95 -14.31
C ASP A 23 -1.59 9.56 -13.80
N ASN A 24 -1.87 9.86 -12.54
CA ASN A 24 -3.16 9.54 -11.94
C ASN A 24 -3.52 8.07 -12.18
N LYS A 25 -2.49 7.23 -12.31
CA LYS A 25 -2.70 5.81 -12.53
C LYS A 25 -2.23 4.99 -11.33
N PHE A 26 -2.93 3.89 -11.07
CA PHE A 26 -2.59 3.02 -9.94
C PHE A 26 -1.26 2.31 -10.20
N TYR A 27 -0.25 2.64 -9.40
CA TYR A 27 1.06 2.03 -9.55
C TYR A 27 1.55 1.46 -8.22
N ARG A 28 2.21 0.31 -8.29
CA ARG A 28 2.73 -0.35 -7.08
C ARG A 28 3.53 0.63 -6.23
N ALA A 29 3.60 0.36 -4.93
CA ALA A 29 4.33 1.22 -4.00
C ALA A 29 4.46 0.57 -2.64
N GLU A 30 5.03 1.30 -1.69
CA GLU A 30 5.22 0.79 -0.33
C GLU A 30 5.05 1.90 0.69
N VAL A 31 4.00 1.79 1.51
CA VAL A 31 3.74 2.79 2.54
C VAL A 31 5.00 3.14 3.31
N GLU A 32 5.54 4.32 3.05
CA GLU A 32 6.75 4.78 3.72
C GLU A 32 6.44 5.23 5.15
N ALA A 33 5.51 6.18 5.28
CA ALA A 33 5.13 6.70 6.58
C ALA A 33 3.78 7.41 6.51
N LEU A 34 2.94 7.14 7.50
CA LEU A 34 1.61 7.75 7.55
C LEU A 34 1.66 9.11 8.26
N HIS A 35 0.58 9.87 8.14
CA HIS A 35 0.51 11.19 8.77
C HIS A 35 0.01 11.08 10.20
N SER A 36 0.21 12.14 10.98
CA SER A 36 -0.21 12.16 12.37
C SER A 36 -1.71 12.41 12.47
N SER A 37 -2.32 12.81 11.37
CA SER A 37 -3.75 13.10 11.33
C SER A 37 -4.54 11.87 10.86
N GLY A 38 -4.32 11.49 9.61
CA GLY A 38 -5.01 10.34 9.05
C GLY A 38 -5.67 10.64 7.72
N MET A 39 -4.96 11.37 6.87
CA MET A 39 -5.47 11.73 5.55
C MET A 39 -4.51 11.33 4.45
N THR A 40 -3.28 11.86 4.52
CA THR A 40 -2.27 11.55 3.53
C THR A 40 -1.14 10.71 4.13
N ALA A 41 -0.29 10.16 3.27
CA ALA A 41 0.82 9.34 3.72
C ALA A 41 1.92 9.27 2.66
N VAL A 42 3.16 9.18 3.12
CA VAL A 42 4.30 9.10 2.21
C VAL A 42 4.47 7.70 1.64
N VAL A 43 4.27 7.57 0.33
CA VAL A 43 4.39 6.27 -0.33
C VAL A 43 5.54 6.29 -1.34
N LYS A 44 6.32 5.21 -1.37
CA LYS A 44 7.44 5.10 -2.29
C LYS A 44 7.06 4.28 -3.51
N PHE A 45 7.27 4.85 -4.69
CA PHE A 45 6.95 4.16 -5.94
C PHE A 45 8.09 3.26 -6.39
N THR A 46 7.81 1.97 -6.54
CA THR A 46 8.83 1.02 -6.96
C THR A 46 9.38 1.37 -8.33
N ASP A 47 8.50 1.83 -9.21
CA ASP A 47 8.90 2.21 -10.56
C ASP A 47 10.31 2.80 -10.56
N TYR A 48 10.54 3.78 -9.69
CA TYR A 48 11.84 4.43 -9.60
C TYR A 48 12.35 4.43 -8.17
N GLY A 49 11.44 4.67 -7.23
CA GLY A 49 11.81 4.69 -5.82
C GLY A 49 11.78 6.08 -5.24
N ASN A 50 10.79 6.88 -5.64
CA ASN A 50 10.65 8.23 -5.15
C ASN A 50 9.42 8.37 -4.25
N TYR A 51 9.52 9.23 -3.25
CA TYR A 51 8.42 9.46 -2.32
C TYR A 51 7.42 10.46 -2.89
N GLU A 52 6.13 10.21 -2.65
CA GLU A 52 5.09 11.10 -3.14
C GLU A 52 3.92 11.17 -2.14
N GLU A 53 3.50 12.38 -1.82
CA GLU A 53 2.40 12.58 -0.89
C GLU A 53 1.06 12.27 -1.55
N VAL A 54 0.46 11.15 -1.15
CA VAL A 54 -0.82 10.74 -1.70
C VAL A 54 -1.82 10.42 -0.59
N LEU A 55 -3.10 10.67 -0.85
CA LEU A 55 -4.15 10.42 0.13
C LEU A 55 -4.33 8.92 0.35
N LEU A 56 -4.67 8.55 1.58
CA LEU A 56 -4.88 7.15 1.93
C LEU A 56 -6.09 6.58 1.19
N SER A 57 -7.01 7.46 0.81
CA SER A 57 -8.22 7.06 0.10
C SER A 57 -7.91 6.74 -1.36
N ASN A 58 -6.70 7.06 -1.79
CA ASN A 58 -6.28 6.81 -3.17
C ASN A 58 -5.25 5.69 -3.22
N ILE A 59 -5.22 4.86 -2.18
CA ILE A 59 -4.28 3.74 -2.11
C ILE A 59 -5.03 2.41 -2.04
N LYS A 60 -4.56 1.44 -2.83
CA LYS A 60 -5.18 0.12 -2.86
C LYS A 60 -4.24 -0.93 -2.28
N PRO A 61 -4.80 -1.89 -1.53
CA PRO A 61 -4.03 -2.96 -0.90
C PRO A 61 -3.48 -3.96 -1.93
N VAL A 62 -2.27 -4.42 -1.70
CA VAL A 62 -1.63 -5.37 -2.60
C VAL A 62 -1.66 -6.79 -2.03
N GLN A 63 -2.07 -7.75 -2.85
CA GLN A 63 -2.14 -9.14 -2.43
C GLN A 63 -1.11 -10.00 -3.16
N THR A 64 -0.07 -10.39 -2.45
CA THR A 64 0.99 -11.21 -3.04
C THR A 64 0.43 -12.51 -3.61
N GLU A 65 -0.50 -13.12 -2.87
CA GLU A 65 -1.12 -14.36 -3.32
C GLU A 65 -2.63 -14.19 -3.50
N ALA A 66 -3.03 -13.81 -4.71
CA ALA A 66 -4.44 -13.61 -5.01
C ALA A 66 -5.11 -14.92 -5.42
N TRP A 67 -4.79 -15.98 -4.70
CA TRP A 67 -5.36 -17.30 -4.99
C TRP A 67 -6.88 -17.22 -5.10
N VAL A 68 -7.37 -17.01 -6.32
CA VAL A 68 -8.81 -16.93 -6.56
C VAL A 68 -9.26 -17.94 -7.61
N ARG A 69 -10.37 -18.61 -7.34
CA ARG A 69 -10.90 -19.61 -8.26
C ARG A 69 -9.79 -20.49 -8.79
N ASP A 70 -8.97 -21.04 -7.89
CA ASP A 70 -7.87 -21.91 -8.27
C ASP A 70 -7.93 -23.22 -7.51
N PRO A 71 -8.78 -24.14 -7.97
CA PRO A 71 -8.95 -25.45 -7.32
C PRO A 71 -7.73 -26.35 -7.52
N ASN A 72 -6.80 -25.90 -8.36
CA ASN A 72 -5.58 -26.67 -8.63
C ASN A 72 -4.40 -25.74 -8.85
N SER A 73 -3.38 -25.89 -8.01
CA SER A 73 -2.19 -25.06 -8.10
C SER A 73 -1.15 -25.70 -9.03
N GLY A 74 -1.25 -25.37 -10.31
CA GLY A 74 -0.33 -25.92 -11.30
C GLY A 74 -0.88 -25.88 -12.70
N PRO A 75 -0.84 -24.70 -13.34
CA PRO A 75 -1.33 -24.52 -14.70
C PRO A 75 -0.46 -25.22 -15.73
N SER A 76 -0.90 -25.18 -16.99
CA SER A 76 -0.16 -25.82 -18.08
C SER A 76 -0.02 -24.87 -19.27
N SER A 77 -1.14 -24.26 -19.67
CA SER A 77 -1.15 -23.34 -20.80
C SER A 77 -1.20 -21.89 -20.32
N GLY A 78 -0.02 -21.29 -20.18
CA GLY A 78 0.05 -19.91 -19.72
C GLY A 78 -0.55 -18.94 -20.72
N GLY A 1 -10.58 8.61 13.40
CA GLY A 1 -11.97 8.33 13.19
C GLY A 1 -12.53 9.00 11.95
N SER A 2 -12.16 8.49 10.78
CA SER A 2 -12.62 9.05 9.52
C SER A 2 -13.77 8.22 8.93
N SER A 3 -14.41 8.75 7.90
CA SER A 3 -15.53 8.07 7.26
C SER A 3 -15.04 7.22 6.09
N GLY A 4 -15.54 5.99 6.02
CA GLY A 4 -15.15 5.09 4.95
C GLY A 4 -15.59 3.67 5.20
N SER A 5 -16.43 3.14 4.31
CA SER A 5 -16.93 1.78 4.44
C SER A 5 -15.78 0.77 4.49
N SER A 6 -15.75 -0.02 5.54
CA SER A 6 -14.69 -1.03 5.71
C SER A 6 -13.33 -0.44 5.34
N GLY A 7 -13.07 0.77 5.80
CA GLY A 7 -11.80 1.42 5.52
C GLY A 7 -10.67 0.87 6.36
N LYS A 8 -9.93 -0.10 5.81
CA LYS A 8 -8.81 -0.71 6.52
C LYS A 8 -7.78 0.34 6.89
N VAL A 9 -6.82 -0.06 7.72
CA VAL A 9 -5.76 0.85 8.16
C VAL A 9 -4.43 0.49 7.52
N TRP A 10 -3.62 1.51 7.21
CA TRP A 10 -2.32 1.30 6.60
C TRP A 10 -1.21 1.35 7.64
N LYS A 11 -0.09 0.72 7.32
CA LYS A 11 1.06 0.70 8.23
C LYS A 11 2.37 0.79 7.46
N PRO A 12 3.42 1.29 8.13
CA PRO A 12 4.75 1.44 7.52
C PRO A 12 5.43 0.10 7.27
N GLY A 13 5.66 -0.22 6.00
CA GLY A 13 6.30 -1.47 5.64
C GLY A 13 5.37 -2.42 4.92
N ASP A 14 4.32 -1.87 4.32
CA ASP A 14 3.34 -2.67 3.60
C ASP A 14 3.17 -2.16 2.17
N GLU A 15 3.42 -3.03 1.20
CA GLU A 15 3.28 -2.66 -0.21
C GLU A 15 1.85 -2.33 -0.55
N CYS A 16 1.66 -1.25 -1.32
CA CYS A 16 0.33 -0.81 -1.71
C CYS A 16 0.38 -0.09 -3.07
N PHE A 17 -0.80 0.18 -3.61
CA PHE A 17 -0.90 0.86 -4.90
C PHE A 17 -1.30 2.33 -4.71
N ALA A 18 -0.40 3.24 -5.08
CA ALA A 18 -0.67 4.66 -4.95
C ALA A 18 -0.80 5.32 -6.32
N LEU A 19 -1.70 6.30 -6.41
CA LEU A 19 -1.93 7.01 -7.67
C LEU A 19 -0.92 8.13 -7.85
N TYR A 20 -0.39 8.25 -9.07
CA TYR A 20 0.59 9.28 -9.37
C TYR A 20 -0.06 10.66 -9.40
N TRP A 21 0.76 11.70 -9.28
CA TRP A 21 0.27 13.07 -9.29
C TRP A 21 0.48 13.72 -10.66
N GLU A 22 1.01 12.94 -11.60
CA GLU A 22 1.26 13.43 -12.95
C GLU A 22 0.52 12.61 -13.99
N ASP A 23 0.11 11.40 -13.59
CA ASP A 23 -0.61 10.51 -14.48
C ASP A 23 -1.96 10.10 -13.88
N ASN A 24 -2.04 10.14 -12.56
CA ASN A 24 -3.27 9.78 -11.85
C ASN A 24 -3.61 8.31 -12.09
N LYS A 25 -2.59 7.49 -12.28
CA LYS A 25 -2.78 6.06 -12.52
C LYS A 25 -2.17 5.24 -11.39
N PHE A 26 -2.86 4.16 -11.02
CA PHE A 26 -2.39 3.28 -9.95
C PHE A 26 -1.04 2.67 -10.31
N TYR A 27 -0.10 2.75 -9.38
CA TYR A 27 1.24 2.21 -9.60
C TYR A 27 1.78 1.58 -8.32
N ARG A 28 2.52 0.48 -8.48
CA ARG A 28 3.09 -0.22 -7.33
C ARG A 28 3.82 0.76 -6.41
N ALA A 29 3.69 0.54 -5.10
CA ALA A 29 4.33 1.40 -4.12
C ALA A 29 4.38 0.72 -2.76
N GLU A 30 4.91 1.43 -1.77
CA GLU A 30 5.01 0.90 -0.41
C GLU A 30 4.83 2.01 0.62
N VAL A 31 3.92 1.79 1.57
CA VAL A 31 3.65 2.76 2.61
C VAL A 31 4.92 3.08 3.40
N GLU A 32 5.54 4.22 3.08
CA GLU A 32 6.76 4.64 3.77
C GLU A 32 6.46 5.08 5.20
N ALA A 33 5.46 5.94 5.35
CA ALA A 33 5.07 6.43 6.67
C ALA A 33 3.78 7.25 6.59
N LEU A 34 2.85 6.97 7.50
CA LEU A 34 1.58 7.68 7.53
C LEU A 34 1.74 9.06 8.16
N HIS A 35 0.73 9.91 7.99
CA HIS A 35 0.75 11.25 8.54
C HIS A 35 0.26 11.26 9.98
N SER A 36 0.44 12.38 10.66
CA SER A 36 0.02 12.52 12.06
C SER A 36 -1.50 12.47 12.17
N SER A 37 -2.17 13.30 11.37
CA SER A 37 -3.63 13.36 11.38
C SER A 37 -4.23 12.01 10.96
N GLY A 38 -4.07 11.68 9.68
CA GLY A 38 -4.60 10.43 9.17
C GLY A 38 -5.34 10.60 7.86
N MET A 39 -4.81 11.46 6.99
CA MET A 39 -5.43 11.72 5.69
C MET A 39 -4.52 11.30 4.56
N THR A 40 -3.27 11.76 4.61
CA THR A 40 -2.29 11.44 3.58
C THR A 40 -1.16 10.58 4.15
N ALA A 41 -0.36 10.01 3.26
CA ALA A 41 0.77 9.17 3.67
C ALA A 41 1.88 9.18 2.64
N VAL A 42 3.11 9.00 3.09
CA VAL A 42 4.26 8.99 2.19
C VAL A 42 4.49 7.61 1.59
N VAL A 43 4.19 7.47 0.31
CA VAL A 43 4.36 6.20 -0.38
C VAL A 43 5.51 6.27 -1.39
N LYS A 44 6.31 5.22 -1.44
CA LYS A 44 7.45 5.15 -2.35
C LYS A 44 7.11 4.30 -3.57
N PHE A 45 7.33 4.87 -4.75
CA PHE A 45 7.05 4.17 -6.00
C PHE A 45 8.22 3.26 -6.39
N THR A 46 7.92 1.98 -6.62
CA THR A 46 8.94 1.02 -7.00
C THR A 46 9.52 1.34 -8.37
N ASP A 47 8.68 1.87 -9.25
CA ASP A 47 9.12 2.22 -10.60
C ASP A 47 10.53 2.80 -10.59
N TYR A 48 10.74 3.84 -9.79
CA TYR A 48 12.05 4.47 -9.69
C TYR A 48 12.52 4.53 -8.24
N GLY A 49 11.59 4.84 -7.34
CA GLY A 49 11.93 4.92 -5.93
C GLY A 49 11.83 6.32 -5.38
N ASN A 50 10.83 7.07 -5.85
CA ASN A 50 10.62 8.44 -5.40
C ASN A 50 9.41 8.53 -4.48
N TYR A 51 9.52 9.36 -3.45
CA TYR A 51 8.43 9.54 -2.49
C TYR A 51 7.39 10.52 -3.03
N GLU A 52 6.13 10.24 -2.75
CA GLU A 52 5.04 11.10 -3.21
C GLU A 52 3.93 11.16 -2.17
N GLU A 53 3.44 12.36 -1.90
CA GLU A 53 2.37 12.56 -0.92
C GLU A 53 1.01 12.22 -1.52
N VAL A 54 0.55 11.01 -1.29
CA VAL A 54 -0.73 10.56 -1.81
C VAL A 54 -1.74 10.35 -0.69
N LEU A 55 -3.01 10.57 -0.99
CA LEU A 55 -4.08 10.41 0.00
C LEU A 55 -4.34 8.93 0.28
N LEU A 56 -4.74 8.64 1.51
CA LEU A 56 -5.03 7.26 1.90
C LEU A 56 -6.24 6.71 1.13
N SER A 57 -7.10 7.61 0.68
CA SER A 57 -8.29 7.23 -0.07
C SER A 57 -7.93 6.85 -1.51
N ASN A 58 -6.69 7.12 -1.89
CA ASN A 58 -6.22 6.81 -3.24
C ASN A 58 -5.26 5.64 -3.22
N ILE A 59 -5.39 4.77 -2.21
CA ILE A 59 -4.54 3.60 -2.08
C ILE A 59 -5.35 2.32 -2.08
N LYS A 60 -4.75 1.24 -2.57
CA LYS A 60 -5.42 -0.05 -2.63
C LYS A 60 -4.50 -1.16 -2.12
N PRO A 61 -5.09 -2.12 -1.38
CA PRO A 61 -4.35 -3.26 -0.83
C PRO A 61 -3.87 -4.23 -1.92
N VAL A 62 -2.56 -4.35 -2.06
CA VAL A 62 -1.99 -5.25 -3.05
C VAL A 62 -1.53 -6.56 -2.42
N GLN A 63 -1.86 -7.67 -3.05
CA GLN A 63 -1.48 -8.99 -2.55
C GLN A 63 -0.12 -8.95 -1.88
N THR A 64 0.07 -9.77 -0.86
CA THR A 64 1.33 -9.83 -0.13
C THR A 64 2.11 -11.10 -0.47
N GLU A 65 3.39 -11.10 -0.14
CA GLU A 65 4.24 -12.25 -0.41
C GLU A 65 4.28 -12.55 -1.90
N ALA A 66 4.45 -11.52 -2.71
CA ALA A 66 4.51 -11.68 -4.16
C ALA A 66 5.95 -11.84 -4.64
N TRP A 67 6.72 -12.64 -3.91
CA TRP A 67 8.11 -12.89 -4.26
C TRP A 67 8.29 -12.98 -5.77
N VAL A 68 9.29 -12.28 -6.29
CA VAL A 68 9.57 -12.28 -7.73
C VAL A 68 11.06 -12.21 -8.00
N ARG A 69 11.48 -12.81 -9.12
CA ARG A 69 12.89 -12.81 -9.49
C ARG A 69 13.51 -11.43 -9.31
N ASP A 70 14.25 -11.25 -8.22
CA ASP A 70 14.90 -9.98 -7.94
C ASP A 70 16.04 -10.17 -6.94
N PRO A 71 17.08 -9.32 -7.08
CA PRO A 71 18.26 -9.38 -6.21
C PRO A 71 17.94 -8.92 -4.78
N ASN A 72 18.96 -8.93 -3.93
CA ASN A 72 18.80 -8.51 -2.54
C ASN A 72 20.15 -8.31 -1.87
N SER A 73 20.21 -7.36 -0.95
CA SER A 73 21.44 -7.06 -0.23
C SER A 73 21.55 -7.90 1.04
N GLY A 74 22.77 -8.11 1.51
CA GLY A 74 22.99 -8.89 2.71
C GLY A 74 22.89 -8.07 3.97
N PRO A 75 23.49 -8.56 5.06
CA PRO A 75 23.47 -7.88 6.36
C PRO A 75 24.31 -6.60 6.35
N SER A 76 24.07 -5.72 7.32
CA SER A 76 24.81 -4.47 7.42
C SER A 76 26.05 -4.66 8.28
N SER A 77 27.17 -4.98 7.62
CA SER A 77 28.43 -5.18 8.33
C SER A 77 29.02 -3.85 8.80
N GLY A 78 29.98 -3.92 9.72
CA GLY A 78 30.60 -2.72 10.22
C GLY A 78 31.96 -2.98 10.84
N GLY A 1 -20.12 1.83 15.73
CA GLY A 1 -19.45 0.60 15.36
C GLY A 1 -18.14 0.84 14.63
N SER A 2 -18.24 1.23 13.36
CA SER A 2 -17.06 1.50 12.54
C SER A 2 -16.81 2.99 12.41
N SER A 3 -17.86 3.73 12.04
CA SER A 3 -17.75 5.17 11.87
C SER A 3 -16.66 5.53 10.86
N GLY A 4 -16.59 4.76 9.78
CA GLY A 4 -15.58 5.01 8.76
C GLY A 4 -15.97 4.41 7.42
N SER A 5 -16.26 5.27 6.45
CA SER A 5 -16.63 4.82 5.12
C SER A 5 -15.41 4.72 4.21
N SER A 6 -15.14 3.51 3.72
CA SER A 6 -14.01 3.27 2.85
C SER A 6 -12.69 3.60 3.55
N GLY A 7 -12.61 3.20 4.82
CA GLY A 7 -11.40 3.46 5.60
C GLY A 7 -10.51 2.23 5.71
N LYS A 8 -9.38 2.27 5.02
CA LYS A 8 -8.44 1.16 5.04
C LYS A 8 -7.23 1.49 5.91
N VAL A 9 -7.03 0.70 6.96
CA VAL A 9 -5.90 0.91 7.87
C VAL A 9 -4.58 0.54 7.19
N TRP A 10 -3.67 1.52 7.15
CA TRP A 10 -2.37 1.30 6.53
C TRP A 10 -1.27 1.28 7.59
N LYS A 11 -0.03 1.15 7.13
CA LYS A 11 1.12 1.11 8.04
C LYS A 11 2.43 1.13 7.26
N PRO A 12 3.49 1.66 7.91
CA PRO A 12 4.82 1.75 7.29
C PRO A 12 5.48 0.38 7.12
N GLY A 13 5.46 -0.12 5.89
CA GLY A 13 6.06 -1.42 5.62
C GLY A 13 5.12 -2.34 4.88
N ASP A 14 4.14 -1.78 4.19
CA ASP A 14 3.18 -2.55 3.43
C ASP A 14 3.11 -2.09 1.98
N GLU A 15 3.25 -3.04 1.06
CA GLU A 15 3.20 -2.72 -0.37
C GLU A 15 1.77 -2.44 -0.82
N CYS A 16 1.57 -1.29 -1.44
CA CYS A 16 0.24 -0.91 -1.93
C CYS A 16 0.35 -0.14 -3.24
N PHE A 17 -0.81 0.22 -3.81
CA PHE A 17 -0.85 0.94 -5.07
C PHE A 17 -1.26 2.40 -4.83
N ALA A 18 -0.37 3.32 -5.18
CA ALA A 18 -0.64 4.75 -5.02
C ALA A 18 -0.79 5.44 -6.37
N LEU A 19 -1.81 6.30 -6.48
CA LEU A 19 -2.06 7.02 -7.72
C LEU A 19 -1.03 8.13 -7.92
N TYR A 20 -0.38 8.14 -9.07
CA TYR A 20 0.63 9.14 -9.39
C TYR A 20 0.00 10.53 -9.46
N TRP A 21 0.80 11.56 -9.22
CA TRP A 21 0.33 12.93 -9.26
C TRP A 21 0.58 13.55 -10.64
N GLU A 22 1.24 12.80 -11.51
CA GLU A 22 1.54 13.28 -12.86
C GLU A 22 0.85 12.42 -13.90
N ASP A 23 0.36 11.26 -13.48
CA ASP A 23 -0.33 10.35 -14.39
C ASP A 23 -1.72 10.01 -13.87
N ASN A 24 -1.87 10.03 -12.55
CA ASN A 24 -3.16 9.73 -11.92
C ASN A 24 -3.53 8.26 -12.13
N LYS A 25 -2.52 7.40 -12.25
CA LYS A 25 -2.74 5.98 -12.45
C LYS A 25 -2.24 5.18 -11.26
N PHE A 26 -2.86 4.01 -11.03
CA PHE A 26 -2.48 3.14 -9.92
C PHE A 26 -1.17 2.43 -10.21
N TYR A 27 -0.17 2.67 -9.37
CA TYR A 27 1.14 2.05 -9.54
C TYR A 27 1.64 1.47 -8.21
N ARG A 28 2.31 0.32 -8.29
CA ARG A 28 2.84 -0.33 -7.11
C ARG A 28 3.60 0.66 -6.22
N ALA A 29 3.58 0.41 -4.92
CA ALA A 29 4.27 1.29 -3.97
C ALA A 29 4.41 0.61 -2.61
N GLU A 30 5.03 1.31 -1.66
CA GLU A 30 5.23 0.78 -0.32
C GLU A 30 5.06 1.87 0.74
N VAL A 31 4.03 1.71 1.57
CA VAL A 31 3.75 2.69 2.62
C VAL A 31 5.02 3.05 3.38
N GLU A 32 5.55 4.24 3.09
CA GLU A 32 6.76 4.70 3.75
C GLU A 32 6.47 5.20 5.16
N ALA A 33 5.48 6.08 5.27
CA ALA A 33 5.09 6.63 6.57
C ALA A 33 3.74 7.34 6.48
N LEU A 34 2.95 7.24 7.54
CA LEU A 34 1.64 7.87 7.58
C LEU A 34 1.71 9.22 8.27
N HIS A 35 0.65 10.01 8.14
CA HIS A 35 0.59 11.33 8.76
C HIS A 35 0.03 11.24 10.17
N SER A 36 0.04 12.37 10.87
CA SER A 36 -0.45 12.42 12.24
C SER A 36 -1.97 12.32 12.27
N SER A 37 -2.64 13.21 11.53
CA SER A 37 -4.10 13.21 11.48
C SER A 37 -4.63 11.89 10.94
N GLY A 38 -4.18 11.51 9.75
CA GLY A 38 -4.62 10.27 9.14
C GLY A 38 -5.35 10.50 7.83
N MET A 39 -4.83 11.41 7.01
CA MET A 39 -5.43 11.71 5.72
C MET A 39 -4.51 11.31 4.58
N THR A 40 -3.26 11.78 4.64
CA THR A 40 -2.27 11.47 3.62
C THR A 40 -1.10 10.68 4.19
N ALA A 41 -0.31 10.07 3.32
CA ALA A 41 0.85 9.30 3.75
C ALA A 41 1.91 9.25 2.65
N VAL A 42 3.17 9.21 3.05
CA VAL A 42 4.27 9.16 2.10
C VAL A 42 4.50 7.74 1.59
N VAL A 43 4.26 7.54 0.30
CA VAL A 43 4.43 6.23 -0.33
C VAL A 43 5.54 6.26 -1.37
N LYS A 44 6.38 5.23 -1.37
CA LYS A 44 7.48 5.13 -2.30
C LYS A 44 7.11 4.26 -3.50
N PHE A 45 7.35 4.78 -4.71
CA PHE A 45 7.04 4.05 -5.93
C PHE A 45 8.17 3.11 -6.31
N THR A 46 7.85 1.83 -6.48
CA THR A 46 8.84 0.83 -6.85
C THR A 46 9.47 1.15 -8.20
N ASP A 47 8.65 1.65 -9.11
CA ASP A 47 9.13 2.01 -10.45
C ASP A 47 10.53 2.59 -10.39
N TYR A 48 10.65 3.77 -9.76
CA TYR A 48 11.94 4.43 -9.63
C TYR A 48 12.42 4.44 -8.18
N GLY A 49 11.49 4.73 -7.26
CA GLY A 49 11.83 4.77 -5.86
C GLY A 49 11.74 6.17 -5.27
N ASN A 50 10.78 6.95 -5.75
CA ASN A 50 10.60 8.30 -5.27
C ASN A 50 9.38 8.40 -4.36
N TYR A 51 9.44 9.29 -3.37
CA TYR A 51 8.35 9.47 -2.43
C TYR A 51 7.32 10.46 -2.98
N GLU A 52 6.05 10.16 -2.78
CA GLU A 52 4.97 11.01 -3.25
C GLU A 52 3.85 11.08 -2.23
N GLU A 53 3.41 12.31 -1.92
CA GLU A 53 2.34 12.52 -0.96
C GLU A 53 0.98 12.19 -1.58
N VAL A 54 0.46 11.02 -1.24
CA VAL A 54 -0.83 10.58 -1.75
C VAL A 54 -1.82 10.31 -0.62
N LEU A 55 -3.10 10.55 -0.89
CA LEU A 55 -4.15 10.33 0.11
C LEU A 55 -4.36 8.85 0.36
N LEU A 56 -4.72 8.50 1.60
CA LEU A 56 -4.95 7.11 1.97
C LEU A 56 -6.15 6.54 1.21
N SER A 57 -7.05 7.43 0.79
CA SER A 57 -8.24 7.01 0.06
C SER A 57 -7.91 6.69 -1.40
N ASN A 58 -6.70 7.08 -1.81
CA ASN A 58 -6.27 6.84 -3.18
C ASN A 58 -5.23 5.71 -3.22
N ILE A 59 -5.24 4.88 -2.19
CA ILE A 59 -4.31 3.76 -2.10
C ILE A 59 -5.05 2.43 -2.08
N LYS A 60 -4.59 1.48 -2.90
CA LYS A 60 -5.21 0.16 -2.96
C LYS A 60 -4.26 -0.91 -2.40
N PRO A 61 -4.84 -1.88 -1.67
CA PRO A 61 -4.07 -2.96 -1.07
C PRO A 61 -3.55 -3.95 -2.11
N VAL A 62 -2.24 -4.18 -2.09
CA VAL A 62 -1.61 -5.10 -3.03
C VAL A 62 -1.87 -6.55 -2.64
N GLN A 63 -2.19 -7.37 -3.63
CA GLN A 63 -2.46 -8.78 -3.39
C GLN A 63 -1.54 -9.34 -2.31
N THR A 64 -2.12 -9.83 -1.23
CA THR A 64 -1.35 -10.38 -0.12
C THR A 64 -1.99 -11.67 0.40
N GLU A 65 -1.15 -12.65 0.72
CA GLU A 65 -1.64 -13.93 1.23
C GLU A 65 -1.54 -13.97 2.75
N ALA A 66 -2.48 -13.32 3.42
CA ALA A 66 -2.50 -13.29 4.88
C ALA A 66 -3.58 -14.22 5.43
N TRP A 67 -3.62 -15.44 4.92
CA TRP A 67 -4.61 -16.42 5.37
C TRP A 67 -4.51 -16.65 6.87
N VAL A 68 -5.63 -16.49 7.57
CA VAL A 68 -5.67 -16.68 9.01
C VAL A 68 -6.97 -17.33 9.45
N ARG A 69 -6.88 -18.26 10.40
CA ARG A 69 -8.06 -18.95 10.90
C ARG A 69 -8.78 -18.12 11.95
N ASP A 70 -10.11 -18.08 11.86
CA ASP A 70 -10.92 -17.32 12.79
C ASP A 70 -12.16 -18.12 13.22
N PRO A 71 -12.50 -18.02 14.51
CA PRO A 71 -13.66 -18.73 15.08
C PRO A 71 -14.98 -18.16 14.58
N ASN A 72 -16.08 -18.65 15.14
CA ASN A 72 -17.40 -18.19 14.75
C ASN A 72 -18.43 -18.51 15.83
N SER A 73 -19.38 -17.60 16.04
CA SER A 73 -20.41 -17.78 17.05
C SER A 73 -20.95 -19.22 17.01
N GLY A 74 -21.24 -19.70 15.81
CA GLY A 74 -21.76 -21.05 15.67
C GLY A 74 -22.40 -21.28 14.31
N PRO A 75 -22.28 -22.52 13.80
CA PRO A 75 -22.84 -22.89 12.49
C PRO A 75 -24.36 -22.95 12.52
N SER A 76 -25.00 -21.92 11.97
CA SER A 76 -26.46 -21.86 11.93
C SER A 76 -26.94 -21.15 10.68
N SER A 77 -27.76 -21.84 9.89
CA SER A 77 -28.29 -21.27 8.65
C SER A 77 -29.64 -20.59 8.89
N GLY A 78 -29.97 -19.65 8.01
CA GLY A 78 -31.23 -18.94 8.16
C GLY A 78 -31.04 -17.43 8.20
N GLY A 1 -17.42 11.20 20.82
CA GLY A 1 -16.54 11.12 21.97
C GLY A 1 -15.37 10.17 21.74
N SER A 2 -15.65 9.03 21.13
CA SER A 2 -14.62 8.04 20.86
C SER A 2 -14.69 7.56 19.41
N SER A 3 -15.91 7.32 18.93
CA SER A 3 -16.11 6.86 17.56
C SER A 3 -15.44 7.81 16.57
N GLY A 4 -14.88 7.22 15.50
CA GLY A 4 -14.21 8.04 14.49
C GLY A 4 -13.91 7.24 13.23
N SER A 5 -12.92 7.70 12.47
CA SER A 5 -12.55 7.04 11.23
C SER A 5 -12.26 5.56 11.47
N SER A 6 -13.22 4.71 11.07
CA SER A 6 -13.07 3.27 11.25
C SER A 6 -13.10 2.55 9.90
N GLY A 7 -11.92 2.44 9.27
CA GLY A 7 -11.84 1.77 7.99
C GLY A 7 -10.48 1.12 7.76
N LYS A 8 -10.12 0.94 6.50
CA LYS A 8 -8.85 0.32 6.15
C LYS A 8 -7.68 1.13 6.70
N VAL A 9 -6.91 0.53 7.60
CA VAL A 9 -5.76 1.19 8.20
C VAL A 9 -4.47 0.79 7.50
N TRP A 10 -3.63 1.78 7.19
CA TRP A 10 -2.35 1.52 6.52
C TRP A 10 -1.21 1.53 7.53
N LYS A 11 -0.10 0.91 7.14
CA LYS A 11 1.07 0.85 8.01
C LYS A 11 2.35 1.09 7.21
N PRO A 12 3.37 1.68 7.87
CA PRO A 12 4.65 1.98 7.25
C PRO A 12 5.45 0.71 6.95
N GLY A 13 5.54 0.36 5.67
CA GLY A 13 6.28 -0.83 5.27
C GLY A 13 5.39 -1.88 4.65
N ASP A 14 4.32 -1.44 4.00
CA ASP A 14 3.39 -2.36 3.35
C ASP A 14 3.19 -1.99 1.89
N GLU A 15 3.53 -2.92 1.00
CA GLU A 15 3.40 -2.69 -0.44
C GLU A 15 1.95 -2.41 -0.81
N CYS A 16 1.71 -1.26 -1.43
CA CYS A 16 0.36 -0.88 -1.83
C CYS A 16 0.40 -0.06 -3.13
N PHE A 17 -0.75 0.05 -3.78
CA PHE A 17 -0.86 0.79 -5.03
C PHE A 17 -1.31 2.22 -4.78
N ALA A 18 -0.45 3.18 -5.10
CA ALA A 18 -0.76 4.59 -4.91
C ALA A 18 -0.91 5.30 -6.26
N LEU A 19 -1.89 6.19 -6.34
CA LEU A 19 -2.13 6.94 -7.57
C LEU A 19 -1.11 8.06 -7.73
N TYR A 20 -0.61 8.22 -8.96
CA TYR A 20 0.37 9.26 -9.24
C TYR A 20 -0.27 10.64 -9.23
N TRP A 21 0.56 11.67 -9.10
CA TRP A 21 0.06 13.04 -9.08
C TRP A 21 0.26 13.72 -10.43
N GLU A 22 0.80 12.97 -11.39
CA GLU A 22 1.04 13.50 -12.72
C GLU A 22 0.29 12.68 -13.77
N ASP A 23 -0.10 11.47 -13.40
CA ASP A 23 -0.83 10.59 -14.31
C ASP A 23 -2.19 10.22 -13.73
N ASN A 24 -2.27 10.15 -12.41
CA ASN A 24 -3.51 9.81 -11.73
C ASN A 24 -3.85 8.34 -11.94
N LYS A 25 -2.82 7.52 -12.16
CA LYS A 25 -3.02 6.09 -12.37
C LYS A 25 -2.44 5.29 -11.21
N PHE A 26 -2.96 4.08 -11.01
CA PHE A 26 -2.50 3.21 -9.93
C PHE A 26 -1.16 2.58 -10.29
N TYR A 27 -0.19 2.73 -9.39
CA TYR A 27 1.14 2.16 -9.61
C TYR A 27 1.69 1.55 -8.32
N ARG A 28 2.40 0.44 -8.46
CA ARG A 28 2.98 -0.24 -7.32
C ARG A 28 3.71 0.74 -6.40
N ALA A 29 3.66 0.47 -5.11
CA ALA A 29 4.32 1.33 -4.13
C ALA A 29 4.38 0.66 -2.76
N GLU A 30 4.91 1.38 -1.77
CA GLU A 30 5.02 0.86 -0.42
C GLU A 30 4.91 1.98 0.61
N VAL A 31 3.90 1.88 1.48
CA VAL A 31 3.68 2.88 2.51
C VAL A 31 4.98 3.19 3.27
N GLU A 32 5.45 4.43 3.13
CA GLU A 32 6.68 4.84 3.79
C GLU A 32 6.39 5.31 5.22
N ALA A 33 5.46 6.24 5.36
CA ALA A 33 5.08 6.76 6.66
C ALA A 33 3.77 7.53 6.59
N LEU A 34 2.85 7.22 7.50
CA LEU A 34 1.55 7.88 7.54
C LEU A 34 1.62 9.18 8.32
N HIS A 35 0.55 9.97 8.26
CA HIS A 35 0.49 11.24 8.96
C HIS A 35 -0.51 11.17 10.11
N SER A 36 -0.07 11.58 11.31
CA SER A 36 -0.92 11.57 12.49
C SER A 36 -2.37 11.89 12.11
N SER A 37 -2.57 13.07 11.54
CA SER A 37 -3.91 13.50 11.13
C SER A 37 -4.74 12.32 10.64
N GLY A 38 -4.17 11.55 9.72
CA GLY A 38 -4.87 10.40 9.18
C GLY A 38 -5.52 10.70 7.84
N MET A 39 -4.86 11.50 7.02
CA MET A 39 -5.39 11.86 5.72
C MET A 39 -4.45 11.41 4.60
N THR A 40 -3.24 11.97 4.59
CA THR A 40 -2.25 11.61 3.58
C THR A 40 -1.13 10.77 4.18
N ALA A 41 -0.30 10.20 3.32
CA ALA A 41 0.81 9.36 3.75
C ALA A 41 1.89 9.28 2.68
N VAL A 42 3.14 9.27 3.11
CA VAL A 42 4.27 9.19 2.19
C VAL A 42 4.44 7.76 1.66
N VAL A 43 4.23 7.59 0.36
CA VAL A 43 4.36 6.28 -0.27
C VAL A 43 5.50 6.27 -1.28
N LYS A 44 6.24 5.18 -1.32
CA LYS A 44 7.37 5.04 -2.25
C LYS A 44 6.97 4.21 -3.46
N PHE A 45 7.29 4.72 -4.65
CA PHE A 45 6.96 4.02 -5.89
C PHE A 45 8.09 3.09 -6.30
N THR A 46 7.73 1.87 -6.68
CA THR A 46 8.72 0.87 -7.09
C THR A 46 9.28 1.20 -8.46
N ASP A 47 8.45 1.76 -9.33
CA ASP A 47 8.87 2.13 -10.68
C ASP A 47 10.32 2.62 -10.68
N TYR A 48 10.64 3.51 -9.75
CA TYR A 48 11.98 4.06 -9.64
C TYR A 48 12.45 4.06 -8.19
N GLY A 49 11.56 4.43 -7.29
CA GLY A 49 11.90 4.48 -5.87
C GLY A 49 11.83 5.88 -5.30
N ASN A 50 10.83 6.65 -5.75
CA ASN A 50 10.66 8.02 -5.28
C ASN A 50 9.42 8.13 -4.39
N TYR A 51 9.50 8.99 -3.38
CA TYR A 51 8.39 9.19 -2.46
C TYR A 51 7.43 10.24 -3.00
N GLU A 52 6.13 10.03 -2.75
CA GLU A 52 5.10 10.95 -3.22
C GLU A 52 3.98 11.07 -2.19
N GLU A 53 3.52 12.30 -1.97
CA GLU A 53 2.45 12.54 -1.01
C GLU A 53 1.08 12.23 -1.62
N VAL A 54 0.53 11.08 -1.24
CA VAL A 54 -0.77 10.66 -1.76
C VAL A 54 -1.73 10.35 -0.62
N LEU A 55 -3.01 10.58 -0.85
CA LEU A 55 -4.04 10.31 0.15
C LEU A 55 -4.22 8.83 0.38
N LEU A 56 -4.57 8.45 1.61
CA LEU A 56 -4.77 7.05 1.95
C LEU A 56 -5.98 6.49 1.23
N SER A 57 -6.94 7.35 0.92
CA SER A 57 -8.15 6.93 0.22
C SER A 57 -7.86 6.64 -1.25
N ASN A 58 -6.66 6.98 -1.68
CA ASN A 58 -6.26 6.76 -3.07
C ASN A 58 -5.24 5.63 -3.17
N ILE A 59 -5.22 4.77 -2.15
CA ILE A 59 -4.30 3.64 -2.12
C ILE A 59 -5.05 2.32 -2.14
N LYS A 60 -4.61 1.40 -3.01
CA LYS A 60 -5.25 0.10 -3.14
C LYS A 60 -4.37 -0.99 -2.52
N PRO A 61 -5.00 -1.93 -1.81
CA PRO A 61 -4.30 -3.04 -1.16
C PRO A 61 -3.74 -4.04 -2.16
N VAL A 62 -2.44 -4.28 -2.10
CA VAL A 62 -1.79 -5.22 -3.01
C VAL A 62 -2.09 -6.67 -2.62
N GLN A 63 -2.28 -7.51 -3.62
CA GLN A 63 -2.58 -8.92 -3.38
C GLN A 63 -1.85 -9.43 -2.15
N THR A 64 -2.53 -10.28 -1.36
CA THR A 64 -1.95 -10.83 -0.16
C THR A 64 -0.66 -11.61 -0.46
N GLU A 65 0.00 -12.08 0.58
CA GLU A 65 1.24 -12.83 0.42
C GLU A 65 0.96 -14.22 -0.15
N ALA A 66 2.03 -14.97 -0.42
CA ALA A 66 1.90 -16.31 -0.96
C ALA A 66 0.75 -16.40 -1.95
N TRP A 67 0.57 -15.32 -2.72
CA TRP A 67 -0.50 -15.28 -3.72
C TRP A 67 -0.53 -16.56 -4.55
N VAL A 68 -1.74 -17.03 -4.86
CA VAL A 68 -1.90 -18.24 -5.64
C VAL A 68 -0.80 -18.38 -6.69
N ARG A 69 0.03 -19.39 -6.54
CA ARG A 69 1.13 -19.63 -7.48
C ARG A 69 0.60 -19.81 -8.90
N ASP A 70 1.23 -19.14 -9.85
CA ASP A 70 0.83 -19.23 -11.25
C ASP A 70 1.72 -20.20 -12.02
N PRO A 71 1.13 -20.88 -13.01
CA PRO A 71 1.85 -21.85 -13.83
C PRO A 71 2.88 -21.19 -14.75
N ASN A 72 4.15 -21.25 -14.35
CA ASN A 72 5.23 -20.67 -15.14
C ASN A 72 6.41 -21.63 -15.25
N SER A 73 7.39 -21.25 -16.06
CA SER A 73 8.58 -22.08 -16.26
C SER A 73 9.83 -21.22 -16.41
N GLY A 74 10.75 -21.36 -15.46
CA GLY A 74 11.98 -20.59 -15.50
C GLY A 74 13.02 -21.11 -14.52
N PRO A 75 13.77 -22.14 -14.94
CA PRO A 75 14.81 -22.74 -14.10
C PRO A 75 16.01 -21.82 -13.91
N SER A 76 16.99 -22.27 -13.15
CA SER A 76 18.19 -21.49 -12.88
C SER A 76 17.88 -20.32 -11.96
N SER A 77 17.04 -20.56 -10.95
CA SER A 77 16.66 -19.53 -10.00
C SER A 77 17.31 -19.78 -8.64
N GLY A 78 17.26 -21.02 -8.18
CA GLY A 78 17.84 -21.37 -6.90
C GLY A 78 16.85 -22.01 -5.95
N GLY A 1 -25.85 -7.19 22.00
CA GLY A 1 -25.57 -5.82 22.39
C GLY A 1 -24.09 -5.46 22.25
N SER A 2 -23.66 -5.24 21.02
CA SER A 2 -22.27 -4.90 20.75
C SER A 2 -22.17 -3.86 19.63
N SER A 3 -21.15 -3.01 19.71
CA SER A 3 -20.95 -1.97 18.71
C SER A 3 -19.48 -1.90 18.29
N GLY A 4 -19.26 -1.70 17.00
CA GLY A 4 -17.89 -1.61 16.49
C GLY A 4 -17.81 -0.80 15.22
N SER A 5 -16.57 -0.45 14.83
CA SER A 5 -16.35 0.34 13.62
C SER A 5 -15.27 -0.29 12.76
N SER A 6 -15.67 -0.87 11.63
CA SER A 6 -14.73 -1.51 10.72
C SER A 6 -13.98 -0.47 9.90
N GLY A 7 -13.03 -0.93 9.09
CA GLY A 7 -12.24 -0.02 8.27
C GLY A 7 -10.93 -0.64 7.83
N LYS A 8 -9.98 0.21 7.45
CA LYS A 8 -8.67 -0.25 7.00
C LYS A 8 -7.58 0.73 7.43
N VAL A 9 -6.60 0.21 8.17
CA VAL A 9 -5.49 1.04 8.63
C VAL A 9 -4.19 0.66 7.94
N TRP A 10 -3.44 1.67 7.51
CA TRP A 10 -2.16 1.44 6.82
C TRP A 10 -1.01 1.42 7.82
N LYS A 11 0.19 1.17 7.30
CA LYS A 11 1.38 1.13 8.15
C LYS A 11 2.64 1.19 7.30
N PRO A 12 3.73 1.71 7.88
CA PRO A 12 5.03 1.84 7.20
C PRO A 12 5.69 0.48 6.98
N GLY A 13 5.57 -0.04 5.75
CA GLY A 13 6.16 -1.32 5.42
C GLY A 13 5.19 -2.26 4.74
N ASP A 14 4.21 -1.68 4.04
CA ASP A 14 3.21 -2.47 3.34
C ASP A 14 3.06 -2.00 1.89
N GLU A 15 3.41 -2.87 0.95
CA GLU A 15 3.32 -2.55 -0.46
C GLU A 15 1.86 -2.32 -0.87
N CYS A 16 1.63 -1.21 -1.57
CA CYS A 16 0.28 -0.87 -2.02
C CYS A 16 0.32 -0.04 -3.30
N PHE A 17 -0.83 0.13 -3.94
CA PHE A 17 -0.91 0.89 -5.17
C PHE A 17 -1.31 2.34 -4.89
N ALA A 18 -0.41 3.26 -5.21
CA ALA A 18 -0.66 4.68 -4.99
C ALA A 18 -0.81 5.43 -6.31
N LEU A 19 -1.73 6.39 -6.35
CA LEU A 19 -1.96 7.18 -7.55
C LEU A 19 -0.91 8.27 -7.71
N TYR A 20 -0.46 8.49 -8.94
CA TYR A 20 0.54 9.50 -9.22
C TYR A 20 -0.06 10.90 -9.18
N TRP A 21 0.79 11.90 -9.00
CA TRP A 21 0.34 13.29 -8.93
C TRP A 21 0.53 13.98 -10.28
N GLU A 22 1.05 13.25 -11.26
CA GLU A 22 1.28 13.80 -12.59
C GLU A 22 0.52 13.00 -13.65
N ASP A 23 0.14 11.79 -13.30
CA ASP A 23 -0.60 10.91 -14.21
C ASP A 23 -1.94 10.50 -13.62
N ASN A 24 -2.00 10.49 -12.29
CA ASN A 24 -3.23 10.11 -11.58
C ASN A 24 -3.59 8.66 -11.87
N LYS A 25 -2.57 7.83 -12.09
CA LYS A 25 -2.77 6.42 -12.37
C LYS A 25 -2.27 5.55 -11.21
N PHE A 26 -2.87 4.37 -11.06
CA PHE A 26 -2.49 3.46 -10.00
C PHE A 26 -1.15 2.79 -10.31
N TYR A 27 -0.19 2.95 -9.40
CA TYR A 27 1.13 2.37 -9.58
C TYR A 27 1.63 1.75 -8.27
N ARG A 28 2.29 0.59 -8.39
CA ARG A 28 2.82 -0.11 -7.23
C ARG A 28 3.64 0.83 -6.35
N ALA A 29 3.48 0.70 -5.04
CA ALA A 29 4.20 1.54 -4.09
C ALA A 29 4.34 0.85 -2.74
N GLU A 30 4.90 1.56 -1.77
CA GLU A 30 5.09 1.01 -0.44
C GLU A 30 4.97 2.10 0.62
N VAL A 31 4.04 1.91 1.56
CA VAL A 31 3.81 2.88 2.63
C VAL A 31 5.12 3.21 3.35
N GLU A 32 5.58 4.45 3.19
CA GLU A 32 6.81 4.88 3.83
C GLU A 32 6.54 5.37 5.25
N ALA A 33 5.68 6.38 5.38
CA ALA A 33 5.35 6.94 6.68
C ALA A 33 3.97 7.60 6.65
N LEU A 34 3.17 7.33 7.68
CA LEU A 34 1.83 7.89 7.76
C LEU A 34 1.82 9.13 8.67
N HIS A 35 0.77 9.93 8.55
CA HIS A 35 0.64 11.13 9.36
C HIS A 35 -0.22 10.87 10.60
N SER A 36 -0.17 11.79 11.55
CA SER A 36 -0.93 11.65 12.79
C SER A 36 -2.42 11.78 12.52
N SER A 37 -2.81 12.84 11.84
CA SER A 37 -4.21 13.08 11.52
C SER A 37 -4.84 11.83 10.90
N GLY A 38 -4.46 11.54 9.66
CA GLY A 38 -5.00 10.39 8.96
C GLY A 38 -5.68 10.76 7.66
N MET A 39 -5.03 11.61 6.88
CA MET A 39 -5.58 12.05 5.60
C MET A 39 -4.67 11.61 4.45
N THR A 40 -3.37 11.90 4.59
CA THR A 40 -2.40 11.54 3.55
C THR A 40 -1.26 10.72 4.14
N ALA A 41 -0.42 10.18 3.27
CA ALA A 41 0.72 9.38 3.70
C ALA A 41 1.83 9.42 2.67
N VAL A 42 3.06 9.13 3.11
CA VAL A 42 4.22 9.13 2.23
C VAL A 42 4.55 7.72 1.77
N VAL A 43 4.33 7.45 0.48
CA VAL A 43 4.61 6.14 -0.08
C VAL A 43 5.72 6.22 -1.13
N LYS A 44 6.42 5.11 -1.33
CA LYS A 44 7.50 5.05 -2.30
C LYS A 44 7.11 4.20 -3.50
N PHE A 45 7.29 4.75 -4.69
CA PHE A 45 6.95 4.05 -5.92
C PHE A 45 8.07 3.07 -6.31
N THR A 46 7.68 1.83 -6.56
CA THR A 46 8.64 0.79 -6.93
C THR A 46 9.20 1.05 -8.34
N ASP A 47 8.36 1.57 -9.22
CA ASP A 47 8.77 1.86 -10.59
C ASP A 47 10.22 2.33 -10.62
N TYR A 48 10.51 3.38 -9.88
CA TYR A 48 11.86 3.94 -9.84
C TYR A 48 12.39 3.98 -8.41
N GLY A 49 11.52 4.36 -7.48
CA GLY A 49 11.91 4.44 -6.09
C GLY A 49 11.84 5.85 -5.54
N ASN A 50 10.81 6.58 -5.93
CA ASN A 50 10.63 7.95 -5.48
C ASN A 50 9.43 8.07 -4.53
N TYR A 51 9.55 8.91 -3.53
CA TYR A 51 8.47 9.11 -2.55
C TYR A 51 7.46 10.14 -3.06
N GLU A 52 6.18 9.84 -2.87
CA GLU A 52 5.12 10.73 -3.30
C GLU A 52 3.94 10.70 -2.32
N GLU A 53 3.52 11.88 -1.89
CA GLU A 53 2.40 11.99 -0.95
C GLU A 53 1.08 11.73 -1.66
N VAL A 54 0.37 10.69 -1.22
CA VAL A 54 -0.92 10.33 -1.81
C VAL A 54 -1.97 10.10 -0.73
N LEU A 55 -3.19 10.56 -1.00
CA LEU A 55 -4.29 10.40 -0.05
C LEU A 55 -4.59 8.93 0.19
N LEU A 56 -4.90 8.59 1.45
CA LEU A 56 -5.22 7.21 1.81
C LEU A 56 -6.35 6.67 0.95
N SER A 57 -7.28 7.55 0.57
CA SER A 57 -8.42 7.15 -0.25
C SER A 57 -7.98 6.80 -1.66
N ASN A 58 -6.68 6.99 -1.94
CA ASN A 58 -6.13 6.69 -3.25
C ASN A 58 -5.09 5.57 -3.17
N ILE A 59 -5.28 4.67 -2.21
CA ILE A 59 -4.37 3.54 -2.01
C ILE A 59 -5.13 2.24 -1.91
N LYS A 60 -4.61 1.21 -2.57
CA LYS A 60 -5.23 -0.12 -2.55
C LYS A 60 -4.22 -1.19 -2.16
N PRO A 61 -4.68 -2.15 -1.33
CA PRO A 61 -3.83 -3.25 -0.86
C PRO A 61 -3.49 -4.23 -1.98
N VAL A 62 -2.20 -4.44 -2.22
CA VAL A 62 -1.75 -5.36 -3.25
C VAL A 62 -1.41 -6.73 -2.67
N GLN A 63 -1.69 -7.78 -3.44
CA GLN A 63 -1.41 -9.14 -2.99
C GLN A 63 0.07 -9.36 -2.77
N THR A 64 0.43 -10.48 -2.17
CA THR A 64 1.82 -10.81 -1.88
C THR A 64 2.39 -11.73 -2.96
N GLU A 65 3.63 -11.46 -3.36
CA GLU A 65 4.29 -12.27 -4.38
C GLU A 65 4.58 -13.67 -3.85
N ALA A 66 3.58 -14.54 -3.91
CA ALA A 66 3.73 -15.91 -3.44
C ALA A 66 3.55 -16.90 -4.57
N TRP A 67 4.26 -16.68 -5.68
CA TRP A 67 4.17 -17.56 -6.84
C TRP A 67 4.29 -19.02 -6.42
N VAL A 68 3.57 -19.89 -7.12
CA VAL A 68 3.59 -21.31 -6.83
C VAL A 68 4.99 -21.76 -6.40
N ARG A 69 5.12 -22.13 -5.14
CA ARG A 69 6.39 -22.58 -4.60
C ARG A 69 6.86 -23.87 -5.28
N ASP A 70 8.05 -23.82 -5.88
CA ASP A 70 8.60 -24.98 -6.56
C ASP A 70 9.75 -25.59 -5.77
N PRO A 71 9.42 -26.39 -4.76
CA PRO A 71 10.42 -27.04 -3.90
C PRO A 71 11.19 -28.13 -4.64
N ASN A 72 12.38 -27.79 -5.13
CA ASN A 72 13.22 -28.74 -5.85
C ASN A 72 14.30 -29.31 -4.94
N SER A 73 14.73 -30.52 -5.25
CA SER A 73 15.77 -31.19 -4.46
C SER A 73 17.12 -31.16 -5.19
N GLY A 74 18.19 -31.06 -4.42
CA GLY A 74 19.52 -31.02 -5.01
C GLY A 74 20.61 -30.86 -3.98
N PRO A 75 20.93 -31.95 -3.27
CA PRO A 75 21.96 -31.94 -2.23
C PRO A 75 23.37 -31.78 -2.81
N SER A 76 23.46 -31.71 -4.13
CA SER A 76 24.74 -31.55 -4.80
C SER A 76 25.79 -32.46 -4.18
N SER A 77 25.39 -33.69 -3.85
CA SER A 77 26.29 -34.65 -3.24
C SER A 77 27.67 -34.60 -3.91
N GLY A 78 28.66 -34.13 -3.17
CA GLY A 78 30.01 -34.04 -3.70
C GLY A 78 30.91 -33.17 -2.85
N GLY A 1 -14.78 9.63 22.15
CA GLY A 1 -15.99 8.97 22.58
C GLY A 1 -16.76 8.36 21.42
N SER A 2 -17.42 9.21 20.64
CA SER A 2 -18.19 8.75 19.49
C SER A 2 -17.46 7.63 18.75
N SER A 3 -18.19 6.57 18.42
CA SER A 3 -17.60 5.43 17.72
C SER A 3 -16.75 5.91 16.56
N GLY A 4 -15.63 5.21 16.33
CA GLY A 4 -14.74 5.57 15.24
C GLY A 4 -15.24 5.09 13.90
N SER A 5 -14.45 5.32 12.86
CA SER A 5 -14.82 4.90 11.50
C SER A 5 -14.07 3.64 11.09
N SER A 6 -14.82 2.60 10.74
CA SER A 6 -14.23 1.33 10.34
C SER A 6 -13.68 1.42 8.91
N GLY A 7 -12.43 1.01 8.74
CA GLY A 7 -11.81 1.05 7.44
C GLY A 7 -10.45 0.38 7.42
N LYS A 8 -9.87 0.25 6.23
CA LYS A 8 -8.57 -0.39 6.08
C LYS A 8 -7.47 0.49 6.67
N VAL A 9 -6.71 -0.07 7.60
CA VAL A 9 -5.62 0.66 8.25
C VAL A 9 -4.28 0.31 7.61
N TRP A 10 -3.53 1.35 7.23
CA TRP A 10 -2.23 1.17 6.61
C TRP A 10 -1.11 1.12 7.65
N LYS A 11 0.11 0.95 7.20
CA LYS A 11 1.26 0.89 8.10
C LYS A 11 2.56 0.99 7.32
N PRO A 12 3.60 1.56 7.97
CA PRO A 12 4.92 1.72 7.36
C PRO A 12 5.65 0.39 7.15
N GLY A 13 5.36 -0.27 6.04
CA GLY A 13 5.99 -1.54 5.75
C GLY A 13 5.06 -2.49 5.00
N ASP A 14 4.25 -1.95 4.11
CA ASP A 14 3.32 -2.75 3.33
C ASP A 14 3.21 -2.23 1.91
N GLU A 15 3.35 -3.12 0.94
CA GLU A 15 3.27 -2.76 -0.47
C GLU A 15 1.83 -2.40 -0.86
N CYS A 16 1.67 -1.21 -1.42
CA CYS A 16 0.34 -0.74 -1.84
C CYS A 16 0.43 0.01 -3.16
N PHE A 17 -0.73 0.30 -3.74
CA PHE A 17 -0.79 1.01 -5.02
C PHE A 17 -1.19 2.47 -4.80
N ALA A 18 -0.36 3.39 -5.27
CA ALA A 18 -0.62 4.81 -5.13
C ALA A 18 -0.88 5.45 -6.49
N LEU A 19 -1.86 6.35 -6.55
CA LEU A 19 -2.21 7.03 -7.78
C LEU A 19 -1.26 8.20 -8.05
N TYR A 20 -0.50 8.10 -9.12
CA TYR A 20 0.45 9.15 -9.49
C TYR A 20 -0.27 10.49 -9.67
N TRP A 21 0.32 11.54 -9.12
CA TRP A 21 -0.26 12.87 -9.22
C TRP A 21 -0.01 13.48 -10.60
N GLU A 22 0.61 12.70 -11.47
CA GLU A 22 0.92 13.15 -12.83
C GLU A 22 0.20 12.30 -13.86
N ASP A 23 0.08 11.01 -13.57
CA ASP A 23 -0.60 10.08 -14.48
C ASP A 23 -1.96 9.68 -13.93
N ASN A 24 -2.11 9.78 -12.61
CA ASN A 24 -3.37 9.42 -11.96
C ASN A 24 -3.68 7.94 -12.16
N LYS A 25 -2.63 7.14 -12.31
CA LYS A 25 -2.79 5.71 -12.51
C LYS A 25 -2.24 4.92 -11.31
N PHE A 26 -2.95 3.87 -10.93
CA PHE A 26 -2.53 3.03 -9.80
C PHE A 26 -1.21 2.34 -10.09
N TYR A 27 -0.16 2.72 -9.37
CA TYR A 27 1.15 2.13 -9.55
C TYR A 27 1.66 1.51 -8.26
N ARG A 28 2.41 0.41 -8.38
CA ARG A 28 2.96 -0.27 -7.22
C ARG A 28 3.71 0.70 -6.33
N ALA A 29 3.76 0.39 -5.03
CA ALA A 29 4.45 1.23 -4.06
C ALA A 29 4.53 0.56 -2.69
N GLU A 30 5.06 1.27 -1.71
CA GLU A 30 5.19 0.74 -0.37
C GLU A 30 5.02 1.84 0.68
N VAL A 31 4.04 1.66 1.56
CA VAL A 31 3.77 2.63 2.61
C VAL A 31 5.04 3.01 3.37
N GLU A 32 5.54 4.20 3.11
CA GLU A 32 6.76 4.68 3.77
C GLU A 32 6.47 5.12 5.20
N ALA A 33 5.54 6.05 5.35
CA ALA A 33 5.16 6.54 6.67
C ALA A 33 3.82 7.27 6.63
N LEU A 34 3.03 7.09 7.68
CA LEU A 34 1.71 7.71 7.76
C LEU A 34 1.79 9.05 8.51
N HIS A 35 0.77 9.88 8.34
CA HIS A 35 0.72 11.18 8.99
C HIS A 35 -0.05 11.09 10.31
N SER A 36 -0.06 12.19 11.05
CA SER A 36 -0.75 12.24 12.34
C SER A 36 -2.25 12.37 12.14
N SER A 37 -2.66 13.37 11.36
CA SER A 37 -4.07 13.61 11.09
C SER A 37 -4.76 12.33 10.64
N GLY A 38 -4.21 11.72 9.58
CA GLY A 38 -4.80 10.50 9.06
C GLY A 38 -5.51 10.71 7.74
N MET A 39 -4.91 11.49 6.85
CA MET A 39 -5.50 11.77 5.56
C MET A 39 -4.56 11.36 4.43
N THR A 40 -3.33 11.84 4.50
CA THR A 40 -2.33 11.52 3.48
C THR A 40 -1.15 10.75 4.08
N ALA A 41 -0.38 10.08 3.22
CA ALA A 41 0.76 9.31 3.67
C ALA A 41 1.86 9.30 2.62
N VAL A 42 3.11 9.13 3.05
CA VAL A 42 4.24 9.10 2.15
C VAL A 42 4.49 7.69 1.61
N VAL A 43 4.22 7.50 0.33
CA VAL A 43 4.42 6.19 -0.31
C VAL A 43 5.55 6.25 -1.34
N LYS A 44 6.36 5.20 -1.36
CA LYS A 44 7.48 5.11 -2.29
C LYS A 44 7.09 4.29 -3.52
N PHE A 45 7.31 4.87 -4.70
CA PHE A 45 6.99 4.19 -5.95
C PHE A 45 8.13 3.28 -6.38
N THR A 46 7.81 2.02 -6.64
CA THR A 46 8.81 1.04 -7.06
C THR A 46 9.36 1.37 -8.44
N ASP A 47 8.50 1.91 -9.30
CA ASP A 47 8.90 2.28 -10.65
C ASP A 47 10.33 2.82 -10.67
N TYR A 48 10.56 3.88 -9.90
CA TYR A 48 11.88 4.50 -9.83
C TYR A 48 12.41 4.49 -8.40
N GLY A 49 11.54 4.84 -7.46
CA GLY A 49 11.93 4.87 -6.06
C GLY A 49 11.89 6.27 -5.47
N ASN A 50 10.87 7.03 -5.84
CA ASN A 50 10.71 8.39 -5.35
C ASN A 50 9.50 8.50 -4.41
N TYR A 51 9.63 9.36 -3.41
CA TYR A 51 8.55 9.55 -2.43
C TYR A 51 7.49 10.50 -2.99
N GLU A 52 6.22 10.21 -2.68
CA GLU A 52 5.12 11.03 -3.15
C GLU A 52 4.01 11.09 -2.10
N GLU A 53 3.47 12.28 -1.88
CA GLU A 53 2.40 12.48 -0.90
C GLU A 53 1.04 12.21 -1.54
N VAL A 54 0.49 11.04 -1.28
CA VAL A 54 -0.81 10.66 -1.81
C VAL A 54 -1.83 10.41 -0.70
N LEU A 55 -3.10 10.63 -1.00
CA LEU A 55 -4.16 10.42 -0.02
C LEU A 55 -4.42 8.94 0.21
N LEU A 56 -4.82 8.59 1.43
CA LEU A 56 -5.09 7.20 1.78
C LEU A 56 -6.27 6.67 0.98
N SER A 57 -7.22 7.55 0.68
CA SER A 57 -8.41 7.17 -0.08
C SER A 57 -8.06 6.89 -1.54
N ASN A 58 -6.79 7.08 -1.88
CA ASN A 58 -6.33 6.85 -3.24
C ASN A 58 -5.34 5.68 -3.30
N ILE A 59 -5.38 4.84 -2.27
CA ILE A 59 -4.50 3.69 -2.19
C ILE A 59 -5.28 2.39 -2.07
N LYS A 60 -4.72 1.31 -2.62
CA LYS A 60 -5.37 0.01 -2.56
C LYS A 60 -4.41 -1.06 -2.04
N PRO A 61 -4.94 -1.99 -1.23
CA PRO A 61 -4.15 -3.07 -0.65
C PRO A 61 -3.71 -4.09 -1.70
N VAL A 62 -2.39 -4.25 -1.85
CA VAL A 62 -1.85 -5.21 -2.81
C VAL A 62 -2.05 -6.64 -2.34
N GLN A 63 -2.56 -7.48 -3.24
CA GLN A 63 -2.78 -8.89 -2.92
C GLN A 63 -1.47 -9.61 -2.67
N THR A 64 -1.36 -10.22 -1.49
CA THR A 64 -0.15 -10.95 -1.12
C THR A 64 -0.42 -12.45 -1.02
N GLU A 65 -0.64 -13.08 -2.16
CA GLU A 65 -0.92 -14.52 -2.20
C GLU A 65 -0.06 -15.21 -3.25
N ALA A 66 1.18 -14.75 -3.39
CA ALA A 66 2.10 -15.33 -4.36
C ALA A 66 1.89 -16.83 -4.50
N TRP A 67 1.53 -17.48 -3.39
CA TRP A 67 1.30 -18.92 -3.38
C TRP A 67 0.50 -19.34 -2.16
N VAL A 68 -0.17 -20.48 -2.24
CA VAL A 68 -0.97 -20.99 -1.15
C VAL A 68 -0.84 -22.50 -1.02
N ARG A 69 -0.33 -22.96 0.12
CA ARG A 69 -0.16 -24.39 0.36
C ARG A 69 0.28 -25.11 -0.91
N ASP A 70 1.12 -24.44 -1.70
CA ASP A 70 1.61 -25.01 -2.94
C ASP A 70 3.00 -25.64 -2.74
N PRO A 71 3.19 -26.84 -3.32
CA PRO A 71 4.46 -27.56 -3.22
C PRO A 71 5.57 -26.89 -4.01
N ASN A 72 5.20 -26.23 -5.10
CA ASN A 72 6.17 -25.53 -5.95
C ASN A 72 6.76 -24.33 -5.23
N SER A 73 8.00 -23.99 -5.57
CA SER A 73 8.68 -22.85 -4.95
C SER A 73 8.14 -21.54 -5.50
N GLY A 74 7.55 -21.60 -6.69
CA GLY A 74 7.00 -20.40 -7.30
C GLY A 74 8.05 -19.58 -8.02
N PRO A 75 7.61 -18.70 -8.93
CA PRO A 75 8.52 -17.84 -9.70
C PRO A 75 9.16 -16.76 -8.83
N SER A 76 10.42 -16.99 -8.45
CA SER A 76 11.15 -16.04 -7.63
C SER A 76 12.29 -15.40 -8.41
N SER A 77 11.98 -14.32 -9.10
CA SER A 77 12.99 -13.61 -9.90
C SER A 77 12.45 -12.26 -10.37
N GLY A 78 13.36 -11.30 -10.53
CA GLY A 78 12.95 -9.97 -10.98
C GLY A 78 13.53 -9.63 -12.33
N GLY A 1 -9.38 12.40 17.56
CA GLY A 1 -9.80 12.03 18.90
C GLY A 1 -9.62 10.55 19.17
N SER A 2 -10.40 9.72 18.50
CA SER A 2 -10.33 8.28 18.68
C SER A 2 -9.38 7.65 17.65
N SER A 3 -8.11 7.53 18.04
CA SER A 3 -7.10 6.96 17.15
C SER A 3 -6.96 5.46 17.40
N GLY A 4 -7.16 4.67 16.34
CA GLY A 4 -7.05 3.23 16.46
C GLY A 4 -7.61 2.50 15.25
N SER A 5 -7.17 1.26 15.05
CA SER A 5 -7.62 0.46 13.92
C SER A 5 -9.08 0.75 13.60
N SER A 6 -9.32 1.28 12.40
CA SER A 6 -10.68 1.61 11.97
C SER A 6 -10.95 1.07 10.57
N GLY A 7 -11.57 -0.11 10.52
CA GLY A 7 -11.87 -0.72 9.23
C GLY A 7 -10.62 -1.14 8.47
N LYS A 8 -9.95 -0.17 7.87
CA LYS A 8 -8.74 -0.45 7.10
C LYS A 8 -7.69 0.63 7.36
N VAL A 9 -6.66 0.27 8.14
CA VAL A 9 -5.58 1.21 8.46
C VAL A 9 -4.28 0.79 7.78
N TRP A 10 -3.50 1.78 7.36
CA TRP A 10 -2.22 1.52 6.69
C TRP A 10 -1.08 1.46 7.71
N LYS A 11 0.02 0.85 7.31
CA LYS A 11 1.18 0.72 8.19
C LYS A 11 2.47 0.89 7.39
N PRO A 12 3.51 1.41 8.06
CA PRO A 12 4.82 1.63 7.43
C PRO A 12 5.55 0.32 7.15
N GLY A 13 5.60 -0.06 5.87
CA GLY A 13 6.27 -1.29 5.49
C GLY A 13 5.33 -2.27 4.81
N ASP A 14 4.31 -1.75 4.13
CA ASP A 14 3.34 -2.58 3.44
C ASP A 14 3.18 -2.13 1.99
N GLU A 15 3.38 -3.05 1.06
CA GLU A 15 3.25 -2.73 -0.36
C GLU A 15 1.82 -2.33 -0.70
N CYS A 16 1.68 -1.24 -1.45
CA CYS A 16 0.36 -0.75 -1.84
C CYS A 16 0.43 0.00 -3.18
N PHE A 17 -0.72 0.29 -3.74
CA PHE A 17 -0.80 0.99 -5.02
C PHE A 17 -1.20 2.45 -4.83
N ALA A 18 -0.34 3.36 -5.26
CA ALA A 18 -0.60 4.79 -5.14
C ALA A 18 -0.85 5.43 -6.49
N LEU A 19 -1.82 6.32 -6.56
CA LEU A 19 -2.16 7.00 -7.81
C LEU A 19 -1.20 8.16 -8.07
N TYR A 20 -0.30 7.96 -9.03
CA TYR A 20 0.67 8.99 -9.38
C TYR A 20 0.00 10.35 -9.56
N TRP A 21 0.70 11.40 -9.16
CA TRP A 21 0.16 12.75 -9.28
C TRP A 21 0.43 13.32 -10.67
N GLU A 22 1.10 12.53 -11.50
CA GLU A 22 1.42 12.96 -12.87
C GLU A 22 0.78 12.03 -13.89
N ASP A 23 0.36 10.86 -13.44
CA ASP A 23 -0.27 9.87 -14.32
C ASP A 23 -1.65 9.49 -13.81
N ASN A 24 -1.93 9.81 -12.54
CA ASN A 24 -3.21 9.50 -11.94
C ASN A 24 -3.58 8.04 -12.16
N LYS A 25 -2.55 7.20 -12.33
CA LYS A 25 -2.77 5.78 -12.54
C LYS A 25 -2.24 4.97 -11.37
N PHE A 26 -2.99 3.95 -10.96
CA PHE A 26 -2.60 3.10 -9.84
C PHE A 26 -1.28 2.38 -10.15
N TYR A 27 -0.26 2.69 -9.35
CA TYR A 27 1.05 2.07 -9.53
C TYR A 27 1.57 1.50 -8.21
N ARG A 28 2.26 0.36 -8.31
CA ARG A 28 2.81 -0.29 -7.13
C ARG A 28 3.61 0.69 -6.28
N ALA A 29 3.68 0.43 -4.98
CA ALA A 29 4.41 1.30 -4.06
C ALA A 29 4.54 0.65 -2.69
N GLU A 30 5.11 1.40 -1.74
CA GLU A 30 5.30 0.89 -0.38
C GLU A 30 5.10 2.00 0.63
N VAL A 31 4.21 1.76 1.60
CA VAL A 31 3.91 2.74 2.64
C VAL A 31 5.19 3.15 3.37
N GLU A 32 5.64 4.38 3.13
CA GLU A 32 6.85 4.90 3.76
C GLU A 32 6.55 5.39 5.17
N ALA A 33 5.51 6.22 5.30
CA ALA A 33 5.12 6.76 6.59
C ALA A 33 3.76 7.43 6.52
N LEU A 34 2.92 7.17 7.52
CA LEU A 34 1.58 7.76 7.56
C LEU A 34 1.61 9.13 8.21
N HIS A 35 0.49 9.84 8.13
CA HIS A 35 0.39 11.18 8.71
C HIS A 35 -0.38 11.14 10.03
N SER A 36 0.02 11.98 10.97
CA SER A 36 -0.63 12.04 12.28
C SER A 36 -2.15 12.13 12.12
N SER A 37 -2.61 13.18 11.43
CA SER A 37 -4.04 13.37 11.22
C SER A 37 -4.71 12.09 10.75
N GLY A 38 -4.22 11.53 9.65
CA GLY A 38 -4.79 10.30 9.12
C GLY A 38 -5.50 10.51 7.80
N MET A 39 -4.93 11.37 6.96
CA MET A 39 -5.52 11.66 5.65
C MET A 39 -4.56 11.26 4.54
N THR A 40 -3.34 11.79 4.59
CA THR A 40 -2.33 11.49 3.58
C THR A 40 -1.18 10.69 4.18
N ALA A 41 -0.35 10.12 3.31
CA ALA A 41 0.79 9.33 3.75
C ALA A 41 1.87 9.28 2.67
N VAL A 42 3.12 9.18 3.10
CA VAL A 42 4.25 9.12 2.17
C VAL A 42 4.49 7.69 1.69
N VAL A 43 4.27 7.47 0.39
CA VAL A 43 4.46 6.14 -0.19
C VAL A 43 5.61 6.16 -1.21
N LYS A 44 6.32 5.04 -1.29
CA LYS A 44 7.44 4.92 -2.22
C LYS A 44 7.05 4.10 -3.43
N PHE A 45 7.27 4.66 -4.62
CA PHE A 45 6.94 3.97 -5.86
C PHE A 45 8.08 3.04 -6.29
N THR A 46 7.76 1.76 -6.44
CA THR A 46 8.75 0.77 -6.83
C THR A 46 9.27 1.05 -8.23
N ASP A 47 8.41 1.61 -9.08
CA ASP A 47 8.79 1.93 -10.45
C ASP A 47 10.20 2.51 -10.51
N TYR A 48 10.46 3.50 -9.67
CA TYR A 48 11.77 4.14 -9.63
C TYR A 48 12.29 4.24 -8.19
N GLY A 49 11.36 4.41 -7.25
CA GLY A 49 11.74 4.51 -5.86
C GLY A 49 11.71 5.94 -5.35
N ASN A 50 10.74 6.71 -5.81
CA ASN A 50 10.60 8.11 -5.40
C ASN A 50 9.43 8.28 -4.45
N TYR A 51 9.57 9.20 -3.50
CA TYR A 51 8.52 9.47 -2.52
C TYR A 51 7.48 10.42 -3.09
N GLU A 52 6.22 10.19 -2.73
CA GLU A 52 5.12 11.04 -3.20
C GLU A 52 3.99 11.08 -2.18
N GLU A 53 3.51 12.28 -1.89
CA GLU A 53 2.43 12.45 -0.92
C GLU A 53 1.08 12.16 -1.57
N VAL A 54 0.45 11.07 -1.15
CA VAL A 54 -0.85 10.68 -1.68
C VAL A 54 -1.85 10.40 -0.56
N LEU A 55 -3.13 10.64 -0.84
CA LEU A 55 -4.18 10.42 0.14
C LEU A 55 -4.39 8.92 0.38
N LEU A 56 -4.67 8.57 1.64
CA LEU A 56 -4.89 7.18 2.00
C LEU A 56 -6.12 6.62 1.28
N SER A 57 -7.00 7.51 0.85
CA SER A 57 -8.22 7.10 0.16
C SER A 57 -7.93 6.80 -1.30
N ASN A 58 -6.70 7.09 -1.74
CA ASN A 58 -6.30 6.84 -3.12
C ASN A 58 -5.28 5.71 -3.19
N ILE A 59 -5.30 4.83 -2.20
CA ILE A 59 -4.38 3.70 -2.15
C ILE A 59 -5.14 2.37 -2.16
N LYS A 60 -4.66 1.44 -2.95
CA LYS A 60 -5.28 0.12 -3.05
C LYS A 60 -4.35 -0.97 -2.53
N PRO A 61 -4.91 -1.91 -1.74
CA PRO A 61 -4.14 -3.02 -1.17
C PRO A 61 -3.71 -4.02 -2.23
N VAL A 62 -2.45 -4.46 -2.13
CA VAL A 62 -1.91 -5.43 -3.08
C VAL A 62 -1.58 -6.75 -2.39
N GLN A 63 -1.96 -7.86 -3.03
CA GLN A 63 -1.70 -9.18 -2.47
C GLN A 63 -0.26 -9.61 -2.73
N THR A 64 0.22 -10.56 -1.93
CA THR A 64 1.58 -11.05 -2.08
C THR A 64 1.79 -11.72 -3.43
N GLU A 65 2.77 -11.23 -4.19
CA GLU A 65 3.06 -11.78 -5.51
C GLU A 65 3.72 -13.16 -5.39
N ALA A 66 2.91 -14.17 -5.09
CA ALA A 66 3.41 -15.52 -4.95
C ALA A 66 3.22 -16.32 -6.24
N TRP A 67 3.71 -15.78 -7.34
CA TRP A 67 3.60 -16.43 -8.64
C TRP A 67 4.04 -17.89 -8.56
N VAL A 68 3.19 -18.78 -9.03
CA VAL A 68 3.49 -20.21 -9.01
C VAL A 68 4.99 -20.45 -9.24
N ARG A 69 5.66 -20.96 -8.21
CA ARG A 69 7.10 -21.23 -8.30
C ARG A 69 7.35 -22.52 -9.07
N ASP A 70 8.17 -22.42 -10.11
CA ASP A 70 8.51 -23.58 -10.94
C ASP A 70 9.86 -24.16 -10.53
N PRO A 71 9.98 -25.49 -10.63
CA PRO A 71 11.21 -26.22 -10.29
C PRO A 71 12.33 -25.94 -11.26
N ASN A 72 13.47 -26.60 -11.06
CA ASN A 72 14.63 -26.43 -11.92
C ASN A 72 14.74 -27.57 -12.93
N SER A 73 14.20 -27.35 -14.13
CA SER A 73 14.23 -28.36 -15.18
C SER A 73 15.48 -28.22 -16.05
N GLY A 74 15.70 -29.18 -16.93
CA GLY A 74 16.86 -29.14 -17.80
C GLY A 74 16.72 -28.12 -18.91
N PRO A 75 17.82 -27.86 -19.62
CA PRO A 75 17.84 -26.89 -20.72
C PRO A 75 17.05 -27.37 -21.93
N SER A 76 15.77 -27.04 -21.97
CA SER A 76 14.90 -27.44 -23.07
C SER A 76 13.73 -26.48 -23.22
N SER A 77 13.57 -25.92 -24.41
CA SER A 77 12.48 -24.98 -24.68
C SER A 77 11.20 -25.73 -25.03
N GLY A 78 10.07 -25.06 -24.84
CA GLY A 78 8.79 -25.67 -25.14
C GLY A 78 7.61 -24.77 -24.80
N GLY A 1 -8.47 18.18 15.91
CA GLY A 1 -9.65 17.85 15.14
C GLY A 1 -10.16 16.44 15.42
N SER A 2 -11.46 16.33 15.69
CA SER A 2 -12.06 15.03 15.98
C SER A 2 -11.42 13.94 15.12
N SER A 3 -11.33 12.74 15.69
CA SER A 3 -10.74 11.61 14.98
C SER A 3 -11.75 10.96 14.05
N GLY A 4 -11.30 9.95 13.31
CA GLY A 4 -12.18 9.27 12.38
C GLY A 4 -11.44 8.34 11.44
N SER A 5 -11.69 7.04 11.59
CA SER A 5 -11.02 6.04 10.76
C SER A 5 -11.63 6.00 9.36
N SER A 6 -10.80 6.20 8.35
CA SER A 6 -11.25 6.19 6.96
C SER A 6 -11.78 4.82 6.58
N GLY A 7 -11.06 3.77 6.99
CA GLY A 7 -11.48 2.41 6.69
C GLY A 7 -10.30 1.45 6.64
N LYS A 8 -9.56 1.48 5.54
CA LYS A 8 -8.40 0.60 5.37
C LYS A 8 -7.23 1.07 6.23
N VAL A 9 -6.76 0.20 7.10
CA VAL A 9 -5.63 0.53 7.98
C VAL A 9 -4.30 0.28 7.28
N TRP A 10 -3.45 1.31 7.25
CA TRP A 10 -2.15 1.20 6.62
C TRP A 10 -1.03 1.26 7.66
N LYS A 11 0.17 0.86 7.25
CA LYS A 11 1.32 0.85 8.14
C LYS A 11 2.61 1.01 7.35
N PRO A 12 3.66 1.54 8.02
CA PRO A 12 4.97 1.75 7.40
C PRO A 12 5.70 0.43 7.12
N GLY A 13 5.72 0.04 5.85
CA GLY A 13 6.38 -1.19 5.46
C GLY A 13 5.44 -2.16 4.76
N ASP A 14 4.45 -1.62 4.07
CA ASP A 14 3.49 -2.45 3.34
C ASP A 14 3.36 -1.99 1.89
N GLU A 15 3.39 -2.96 0.98
CA GLU A 15 3.27 -2.65 -0.44
C GLU A 15 1.83 -2.34 -0.82
N CYS A 16 1.63 -1.21 -1.50
CA CYS A 16 0.30 -0.80 -1.92
C CYS A 16 0.36 0.01 -3.21
N PHE A 17 -0.79 0.19 -3.84
CA PHE A 17 -0.87 0.95 -5.09
C PHE A 17 -1.28 2.39 -4.83
N ALA A 18 -0.39 3.31 -5.16
CA ALA A 18 -0.67 4.73 -4.97
C ALA A 18 -0.81 5.46 -6.31
N LEU A 19 -1.84 6.28 -6.42
CA LEU A 19 -2.09 7.03 -7.65
C LEU A 19 -1.05 8.14 -7.83
N TYR A 20 -0.45 8.19 -9.02
CA TYR A 20 0.56 9.19 -9.32
C TYR A 20 -0.06 10.59 -9.37
N TRP A 21 0.75 11.60 -9.08
CA TRP A 21 0.28 12.98 -9.09
C TRP A 21 0.53 13.64 -10.45
N GLU A 22 1.17 12.89 -11.34
CA GLU A 22 1.47 13.39 -12.68
C GLU A 22 0.77 12.57 -13.75
N ASP A 23 0.31 11.38 -13.36
CA ASP A 23 -0.39 10.49 -14.29
C ASP A 23 -1.78 10.14 -13.75
N ASN A 24 -1.94 10.20 -12.44
CA ASN A 24 -3.21 9.88 -11.81
C ASN A 24 -3.57 8.41 -12.03
N LYS A 25 -2.55 7.57 -12.19
CA LYS A 25 -2.76 6.14 -12.40
C LYS A 25 -2.23 5.34 -11.21
N PHE A 26 -2.92 4.26 -10.89
CA PHE A 26 -2.53 3.39 -9.79
C PHE A 26 -1.26 2.62 -10.12
N TYR A 27 -0.21 2.83 -9.34
CA TYR A 27 1.06 2.16 -9.55
C TYR A 27 1.59 1.55 -8.26
N ARG A 28 2.32 0.45 -8.38
CA ARG A 28 2.88 -0.23 -7.21
C ARG A 28 3.63 0.75 -6.32
N ALA A 29 3.59 0.50 -5.02
CA ALA A 29 4.27 1.36 -4.05
C ALA A 29 4.39 0.67 -2.70
N GLU A 30 4.94 1.40 -1.72
CA GLU A 30 5.11 0.86 -0.38
C GLU A 30 4.96 1.95 0.67
N VAL A 31 3.97 1.78 1.55
CA VAL A 31 3.72 2.76 2.60
C VAL A 31 5.01 3.15 3.31
N GLU A 32 5.49 4.35 3.03
CA GLU A 32 6.72 4.85 3.64
C GLU A 32 6.46 5.32 5.07
N ALA A 33 5.42 6.12 5.24
CA ALA A 33 5.06 6.63 6.56
C ALA A 33 3.71 7.34 6.53
N LEU A 34 2.93 7.15 7.58
CA LEU A 34 1.62 7.77 7.68
C LEU A 34 1.70 9.13 8.37
N HIS A 35 0.66 9.94 8.17
CA HIS A 35 0.62 11.28 8.77
C HIS A 35 -0.03 11.23 10.15
N SER A 36 0.23 12.26 10.95
CA SER A 36 -0.31 12.33 12.30
C SER A 36 -1.84 12.41 12.27
N SER A 37 -2.36 13.32 11.46
CA SER A 37 -3.80 13.51 11.33
C SER A 37 -4.46 12.24 10.83
N GLY A 38 -4.17 11.87 9.58
CA GLY A 38 -4.75 10.68 9.00
C GLY A 38 -5.46 10.96 7.68
N MET A 39 -4.89 11.86 6.88
CA MET A 39 -5.47 12.22 5.60
C MET A 39 -4.59 11.73 4.45
N THR A 40 -3.29 11.98 4.56
CA THR A 40 -2.34 11.56 3.53
C THR A 40 -1.23 10.70 4.13
N ALA A 41 -0.46 10.07 3.25
CA ALA A 41 0.64 9.20 3.68
C ALA A 41 1.74 9.14 2.63
N VAL A 42 2.99 9.11 3.08
CA VAL A 42 4.13 9.05 2.18
C VAL A 42 4.32 7.63 1.63
N VAL A 43 4.16 7.49 0.32
CA VAL A 43 4.31 6.19 -0.33
C VAL A 43 5.48 6.20 -1.30
N LYS A 44 6.22 5.10 -1.35
CA LYS A 44 7.36 4.98 -2.24
C LYS A 44 7.03 4.12 -3.45
N PHE A 45 7.34 4.62 -4.64
CA PHE A 45 7.07 3.89 -5.87
C PHE A 45 8.24 2.99 -6.24
N THR A 46 7.99 1.68 -6.27
CA THR A 46 9.02 0.71 -6.61
C THR A 46 9.59 0.97 -8.00
N ASP A 47 8.73 1.42 -8.91
CA ASP A 47 9.15 1.72 -10.28
C ASP A 47 10.56 2.31 -10.30
N TYR A 48 10.78 3.34 -9.49
CA TYR A 48 12.07 4.00 -9.42
C TYR A 48 12.54 4.12 -7.97
N GLY A 49 11.63 4.50 -7.09
CA GLY A 49 11.96 4.66 -5.69
C GLY A 49 11.86 6.09 -5.22
N ASN A 50 10.84 6.80 -5.70
CA ASN A 50 10.63 8.20 -5.33
C ASN A 50 9.43 8.34 -4.41
N TYR A 51 9.56 9.16 -3.37
CA TYR A 51 8.49 9.39 -2.42
C TYR A 51 7.44 10.34 -2.98
N GLU A 52 6.17 10.07 -2.68
CA GLU A 52 5.08 10.91 -3.16
C GLU A 52 3.96 10.97 -2.13
N GLU A 53 3.50 12.20 -1.85
CA GLU A 53 2.44 12.40 -0.88
C GLU A 53 1.07 12.12 -1.50
N VAL A 54 0.54 10.94 -1.24
CA VAL A 54 -0.76 10.56 -1.78
C VAL A 54 -1.77 10.30 -0.66
N LEU A 55 -3.04 10.55 -0.95
CA LEU A 55 -4.10 10.35 0.04
C LEU A 55 -4.30 8.86 0.32
N LEU A 56 -4.68 8.54 1.55
CA LEU A 56 -4.91 7.16 1.96
C LEU A 56 -6.09 6.56 1.20
N SER A 57 -7.04 7.42 0.83
CA SER A 57 -8.22 6.98 0.11
C SER A 57 -7.88 6.64 -1.34
N ASN A 58 -6.69 7.02 -1.77
CA ASN A 58 -6.24 6.75 -3.13
C ASN A 58 -5.22 5.62 -3.15
N ILE A 59 -5.29 4.74 -2.15
CA ILE A 59 -4.37 3.61 -2.07
C ILE A 59 -5.13 2.29 -2.08
N LYS A 60 -4.56 1.29 -2.76
CA LYS A 60 -5.17 -0.02 -2.85
C LYS A 60 -4.22 -1.10 -2.36
N PRO A 61 -4.76 -2.08 -1.62
CA PRO A 61 -3.97 -3.19 -1.09
C PRO A 61 -3.50 -4.15 -2.17
N VAL A 62 -2.19 -4.24 -2.34
CA VAL A 62 -1.61 -5.13 -3.34
C VAL A 62 -2.03 -6.57 -3.11
N GLN A 63 -2.39 -7.26 -4.19
CA GLN A 63 -2.83 -8.64 -4.12
C GLN A 63 -1.85 -9.46 -3.27
N THR A 64 -2.29 -10.65 -2.87
CA THR A 64 -1.46 -11.53 -2.05
C THR A 64 -0.84 -12.64 -2.90
N GLU A 65 0.36 -12.40 -3.39
CA GLU A 65 1.06 -13.38 -4.21
C GLU A 65 2.43 -13.73 -3.61
N ALA A 66 2.46 -13.88 -2.29
CA ALA A 66 3.70 -14.20 -1.59
C ALA A 66 3.88 -15.72 -1.50
N TRP A 67 3.67 -16.41 -2.61
CA TRP A 67 3.81 -17.86 -2.66
C TRP A 67 5.22 -18.27 -2.23
N VAL A 68 5.43 -19.58 -2.11
CA VAL A 68 6.72 -20.11 -1.71
C VAL A 68 7.18 -21.21 -2.66
N ARG A 69 7.37 -20.84 -3.93
CA ARG A 69 7.82 -21.79 -4.94
C ARG A 69 9.12 -21.33 -5.59
N ASP A 70 9.75 -22.23 -6.33
CA ASP A 70 11.01 -21.92 -7.01
C ASP A 70 10.85 -22.01 -8.51
N PRO A 71 11.53 -21.11 -9.24
CA PRO A 71 11.48 -21.06 -10.70
C PRO A 71 12.21 -22.25 -11.34
N ASN A 72 13.05 -22.91 -10.56
CA ASN A 72 13.79 -24.06 -11.05
C ASN A 72 12.92 -24.93 -11.96
N SER A 73 12.99 -24.67 -13.26
CA SER A 73 12.20 -25.43 -14.23
C SER A 73 12.89 -25.46 -15.58
N GLY A 74 12.91 -26.63 -16.20
CA GLY A 74 13.55 -26.78 -17.50
C GLY A 74 14.97 -27.30 -17.40
N PRO A 75 15.10 -28.63 -17.32
CA PRO A 75 16.41 -29.29 -17.21
C PRO A 75 17.21 -29.18 -18.51
N SER A 76 18.22 -28.31 -18.50
CA SER A 76 19.07 -28.10 -19.66
C SER A 76 20.17 -29.16 -19.73
N SER A 77 20.80 -29.28 -20.90
CA SER A 77 21.86 -30.26 -21.09
C SER A 77 23.23 -29.60 -20.99
N GLY A 78 23.49 -28.63 -21.87
CA GLY A 78 24.76 -27.93 -21.86
C GLY A 78 25.05 -27.27 -20.52
N GLY A 1 -29.53 4.92 13.43
CA GLY A 1 -28.10 5.13 13.45
C GLY A 1 -27.41 4.53 12.24
N SER A 2 -26.38 5.22 11.75
CA SER A 2 -25.64 4.75 10.57
C SER A 2 -24.23 4.34 10.96
N SER A 3 -23.60 3.52 10.12
CA SER A 3 -22.24 3.06 10.37
C SER A 3 -21.27 3.57 9.31
N GLY A 4 -20.71 4.75 9.56
CA GLY A 4 -19.78 5.35 8.62
C GLY A 4 -18.39 5.50 9.20
N SER A 5 -17.89 4.45 9.84
CA SER A 5 -16.57 4.46 10.45
C SER A 5 -15.54 3.81 9.53
N SER A 6 -14.26 4.01 9.85
CA SER A 6 -13.18 3.44 9.05
C SER A 6 -12.91 1.99 9.46
N GLY A 7 -12.13 1.29 8.64
CA GLY A 7 -11.80 -0.09 8.95
C GLY A 7 -10.37 -0.44 8.59
N LYS A 8 -10.10 -0.55 7.28
CA LYS A 8 -8.76 -0.88 6.81
C LYS A 8 -7.77 0.21 7.18
N VAL A 9 -6.64 -0.19 7.76
CA VAL A 9 -5.61 0.76 8.16
C VAL A 9 -4.27 0.41 7.52
N TRP A 10 -3.52 1.44 7.14
CA TRP A 10 -2.21 1.25 6.51
C TRP A 10 -1.10 1.26 7.56
N LYS A 11 0.09 0.84 7.16
CA LYS A 11 1.24 0.80 8.05
C LYS A 11 2.55 0.86 7.26
N PRO A 12 3.59 1.41 7.90
CA PRO A 12 4.91 1.55 7.28
C PRO A 12 5.61 0.19 7.11
N GLY A 13 5.62 -0.31 5.88
CA GLY A 13 6.25 -1.59 5.62
C GLY A 13 5.33 -2.55 4.88
N ASP A 14 4.43 -2.01 4.07
CA ASP A 14 3.49 -2.82 3.32
C ASP A 14 3.31 -2.27 1.90
N GLU A 15 3.53 -3.13 0.90
CA GLU A 15 3.39 -2.72 -0.49
C GLU A 15 1.94 -2.38 -0.82
N CYS A 16 1.74 -1.31 -1.56
CA CYS A 16 0.40 -0.88 -1.94
C CYS A 16 0.43 -0.12 -3.27
N PHE A 17 -0.75 0.25 -3.76
CA PHE A 17 -0.86 0.97 -5.02
C PHE A 17 -1.27 2.42 -4.77
N ALA A 18 -0.42 3.35 -5.21
CA ALA A 18 -0.69 4.78 -5.05
C ALA A 18 -0.94 5.45 -6.39
N LEU A 19 -1.86 6.40 -6.41
CA LEU A 19 -2.20 7.12 -7.63
C LEU A 19 -1.24 8.29 -7.85
N TYR A 20 -0.39 8.17 -8.86
CA TYR A 20 0.57 9.22 -9.18
C TYR A 20 -0.09 10.59 -9.21
N TRP A 21 0.69 11.63 -8.95
CA TRP A 21 0.17 12.98 -8.94
C TRP A 21 0.32 13.64 -10.31
N GLU A 22 0.96 12.93 -11.23
CA GLU A 22 1.17 13.44 -12.58
C GLU A 22 0.57 12.49 -13.61
N ASP A 23 0.20 11.28 -13.17
CA ASP A 23 -0.39 10.29 -14.06
C ASP A 23 -1.77 9.88 -13.57
N ASN A 24 -2.03 10.12 -12.29
CA ASN A 24 -3.32 9.77 -11.70
C ASN A 24 -3.67 8.31 -11.97
N LYS A 25 -2.63 7.49 -12.17
CA LYS A 25 -2.83 6.08 -12.44
C LYS A 25 -2.28 5.23 -11.29
N PHE A 26 -2.91 4.08 -11.06
CA PHE A 26 -2.48 3.18 -9.99
C PHE A 26 -1.14 2.53 -10.33
N TYR A 27 -0.14 2.78 -9.48
CA TYR A 27 1.19 2.22 -9.70
C TYR A 27 1.72 1.58 -8.41
N ARG A 28 2.51 0.52 -8.57
CA ARG A 28 3.08 -0.18 -7.43
C ARG A 28 3.80 0.80 -6.50
N ALA A 29 3.77 0.51 -5.21
CA ALA A 29 4.42 1.36 -4.21
C ALA A 29 4.50 0.66 -2.86
N GLU A 30 4.99 1.39 -1.86
CA GLU A 30 5.11 0.84 -0.51
C GLU A 30 4.97 1.93 0.53
N VAL A 31 4.05 1.74 1.47
CA VAL A 31 3.81 2.71 2.53
C VAL A 31 5.10 3.07 3.25
N GLU A 32 5.43 4.36 3.26
CA GLU A 32 6.65 4.84 3.91
C GLU A 32 6.34 5.37 5.30
N ALA A 33 5.51 6.41 5.36
CA ALA A 33 5.14 7.01 6.64
C ALA A 33 3.77 7.67 6.56
N LEU A 34 2.91 7.36 7.53
CA LEU A 34 1.57 7.93 7.56
C LEU A 34 1.56 9.27 8.28
N HIS A 35 0.50 10.06 8.05
CA HIS A 35 0.37 11.36 8.68
C HIS A 35 -0.55 11.30 9.89
N SER A 36 -0.25 12.10 10.91
CA SER A 36 -1.05 12.12 12.13
C SER A 36 -2.51 12.44 11.82
N SER A 37 -2.73 13.51 11.07
CA SER A 37 -4.08 13.93 10.70
C SER A 37 -4.88 12.74 10.17
N GLY A 38 -4.18 11.75 9.63
CA GLY A 38 -4.84 10.57 9.09
C GLY A 38 -5.52 10.85 7.76
N MET A 39 -4.84 11.60 6.90
CA MET A 39 -5.38 11.93 5.59
C MET A 39 -4.43 11.48 4.48
N THR A 40 -3.19 11.91 4.57
CA THR A 40 -2.19 11.55 3.57
C THR A 40 -1.06 10.73 4.19
N ALA A 41 -0.23 10.14 3.34
CA ALA A 41 0.88 9.32 3.79
C ALA A 41 1.97 9.22 2.73
N VAL A 42 3.22 9.30 3.15
CA VAL A 42 4.35 9.21 2.23
C VAL A 42 4.52 7.79 1.71
N VAL A 43 4.28 7.60 0.42
CA VAL A 43 4.41 6.30 -0.20
C VAL A 43 5.51 6.29 -1.25
N LYS A 44 6.34 5.25 -1.23
CA LYS A 44 7.44 5.13 -2.19
C LYS A 44 7.05 4.20 -3.33
N PHE A 45 7.20 4.68 -4.56
CA PHE A 45 6.87 3.90 -5.74
C PHE A 45 7.93 2.83 -5.99
N THR A 46 7.62 1.88 -6.87
CA THR A 46 8.54 0.81 -7.21
C THR A 46 9.13 1.01 -8.60
N ASP A 47 8.32 1.55 -9.50
CA ASP A 47 8.76 1.80 -10.87
C ASP A 47 10.12 2.49 -10.89
N TYR A 48 10.29 3.48 -10.02
CA TYR A 48 11.54 4.22 -9.95
C TYR A 48 12.12 4.17 -8.54
N GLY A 49 11.28 4.46 -7.55
CA GLY A 49 11.72 4.45 -6.17
C GLY A 49 11.72 5.83 -5.54
N ASN A 50 10.73 6.64 -5.90
CA ASN A 50 10.62 7.99 -5.37
C ASN A 50 9.41 8.13 -4.46
N TYR A 51 9.53 8.97 -3.45
CA TYR A 51 8.44 9.19 -2.49
C TYR A 51 7.44 10.22 -3.03
N GLU A 52 6.20 10.10 -2.60
CA GLU A 52 5.15 11.02 -3.02
C GLU A 52 4.02 11.09 -2.00
N GLU A 53 3.50 12.28 -1.78
CA GLU A 53 2.41 12.48 -0.81
C GLU A 53 1.07 12.17 -1.46
N VAL A 54 0.52 10.99 -1.17
CA VAL A 54 -0.76 10.58 -1.71
C VAL A 54 -1.77 10.32 -0.60
N LEU A 55 -3.04 10.53 -0.90
CA LEU A 55 -4.10 10.31 0.08
C LEU A 55 -4.34 8.82 0.30
N LEU A 56 -4.61 8.45 1.55
CA LEU A 56 -4.85 7.05 1.90
C LEU A 56 -6.11 6.53 1.21
N SER A 57 -7.02 7.44 0.89
CA SER A 57 -8.26 7.07 0.23
C SER A 57 -8.02 6.77 -1.25
N ASN A 58 -6.80 7.03 -1.70
CA ASN A 58 -6.45 6.80 -3.10
C ASN A 58 -5.46 5.64 -3.22
N ILE A 59 -5.45 4.77 -2.21
CA ILE A 59 -4.57 3.62 -2.20
C ILE A 59 -5.36 2.32 -2.15
N LYS A 60 -4.78 1.25 -2.67
CA LYS A 60 -5.42 -0.06 -2.68
C LYS A 60 -4.46 -1.16 -2.24
N PRO A 61 -4.96 -2.12 -1.47
CA PRO A 61 -4.15 -3.25 -0.98
C PRO A 61 -3.75 -4.21 -2.09
N VAL A 62 -2.48 -4.59 -2.10
CA VAL A 62 -1.96 -5.50 -3.12
C VAL A 62 -1.54 -6.83 -2.50
N GLN A 63 -1.99 -7.93 -3.09
CA GLN A 63 -1.67 -9.26 -2.59
C GLN A 63 -0.41 -9.80 -3.28
N THR A 64 0.38 -10.58 -2.55
CA THR A 64 1.59 -11.17 -3.09
C THR A 64 1.49 -12.68 -3.18
N GLU A 65 1.10 -13.17 -4.35
CA GLU A 65 0.95 -14.61 -4.58
C GLU A 65 2.32 -15.30 -4.56
N ALA A 66 2.86 -15.50 -3.36
CA ALA A 66 4.15 -16.15 -3.21
C ALA A 66 4.04 -17.38 -2.32
N TRP A 67 3.03 -18.21 -2.59
CA TRP A 67 2.81 -19.42 -1.81
C TRP A 67 4.11 -20.22 -1.67
N VAL A 68 4.39 -20.67 -0.46
CA VAL A 68 5.60 -21.44 -0.19
C VAL A 68 5.36 -22.47 0.92
N ARG A 69 5.57 -23.73 0.60
CA ARG A 69 5.38 -24.80 1.58
C ARG A 69 6.65 -25.65 1.70
N ASP A 70 6.69 -26.49 2.72
CA ASP A 70 7.83 -27.37 2.96
C ASP A 70 7.39 -28.82 3.12
N PRO A 71 8.33 -29.75 2.90
CA PRO A 71 8.06 -31.19 3.01
C PRO A 71 7.84 -31.61 4.46
N ASN A 72 7.86 -30.65 5.37
CA ASN A 72 7.67 -30.94 6.78
C ASN A 72 6.66 -32.07 6.97
N SER A 73 6.95 -32.95 7.92
CA SER A 73 6.07 -34.09 8.20
C SER A 73 4.69 -33.61 8.64
N GLY A 74 3.65 -34.33 8.21
CA GLY A 74 2.29 -33.96 8.57
C GLY A 74 2.02 -34.16 10.05
N PRO A 75 1.86 -35.42 10.46
CA PRO A 75 1.58 -35.78 11.86
C PRO A 75 2.77 -35.52 12.76
N SER A 76 2.55 -34.73 13.81
CA SER A 76 3.62 -34.40 14.76
C SER A 76 3.32 -34.99 16.13
N SER A 77 4.37 -35.21 16.92
CA SER A 77 4.22 -35.77 18.25
C SER A 77 3.03 -35.15 18.98
N GLY A 78 2.19 -36.00 19.56
CA GLY A 78 1.02 -35.51 20.27
C GLY A 78 0.98 -35.99 21.70
N GLY A 1 -26.29 -2.89 18.76
CA GLY A 1 -24.89 -3.28 18.73
C GLY A 1 -24.37 -3.45 17.31
N SER A 2 -23.14 -3.95 17.19
CA SER A 2 -22.52 -4.16 15.89
C SER A 2 -22.58 -5.62 15.49
N SER A 3 -22.76 -5.87 14.19
CA SER A 3 -22.84 -7.23 13.68
C SER A 3 -21.54 -7.62 12.97
N GLY A 4 -21.03 -6.72 12.14
CA GLY A 4 -19.80 -6.98 11.42
C GLY A 4 -19.17 -5.72 10.87
N SER A 5 -17.92 -5.46 11.26
CA SER A 5 -17.20 -4.27 10.81
C SER A 5 -15.75 -4.61 10.50
N SER A 6 -15.37 -4.44 9.23
CA SER A 6 -14.01 -4.73 8.81
C SER A 6 -13.29 -3.45 8.40
N GLY A 7 -12.78 -2.72 9.38
CA GLY A 7 -12.08 -1.48 9.11
C GLY A 7 -10.91 -1.67 8.17
N LYS A 8 -10.08 -0.64 8.04
CA LYS A 8 -8.91 -0.71 7.16
C LYS A 8 -7.96 0.44 7.45
N VAL A 9 -6.78 0.11 7.99
CA VAL A 9 -5.78 1.12 8.30
C VAL A 9 -4.40 0.72 7.77
N TRP A 10 -3.74 1.65 7.10
CA TRP A 10 -2.41 1.39 6.54
C TRP A 10 -1.34 1.40 7.63
N LYS A 11 -0.11 1.10 7.25
CA LYS A 11 1.00 1.09 8.19
C LYS A 11 2.34 1.15 7.46
N PRO A 12 3.35 1.71 8.15
CA PRO A 12 4.69 1.85 7.58
C PRO A 12 5.40 0.51 7.42
N GLY A 13 5.37 -0.04 6.21
CA GLY A 13 6.01 -1.31 5.94
C GLY A 13 5.11 -2.28 5.20
N ASP A 14 4.15 -1.74 4.45
CA ASP A 14 3.22 -2.55 3.68
C ASP A 14 3.12 -2.05 2.25
N GLU A 15 3.34 -2.96 1.30
CA GLU A 15 3.27 -2.61 -0.11
C GLU A 15 1.84 -2.31 -0.54
N CYS A 16 1.67 -1.25 -1.32
CA CYS A 16 0.35 -0.86 -1.80
C CYS A 16 0.45 -0.15 -3.14
N PHE A 17 -0.69 0.35 -3.62
CA PHE A 17 -0.74 1.04 -4.90
C PHE A 17 -1.14 2.50 -4.72
N ALA A 18 -0.30 3.41 -5.19
CA ALA A 18 -0.58 4.83 -5.08
C ALA A 18 -0.83 5.46 -6.44
N LEU A 19 -1.81 6.35 -6.51
CA LEU A 19 -2.16 7.02 -7.76
C LEU A 19 -1.21 8.18 -8.04
N TYR A 20 -0.39 8.02 -9.07
CA TYR A 20 0.58 9.05 -9.44
C TYR A 20 -0.11 10.42 -9.55
N TRP A 21 0.59 11.46 -9.12
CA TRP A 21 0.06 12.81 -9.17
C TRP A 21 0.27 13.44 -10.53
N GLU A 22 0.87 12.67 -11.44
CA GLU A 22 1.14 13.16 -12.79
C GLU A 22 0.39 12.33 -13.82
N ASP A 23 0.25 11.04 -13.55
CA ASP A 23 -0.45 10.13 -14.46
C ASP A 23 -1.84 9.79 -13.91
N ASN A 24 -1.94 9.72 -12.59
CA ASN A 24 -3.21 9.40 -11.94
C ASN A 24 -3.57 7.94 -12.15
N LYS A 25 -2.55 7.10 -12.28
CA LYS A 25 -2.75 5.66 -12.48
C LYS A 25 -2.17 4.87 -11.32
N PHE A 26 -2.94 3.91 -10.82
CA PHE A 26 -2.52 3.08 -9.70
C PHE A 26 -1.21 2.37 -10.03
N TYR A 27 -0.15 2.73 -9.31
CA TYR A 27 1.17 2.13 -9.52
C TYR A 27 1.70 1.52 -8.23
N ARG A 28 2.46 0.44 -8.37
CA ARG A 28 3.04 -0.24 -7.21
C ARG A 28 3.79 0.74 -6.32
N ALA A 29 3.65 0.57 -5.02
CA ALA A 29 4.31 1.45 -4.05
C ALA A 29 4.39 0.79 -2.68
N GLU A 30 4.94 1.50 -1.71
CA GLU A 30 5.08 0.99 -0.35
C GLU A 30 4.89 2.10 0.68
N VAL A 31 4.01 1.85 1.64
CA VAL A 31 3.74 2.84 2.68
C VAL A 31 5.01 3.19 3.46
N GLU A 32 5.58 4.35 3.15
CA GLU A 32 6.80 4.80 3.81
C GLU A 32 6.51 5.29 5.22
N ALA A 33 5.60 6.26 5.32
CA ALA A 33 5.22 6.82 6.61
C ALA A 33 3.86 7.51 6.55
N LEU A 34 3.01 7.22 7.51
CA LEU A 34 1.67 7.81 7.56
C LEU A 34 1.68 9.11 8.36
N HIS A 35 0.65 9.92 8.17
CA HIS A 35 0.53 11.18 8.88
C HIS A 35 -0.14 11.00 10.23
N SER A 36 -0.10 12.04 11.07
CA SER A 36 -0.69 11.99 12.40
C SER A 36 -2.21 11.91 12.30
N SER A 37 -2.81 12.94 11.72
CA SER A 37 -4.26 12.99 11.57
C SER A 37 -4.79 11.70 10.96
N GLY A 38 -4.27 11.35 9.79
CA GLY A 38 -4.70 10.14 9.11
C GLY A 38 -5.40 10.42 7.80
N MET A 39 -4.78 11.26 6.97
CA MET A 39 -5.34 11.62 5.68
C MET A 39 -4.41 11.20 4.55
N THR A 40 -3.18 11.69 4.58
CA THR A 40 -2.19 11.35 3.56
C THR A 40 -1.09 10.48 4.13
N ALA A 41 -0.24 9.95 3.24
CA ALA A 41 0.86 9.10 3.65
C ALA A 41 1.95 9.04 2.58
N VAL A 42 3.21 9.13 3.01
CA VAL A 42 4.34 9.09 2.10
C VAL A 42 4.56 7.68 1.56
N VAL A 43 4.27 7.48 0.28
CA VAL A 43 4.44 6.18 -0.36
C VAL A 43 5.58 6.22 -1.37
N LYS A 44 6.33 5.12 -1.45
CA LYS A 44 7.44 5.02 -2.38
C LYS A 44 7.10 4.11 -3.55
N PHE A 45 7.26 4.61 -4.76
CA PHE A 45 6.96 3.84 -5.96
C PHE A 45 8.14 2.95 -6.34
N THR A 46 7.86 1.66 -6.48
CA THR A 46 8.89 0.68 -6.83
C THR A 46 9.48 0.99 -8.20
N ASP A 47 8.63 1.37 -9.14
CA ASP A 47 9.07 1.70 -10.49
C ASP A 47 10.46 2.34 -10.48
N TYR A 48 10.59 3.42 -9.73
CA TYR A 48 11.86 4.14 -9.63
C TYR A 48 12.32 4.22 -8.17
N GLY A 49 11.38 4.50 -7.28
CA GLY A 49 11.71 4.60 -5.86
C GLY A 49 11.64 6.03 -5.36
N ASN A 50 10.60 6.75 -5.78
CA ASN A 50 10.42 8.13 -5.36
C ASN A 50 9.21 8.27 -4.43
N TYR A 51 9.36 9.09 -3.40
CA TYR A 51 8.28 9.31 -2.44
C TYR A 51 7.29 10.35 -2.96
N GLU A 52 6.00 10.05 -2.83
CA GLU A 52 4.96 10.96 -3.29
C GLU A 52 3.83 11.06 -2.26
N GLU A 53 3.45 12.29 -1.92
CA GLU A 53 2.39 12.52 -0.95
C GLU A 53 1.03 12.25 -1.56
N VAL A 54 0.45 11.10 -1.23
CA VAL A 54 -0.85 10.71 -1.75
C VAL A 54 -1.82 10.39 -0.62
N LEU A 55 -3.10 10.67 -0.84
CA LEU A 55 -4.12 10.41 0.16
C LEU A 55 -4.33 8.90 0.35
N LEU A 56 -4.68 8.51 1.57
CA LEU A 56 -4.90 7.10 1.88
C LEU A 56 -6.13 6.56 1.13
N SER A 57 -7.07 7.46 0.84
CA SER A 57 -8.29 7.09 0.13
C SER A 57 -7.99 6.77 -1.32
N ASN A 58 -6.79 7.12 -1.77
CA ASN A 58 -6.38 6.87 -3.15
C ASN A 58 -5.33 5.75 -3.20
N ILE A 59 -5.40 4.84 -2.24
CA ILE A 59 -4.46 3.72 -2.18
C ILE A 59 -5.20 2.39 -2.27
N LYS A 60 -4.62 1.46 -3.04
CA LYS A 60 -5.22 0.14 -3.21
C LYS A 60 -4.29 -0.95 -2.67
N PRO A 61 -4.87 -1.92 -1.95
CA PRO A 61 -4.11 -3.02 -1.37
C PRO A 61 -3.60 -3.99 -2.43
N VAL A 62 -2.29 -4.26 -2.41
CA VAL A 62 -1.68 -5.16 -3.37
C VAL A 62 -1.62 -6.59 -2.82
N GLN A 63 -1.77 -7.56 -3.71
CA GLN A 63 -1.73 -8.97 -3.32
C GLN A 63 -0.66 -9.21 -2.27
N THR A 64 -0.96 -10.07 -1.29
CA THR A 64 -0.01 -10.39 -0.24
C THR A 64 0.60 -11.78 -0.43
N GLU A 65 1.29 -11.95 -1.56
CA GLU A 65 1.92 -13.23 -1.87
C GLU A 65 3.41 -13.19 -1.56
N ALA A 66 3.75 -12.62 -0.40
CA ALA A 66 5.14 -12.51 0.01
C ALA A 66 5.57 -13.74 0.82
N TRP A 67 5.05 -14.90 0.43
CA TRP A 67 5.37 -16.14 1.13
C TRP A 67 6.87 -16.43 1.06
N VAL A 68 7.61 -15.92 2.04
CA VAL A 68 9.05 -16.13 2.10
C VAL A 68 9.40 -17.44 2.79
N ARG A 69 10.01 -18.35 2.04
CA ARG A 69 10.39 -19.65 2.58
C ARG A 69 11.80 -19.60 3.17
N ASP A 70 11.89 -19.79 4.48
CA ASP A 70 13.18 -19.76 5.16
C ASP A 70 14.23 -20.52 4.37
N PRO A 71 15.48 -20.02 4.40
CA PRO A 71 16.60 -20.64 3.68
C PRO A 71 17.02 -21.98 4.31
N ASN A 72 18.09 -22.55 3.78
CA ASN A 72 18.59 -23.83 4.28
C ASN A 72 20.02 -23.68 4.79
N SER A 73 20.29 -22.57 5.48
CA SER A 73 21.62 -22.31 6.02
C SER A 73 21.96 -23.31 7.13
N GLY A 74 23.17 -23.87 7.05
CA GLY A 74 23.59 -24.82 8.06
C GLY A 74 24.04 -24.16 9.35
N PRO A 75 25.15 -23.41 9.28
CA PRO A 75 25.70 -22.71 10.44
C PRO A 75 24.82 -21.54 10.89
N SER A 76 23.78 -21.26 10.10
CA SER A 76 22.87 -20.16 10.43
C SER A 76 23.62 -18.98 11.02
N SER A 77 24.77 -18.65 10.42
CA SER A 77 25.58 -17.55 10.90
C SER A 77 24.74 -16.27 11.06
N GLY A 78 23.91 -15.99 10.05
CA GLY A 78 23.07 -14.82 10.09
C GLY A 78 22.20 -14.68 8.86
N GLY A 1 -24.64 -7.62 17.47
CA GLY A 1 -24.39 -6.86 16.25
C GLY A 1 -22.99 -6.30 16.19
N SER A 2 -22.75 -5.38 15.26
CA SER A 2 -21.44 -4.78 15.10
C SER A 2 -21.51 -3.27 15.32
N SER A 3 -21.35 -2.85 16.57
CA SER A 3 -21.40 -1.44 16.92
C SER A 3 -20.01 -0.92 17.29
N GLY A 4 -19.32 -0.36 16.30
CA GLY A 4 -17.98 0.17 16.53
C GLY A 4 -16.94 -0.48 15.66
N SER A 5 -16.78 0.05 14.45
CA SER A 5 -15.81 -0.48 13.50
C SER A 5 -14.77 0.57 13.13
N SER A 6 -13.77 0.16 12.36
CA SER A 6 -12.71 1.07 11.93
C SER A 6 -12.53 1.03 10.42
N GLY A 7 -12.33 -0.16 9.89
CA GLY A 7 -12.14 -0.32 8.45
C GLY A 7 -10.78 -0.86 8.10
N LYS A 8 -10.03 -0.12 7.29
CA LYS A 8 -8.70 -0.53 6.88
C LYS A 8 -7.66 0.51 7.27
N VAL A 9 -6.61 0.08 7.96
CA VAL A 9 -5.55 0.98 8.38
C VAL A 9 -4.22 0.61 7.72
N TRP A 10 -3.49 1.64 7.28
CA TRP A 10 -2.20 1.42 6.63
C TRP A 10 -1.07 1.40 7.64
N LYS A 11 0.07 0.87 7.23
CA LYS A 11 1.23 0.77 8.11
C LYS A 11 2.53 0.92 7.32
N PRO A 12 3.58 1.45 7.98
CA PRO A 12 4.89 1.64 7.36
C PRO A 12 5.60 0.32 7.06
N GLY A 13 5.58 -0.08 5.79
CA GLY A 13 6.22 -1.32 5.40
C GLY A 13 5.26 -2.29 4.76
N ASP A 14 4.27 -1.76 4.04
CA ASP A 14 3.28 -2.60 3.37
C ASP A 14 3.15 -2.19 1.90
N GLU A 15 3.32 -3.15 1.00
CA GLU A 15 3.22 -2.90 -0.42
C GLU A 15 1.79 -2.51 -0.80
N CYS A 16 1.65 -1.39 -1.51
CA CYS A 16 0.35 -0.91 -1.93
C CYS A 16 0.44 -0.11 -3.22
N PHE A 17 -0.70 0.21 -3.81
CA PHE A 17 -0.74 0.97 -5.05
C PHE A 17 -1.10 2.43 -4.79
N ALA A 18 -0.24 3.34 -5.25
CA ALA A 18 -0.47 4.77 -5.06
C ALA A 18 -0.71 5.46 -6.40
N LEU A 19 -1.71 6.34 -6.42
CA LEU A 19 -2.05 7.06 -7.64
C LEU A 19 -1.05 8.19 -7.90
N TYR A 20 -0.32 8.07 -9.00
CA TYR A 20 0.68 9.08 -9.36
C TYR A 20 0.05 10.46 -9.47
N TRP A 21 0.86 11.49 -9.27
CA TRP A 21 0.38 12.86 -9.34
C TRP A 21 0.64 13.46 -10.72
N GLU A 22 1.21 12.65 -11.61
CA GLU A 22 1.52 13.10 -12.96
C GLU A 22 0.78 12.26 -13.99
N ASP A 23 0.11 11.21 -13.52
CA ASP A 23 -0.63 10.32 -14.39
C ASP A 23 -2.02 10.03 -13.83
N ASN A 24 -2.10 9.94 -12.50
CA ASN A 24 -3.37 9.66 -11.83
C ASN A 24 -3.76 8.19 -12.00
N LYS A 25 -2.75 7.33 -12.16
CA LYS A 25 -2.99 5.91 -12.33
C LYS A 25 -2.40 5.12 -11.16
N PHE A 26 -3.01 3.97 -10.86
CA PHE A 26 -2.55 3.12 -9.77
C PHE A 26 -1.24 2.43 -10.14
N TYR A 27 -0.22 2.62 -9.32
CA TYR A 27 1.08 2.02 -9.55
C TYR A 27 1.65 1.41 -8.27
N ARG A 28 2.32 0.28 -8.41
CA ARG A 28 2.92 -0.40 -7.27
C ARG A 28 3.71 0.58 -6.40
N ALA A 29 3.63 0.39 -5.09
CA ALA A 29 4.34 1.25 -4.15
C ALA A 29 4.44 0.60 -2.78
N GLU A 30 4.98 1.35 -1.81
CA GLU A 30 5.14 0.84 -0.45
C GLU A 30 4.95 1.96 0.57
N VAL A 31 4.07 1.74 1.54
CA VAL A 31 3.81 2.73 2.58
C VAL A 31 5.09 3.11 3.31
N GLU A 32 5.52 4.36 3.14
CA GLU A 32 6.74 4.84 3.80
C GLU A 32 6.43 5.29 5.22
N ALA A 33 5.45 6.17 5.36
CA ALA A 33 5.06 6.68 6.68
C ALA A 33 3.73 7.42 6.61
N LEU A 34 2.93 7.26 7.65
CA LEU A 34 1.62 7.91 7.71
C LEU A 34 1.71 9.26 8.41
N HIS A 35 0.69 10.09 8.22
CA HIS A 35 0.66 11.41 8.82
C HIS A 35 -0.24 11.42 10.05
N SER A 36 0.32 11.86 11.17
CA SER A 36 -0.43 11.92 12.43
C SER A 36 -1.89 12.26 12.18
N SER A 37 -2.12 13.34 11.43
CA SER A 37 -3.47 13.78 11.11
C SER A 37 -4.36 12.59 10.75
N GLY A 38 -3.97 11.86 9.72
CA GLY A 38 -4.74 10.70 9.30
C GLY A 38 -5.46 10.94 7.98
N MET A 39 -4.79 11.61 7.05
CA MET A 39 -5.37 11.90 5.75
C MET A 39 -4.45 11.44 4.62
N THR A 40 -3.22 11.92 4.64
CA THR A 40 -2.24 11.56 3.62
C THR A 40 -1.07 10.82 4.22
N ALA A 41 -0.30 10.14 3.37
CA ALA A 41 0.86 9.38 3.83
C ALA A 41 1.92 9.30 2.73
N VAL A 42 3.19 9.25 3.15
CA VAL A 42 4.30 9.17 2.21
C VAL A 42 4.47 7.75 1.68
N VAL A 43 4.27 7.57 0.38
CA VAL A 43 4.42 6.26 -0.25
C VAL A 43 5.54 6.26 -1.27
N LYS A 44 6.34 5.19 -1.27
CA LYS A 44 7.45 5.07 -2.20
C LYS A 44 7.09 4.15 -3.36
N PHE A 45 7.27 4.64 -4.58
CA PHE A 45 6.96 3.85 -5.77
C PHE A 45 8.06 2.83 -6.05
N THR A 46 7.71 1.78 -6.78
CA THR A 46 8.65 0.73 -7.12
C THR A 46 9.27 0.95 -8.49
N ASP A 47 8.50 1.57 -9.38
CA ASP A 47 8.97 1.85 -10.73
C ASP A 47 10.27 2.67 -10.70
N TYR A 48 10.18 3.87 -10.14
CA TYR A 48 11.35 4.75 -10.05
C TYR A 48 12.00 4.65 -8.66
N GLY A 49 11.19 4.86 -7.63
CA GLY A 49 11.70 4.79 -6.27
C GLY A 49 11.71 6.15 -5.59
N ASN A 50 10.72 6.97 -5.90
CA ASN A 50 10.62 8.30 -5.30
C ASN A 50 9.41 8.39 -4.38
N TYR A 51 9.46 9.35 -3.46
CA TYR A 51 8.38 9.55 -2.49
C TYR A 51 7.36 10.54 -3.03
N GLU A 52 6.08 10.24 -2.81
CA GLU A 52 4.99 11.10 -3.27
C GLU A 52 3.85 11.13 -2.25
N GLU A 53 3.43 12.34 -1.90
CA GLU A 53 2.35 12.51 -0.93
C GLU A 53 0.99 12.18 -1.57
N VAL A 54 0.45 11.02 -1.21
CA VAL A 54 -0.83 10.58 -1.73
C VAL A 54 -1.82 10.29 -0.61
N LEU A 55 -3.09 10.56 -0.87
CA LEU A 55 -4.14 10.33 0.13
C LEU A 55 -4.36 8.84 0.35
N LEU A 56 -4.66 8.46 1.59
CA LEU A 56 -4.89 7.07 1.94
C LEU A 56 -6.12 6.52 1.21
N SER A 57 -7.02 7.41 0.82
CA SER A 57 -8.23 7.02 0.12
C SER A 57 -7.94 6.74 -1.35
N ASN A 58 -6.70 6.98 -1.76
CA ASN A 58 -6.29 6.75 -3.13
C ASN A 58 -5.28 5.60 -3.22
N ILE A 59 -5.28 4.76 -2.19
CA ILE A 59 -4.37 3.62 -2.16
C ILE A 59 -5.14 2.30 -2.16
N LYS A 60 -4.72 1.38 -3.00
CA LYS A 60 -5.37 0.07 -3.10
C LYS A 60 -4.43 -1.04 -2.61
N PRO A 61 -4.99 -1.95 -1.79
CA PRO A 61 -4.22 -3.07 -1.24
C PRO A 61 -3.86 -4.10 -2.30
N VAL A 62 -2.56 -4.32 -2.49
CA VAL A 62 -2.07 -5.28 -3.47
C VAL A 62 -2.01 -6.69 -2.88
N GLN A 63 -2.38 -7.68 -3.68
CA GLN A 63 -2.36 -9.06 -3.24
C GLN A 63 -0.95 -9.48 -2.82
N THR A 64 -0.86 -10.60 -2.10
CA THR A 64 0.44 -11.10 -1.65
C THR A 64 0.65 -12.54 -2.11
N GLU A 65 1.91 -12.86 -2.42
CA GLU A 65 2.25 -14.20 -2.88
C GLU A 65 2.65 -15.10 -1.71
N ALA A 66 1.82 -15.12 -0.68
CA ALA A 66 2.08 -15.93 0.51
C ALA A 66 2.45 -17.36 0.12
N TRP A 67 1.86 -17.84 -0.98
CA TRP A 67 2.12 -19.19 -1.45
C TRP A 67 1.81 -19.32 -2.93
N VAL A 68 2.31 -20.40 -3.55
CA VAL A 68 2.06 -20.63 -4.97
C VAL A 68 1.16 -21.84 -5.18
N ARG A 69 -0.03 -21.60 -5.72
CA ARG A 69 -0.99 -22.67 -5.96
C ARG A 69 -1.14 -22.93 -7.47
N ASP A 70 -1.37 -21.86 -8.23
CA ASP A 70 -1.53 -21.97 -9.67
C ASP A 70 -0.23 -21.62 -10.39
N PRO A 71 0.05 -22.34 -11.48
CA PRO A 71 1.26 -22.13 -12.29
C PRO A 71 1.23 -20.81 -13.03
N ASN A 72 2.22 -20.60 -13.90
CA ASN A 72 2.31 -19.37 -14.68
C ASN A 72 1.05 -19.17 -15.53
N SER A 73 0.69 -17.92 -15.76
CA SER A 73 -0.49 -17.59 -16.57
C SER A 73 -0.32 -18.06 -18.00
N GLY A 74 -1.38 -17.93 -18.79
CA GLY A 74 -1.33 -18.34 -20.19
C GLY A 74 -1.14 -17.18 -21.13
N PRO A 75 -0.69 -17.47 -22.36
CA PRO A 75 -0.46 -16.45 -23.38
C PRO A 75 -1.76 -15.86 -23.90
N SER A 76 -1.98 -14.58 -23.62
CA SER A 76 -3.20 -13.90 -24.06
C SER A 76 -2.93 -13.10 -25.33
N SER A 77 -3.99 -12.48 -25.86
CA SER A 77 -3.87 -11.69 -27.08
C SER A 77 -3.34 -10.30 -26.78
N GLY A 78 -4.04 -9.57 -25.90
CA GLY A 78 -3.62 -8.23 -25.55
C GLY A 78 -4.23 -7.17 -26.43
N GLY A 1 -13.21 -10.49 15.88
CA GLY A 1 -14.18 -9.90 14.99
C GLY A 1 -14.08 -8.38 14.93
N SER A 2 -14.55 -7.80 13.84
CA SER A 2 -14.50 -6.36 13.66
C SER A 2 -15.89 -5.80 13.35
N SER A 3 -16.27 -4.73 14.05
CA SER A 3 -17.57 -4.11 13.87
C SER A 3 -17.66 -3.46 12.48
N GLY A 4 -18.29 -4.17 11.55
CA GLY A 4 -18.44 -3.65 10.19
C GLY A 4 -17.19 -3.86 9.36
N SER A 5 -17.38 -4.22 8.10
CA SER A 5 -16.26 -4.46 7.19
C SER A 5 -15.33 -3.24 7.14
N SER A 6 -15.93 -2.06 7.04
CA SER A 6 -15.16 -0.82 6.98
C SER A 6 -14.16 -0.75 8.13
N GLY A 7 -12.88 -0.75 7.79
CA GLY A 7 -11.85 -0.68 8.81
C GLY A 7 -10.47 -1.00 8.26
N LYS A 8 -9.99 -0.17 7.34
CA LYS A 8 -8.68 -0.37 6.75
C LYS A 8 -7.64 0.55 7.38
N VAL A 9 -6.49 -0.02 7.71
CA VAL A 9 -5.41 0.76 8.33
C VAL A 9 -4.08 0.49 7.64
N TRP A 10 -3.38 1.55 7.29
CA TRP A 10 -2.07 1.42 6.62
C TRP A 10 -0.95 1.38 7.64
N LYS A 11 0.20 0.86 7.22
CA LYS A 11 1.36 0.75 8.10
C LYS A 11 2.65 0.82 7.30
N PRO A 12 3.74 1.25 7.95
CA PRO A 12 5.06 1.37 7.32
C PRO A 12 5.67 0.01 7.01
N GLY A 13 5.71 -0.35 5.72
CA GLY A 13 6.27 -1.61 5.32
C GLY A 13 5.27 -2.51 4.64
N ASP A 14 4.37 -1.91 3.86
CA ASP A 14 3.34 -2.66 3.15
C ASP A 14 3.22 -2.18 1.71
N GLU A 15 3.23 -3.12 0.77
CA GLU A 15 3.12 -2.80 -0.65
C GLU A 15 1.69 -2.37 -1.00
N CYS A 16 1.57 -1.22 -1.65
CA CYS A 16 0.27 -0.70 -2.04
C CYS A 16 0.37 0.09 -3.34
N PHE A 17 -0.77 0.39 -3.94
CA PHE A 17 -0.82 1.15 -5.19
C PHE A 17 -1.22 2.60 -4.93
N ALA A 18 -0.34 3.52 -5.30
CA ALA A 18 -0.61 4.94 -5.12
C ALA A 18 -0.81 5.65 -6.46
N LEU A 19 -1.83 6.48 -6.55
CA LEU A 19 -2.13 7.21 -7.77
C LEU A 19 -1.14 8.35 -7.97
N TYR A 20 -0.47 8.35 -9.12
CA TYR A 20 0.51 9.38 -9.44
C TYR A 20 -0.16 10.75 -9.54
N TRP A 21 0.62 11.80 -9.33
CA TRP A 21 0.11 13.16 -9.39
C TRP A 21 0.38 13.78 -10.75
N GLU A 22 0.99 13.01 -11.65
CA GLU A 22 1.32 13.48 -12.99
C GLU A 22 0.64 12.61 -14.05
N ASP A 23 0.06 11.51 -13.60
CA ASP A 23 -0.61 10.58 -14.52
C ASP A 23 -2.00 10.22 -13.99
N ASN A 24 -2.11 10.10 -12.67
CA ASN A 24 -3.38 9.75 -12.04
C ASN A 24 -3.69 8.27 -12.24
N LYS A 25 -2.65 7.45 -12.26
CA LYS A 25 -2.82 6.01 -12.44
C LYS A 25 -2.22 5.25 -11.26
N PHE A 26 -2.86 4.14 -10.90
CA PHE A 26 -2.40 3.31 -9.79
C PHE A 26 -1.09 2.61 -10.14
N TYR A 27 -0.08 2.82 -9.29
CA TYR A 27 1.23 2.22 -9.51
C TYR A 27 1.74 1.54 -8.23
N ARG A 28 2.42 0.42 -8.39
CA ARG A 28 2.96 -0.33 -7.26
C ARG A 28 3.80 0.59 -6.37
N ALA A 29 3.67 0.41 -5.06
CA ALA A 29 4.42 1.22 -4.10
C ALA A 29 4.49 0.54 -2.74
N GLU A 30 5.06 1.23 -1.76
CA GLU A 30 5.18 0.68 -0.41
C GLU A 30 5.04 1.78 0.63
N VAL A 31 4.10 1.59 1.56
CA VAL A 31 3.85 2.56 2.61
C VAL A 31 5.16 2.94 3.31
N GLU A 32 5.52 4.21 3.20
CA GLU A 32 6.74 4.71 3.82
C GLU A 32 6.48 5.18 5.25
N ALA A 33 5.54 6.11 5.40
CA ALA A 33 5.18 6.64 6.71
C ALA A 33 3.84 7.34 6.67
N LEU A 34 3.00 7.07 7.65
CA LEU A 34 1.67 7.67 7.73
C LEU A 34 1.76 9.07 8.36
N HIS A 35 0.65 9.80 8.30
CA HIS A 35 0.60 11.14 8.87
C HIS A 35 -0.08 11.13 10.24
N SER A 36 0.02 12.24 10.95
CA SER A 36 -0.57 12.35 12.28
C SER A 36 -2.09 12.47 12.18
N SER A 37 -2.56 13.48 11.45
CA SER A 37 -3.98 13.71 11.27
C SER A 37 -4.67 12.46 10.76
N GLY A 38 -4.26 12.00 9.58
CA GLY A 38 -4.85 10.81 8.99
C GLY A 38 -5.54 11.09 7.67
N MET A 39 -4.93 11.95 6.87
CA MET A 39 -5.49 12.30 5.56
C MET A 39 -4.62 11.76 4.43
N THR A 40 -3.31 11.98 4.55
CA THR A 40 -2.36 11.51 3.54
C THR A 40 -1.22 10.72 4.17
N ALA A 41 -0.43 10.07 3.32
CA ALA A 41 0.70 9.27 3.80
C ALA A 41 1.80 9.19 2.74
N VAL A 42 3.05 9.21 3.20
CA VAL A 42 4.19 9.14 2.29
C VAL A 42 4.40 7.71 1.80
N VAL A 43 4.23 7.51 0.49
CA VAL A 43 4.41 6.19 -0.11
C VAL A 43 5.49 6.22 -1.17
N LYS A 44 6.36 5.21 -1.15
CA LYS A 44 7.45 5.11 -2.12
C LYS A 44 7.08 4.16 -3.26
N PHE A 45 7.24 4.64 -4.48
CA PHE A 45 6.92 3.82 -5.66
C PHE A 45 7.98 2.73 -5.87
N THR A 46 7.67 1.78 -6.74
CA THR A 46 8.58 0.68 -7.02
C THR A 46 9.24 0.86 -8.39
N ASP A 47 8.49 1.41 -9.34
CA ASP A 47 8.99 1.63 -10.69
C ASP A 47 10.41 2.18 -10.65
N TYR A 48 10.62 3.21 -9.82
CA TYR A 48 11.93 3.82 -9.70
C TYR A 48 12.37 3.87 -8.23
N GLY A 49 11.46 4.32 -7.36
CA GLY A 49 11.77 4.41 -5.96
C GLY A 49 11.69 5.83 -5.43
N ASN A 50 10.67 6.57 -5.87
CA ASN A 50 10.48 7.95 -5.44
C ASN A 50 9.25 8.07 -4.55
N TYR A 51 9.31 9.00 -3.59
CA TYR A 51 8.20 9.23 -2.68
C TYR A 51 7.18 10.18 -3.28
N GLU A 52 5.95 10.10 -2.79
CA GLU A 52 4.88 10.95 -3.29
C GLU A 52 3.73 11.02 -2.28
N GLU A 53 3.29 12.24 -1.97
CA GLU A 53 2.20 12.44 -1.02
C GLU A 53 0.86 12.11 -1.67
N VAL A 54 0.31 10.95 -1.33
CA VAL A 54 -0.97 10.52 -1.87
C VAL A 54 -1.99 10.30 -0.76
N LEU A 55 -3.25 10.62 -1.04
CA LEU A 55 -4.32 10.44 -0.07
C LEU A 55 -4.55 8.97 0.23
N LEU A 56 -4.84 8.67 1.49
CA LEU A 56 -5.09 7.30 1.91
C LEU A 56 -6.23 6.68 1.11
N SER A 57 -7.22 7.51 0.76
CA SER A 57 -8.37 7.04 0.00
C SER A 57 -7.98 6.73 -1.44
N ASN A 58 -6.75 7.07 -1.80
CA ASN A 58 -6.25 6.81 -3.15
C ASN A 58 -5.17 5.74 -3.14
N ILE A 59 -5.22 4.86 -2.15
CA ILE A 59 -4.25 3.79 -2.04
C ILE A 59 -4.93 2.43 -1.90
N LYS A 60 -4.37 1.42 -2.55
CA LYS A 60 -4.93 0.07 -2.50
C LYS A 60 -3.88 -0.93 -2.06
N PRO A 61 -4.29 -1.90 -1.23
CA PRO A 61 -3.39 -2.94 -0.72
C PRO A 61 -2.97 -3.92 -1.80
N VAL A 62 -1.69 -4.28 -1.80
CA VAL A 62 -1.15 -5.21 -2.79
C VAL A 62 -1.22 -6.65 -2.27
N GLN A 63 -1.55 -7.58 -3.16
CA GLN A 63 -1.64 -8.99 -2.81
C GLN A 63 -0.33 -9.48 -2.21
N THR A 64 -0.41 -10.17 -1.08
CA THR A 64 0.76 -10.71 -0.41
C THR A 64 0.77 -12.23 -0.42
N GLU A 65 1.94 -12.82 -0.25
CA GLU A 65 2.08 -14.28 -0.23
C GLU A 65 1.07 -14.90 0.73
N ALA A 66 0.85 -16.20 0.57
CA ALA A 66 -0.09 -16.92 1.43
C ALA A 66 -1.49 -16.37 1.28
N TRP A 67 -1.82 -15.89 0.09
CA TRP A 67 -3.15 -15.33 -0.18
C TRP A 67 -4.24 -16.22 0.39
N VAL A 68 -5.29 -15.60 0.92
CA VAL A 68 -6.41 -16.35 1.49
C VAL A 68 -7.70 -15.55 1.39
N ARG A 69 -8.82 -16.27 1.27
CA ARG A 69 -10.13 -15.63 1.17
C ARG A 69 -10.57 -15.06 2.50
N ASP A 70 -10.41 -15.86 3.56
CA ASP A 70 -10.79 -15.43 4.91
C ASP A 70 -10.34 -16.45 5.94
N PRO A 71 -9.94 -15.95 7.13
CA PRO A 71 -9.48 -16.79 8.23
C PRO A 71 -10.60 -17.61 8.84
N ASN A 72 -11.83 -17.09 8.75
CA ASN A 72 -12.99 -17.78 9.30
C ASN A 72 -14.11 -17.85 8.27
N SER A 73 -15.01 -18.82 8.44
CA SER A 73 -16.13 -19.00 7.53
C SER A 73 -17.23 -17.98 7.82
N GLY A 74 -17.53 -17.14 6.83
CA GLY A 74 -18.56 -16.13 6.98
C GLY A 74 -19.43 -16.00 5.75
N PRO A 75 -20.66 -15.48 5.95
CA PRO A 75 -21.62 -15.29 4.86
C PRO A 75 -21.19 -14.18 3.90
N SER A 76 -21.75 -14.20 2.70
CA SER A 76 -21.42 -13.20 1.69
C SER A 76 -22.40 -13.27 0.51
N SER A 77 -22.25 -12.36 -0.43
CA SER A 77 -23.11 -12.30 -1.60
C SER A 77 -22.30 -12.48 -2.89
N GLY A 78 -22.94 -13.05 -3.91
CA GLY A 78 -22.26 -13.25 -5.18
C GLY A 78 -23.22 -13.62 -6.30
N GLY A 1 -10.64 13.98 17.32
CA GLY A 1 -12.02 13.54 17.28
C GLY A 1 -12.23 12.19 17.93
N SER A 2 -13.26 12.08 18.75
CA SER A 2 -13.55 10.83 19.44
C SER A 2 -14.34 9.88 18.54
N SER A 3 -15.49 10.35 18.06
CA SER A 3 -16.34 9.54 17.19
C SER A 3 -15.81 9.56 15.75
N GLY A 4 -15.04 8.54 15.40
CA GLY A 4 -14.48 8.46 14.06
C GLY A 4 -14.68 7.09 13.43
N SER A 5 -15.09 7.07 12.17
CA SER A 5 -15.33 5.82 11.46
C SER A 5 -14.15 5.47 10.57
N SER A 6 -13.28 4.59 11.05
CA SER A 6 -12.10 4.17 10.30
C SER A 6 -12.20 2.69 9.92
N GLY A 7 -11.89 2.40 8.66
CA GLY A 7 -11.93 1.02 8.20
C GLY A 7 -10.56 0.42 8.01
N LYS A 8 -10.12 0.33 6.76
CA LYS A 8 -8.80 -0.24 6.45
C LYS A 8 -7.70 0.75 6.83
N VAL A 9 -6.85 0.34 7.77
CA VAL A 9 -5.75 1.18 8.22
C VAL A 9 -4.43 0.74 7.59
N TRP A 10 -3.63 1.71 7.17
CA TRP A 10 -2.34 1.43 6.55
C TRP A 10 -1.24 1.38 7.58
N LYS A 11 -0.04 0.97 7.17
CA LYS A 11 1.10 0.88 8.06
C LYS A 11 2.41 1.05 7.29
N PRO A 12 3.43 1.57 7.97
CA PRO A 12 4.75 1.79 7.38
C PRO A 12 5.49 0.49 7.07
N GLY A 13 5.46 0.07 5.82
CA GLY A 13 6.12 -1.16 5.42
C GLY A 13 5.17 -2.16 4.80
N ASP A 14 4.22 -1.66 4.01
CA ASP A 14 3.25 -2.52 3.36
C ASP A 14 3.06 -2.12 1.90
N GLU A 15 3.45 -3.00 0.98
CA GLU A 15 3.33 -2.74 -0.45
C GLU A 15 1.89 -2.37 -0.80
N CYS A 16 1.72 -1.24 -1.47
CA CYS A 16 0.40 -0.78 -1.87
C CYS A 16 0.47 -0.04 -3.21
N PHE A 17 -0.69 0.35 -3.72
CA PHE A 17 -0.77 1.05 -5.00
C PHE A 17 -1.09 2.53 -4.78
N ALA A 18 -0.25 3.40 -5.33
CA ALA A 18 -0.45 4.84 -5.19
C ALA A 18 -0.80 5.47 -6.54
N LEU A 19 -1.75 6.39 -6.52
CA LEU A 19 -2.18 7.07 -7.73
C LEU A 19 -1.27 8.27 -8.03
N TYR A 20 -0.43 8.14 -9.06
CA TYR A 20 0.47 9.21 -9.44
C TYR A 20 -0.24 10.56 -9.45
N TRP A 21 0.44 11.60 -8.99
CA TRP A 21 -0.12 12.94 -8.95
C TRP A 21 0.04 13.64 -10.29
N GLU A 22 0.61 12.92 -11.26
CA GLU A 22 0.81 13.48 -12.59
C GLU A 22 0.07 12.66 -13.64
N ASP A 23 -0.07 11.37 -13.39
CA ASP A 23 -0.76 10.48 -14.31
C ASP A 23 -2.09 10.02 -13.73
N ASN A 24 -2.19 10.05 -12.41
CA ASN A 24 -3.41 9.63 -11.72
C ASN A 24 -3.71 8.16 -11.99
N LYS A 25 -2.65 7.37 -12.12
CA LYS A 25 -2.80 5.94 -12.38
C LYS A 25 -2.23 5.12 -11.23
N PHE A 26 -2.89 4.00 -10.91
CA PHE A 26 -2.45 3.13 -9.83
C PHE A 26 -1.11 2.48 -10.17
N TYR A 27 -0.08 2.83 -9.41
CA TYR A 27 1.25 2.28 -9.63
C TYR A 27 1.79 1.61 -8.36
N ARG A 28 2.50 0.50 -8.53
CA ARG A 28 3.06 -0.22 -7.40
C ARG A 28 3.86 0.71 -6.49
N ALA A 29 3.72 0.52 -5.18
CA ALA A 29 4.42 1.34 -4.21
C ALA A 29 4.45 0.67 -2.84
N GLU A 30 4.98 1.38 -1.86
CA GLU A 30 5.07 0.85 -0.49
C GLU A 30 4.91 1.96 0.54
N VAL A 31 4.03 1.73 1.51
CA VAL A 31 3.78 2.71 2.56
C VAL A 31 5.06 3.03 3.33
N GLU A 32 5.47 4.29 3.27
CA GLU A 32 6.68 4.74 3.96
C GLU A 32 6.36 5.19 5.38
N ALA A 33 5.54 6.24 5.49
CA ALA A 33 5.16 6.78 6.79
C ALA A 33 3.80 7.47 6.71
N LEU A 34 2.94 7.19 7.68
CA LEU A 34 1.62 7.79 7.73
C LEU A 34 1.65 9.13 8.45
N HIS A 35 0.59 9.93 8.26
CA HIS A 35 0.50 11.24 8.89
C HIS A 35 -0.07 11.12 10.29
N SER A 36 -0.05 12.23 11.04
CA SER A 36 -0.56 12.26 12.40
C SER A 36 -2.08 12.36 12.41
N SER A 37 -2.59 13.40 11.76
CA SER A 37 -4.03 13.63 11.69
C SER A 37 -4.75 12.42 11.11
N GLY A 38 -4.34 12.02 9.90
CA GLY A 38 -4.96 10.87 9.25
C GLY A 38 -5.61 11.24 7.94
N MET A 39 -4.82 11.75 7.00
CA MET A 39 -5.34 12.13 5.70
C MET A 39 -4.45 11.60 4.58
N THR A 40 -3.20 12.03 4.58
CA THR A 40 -2.24 11.60 3.55
C THR A 40 -1.12 10.77 4.17
N ALA A 41 -0.31 10.15 3.31
CA ALA A 41 0.81 9.33 3.77
C ALA A 41 1.89 9.25 2.71
N VAL A 42 3.15 9.27 3.16
CA VAL A 42 4.29 9.20 2.25
C VAL A 42 4.48 7.78 1.73
N VAL A 43 4.19 7.58 0.45
CA VAL A 43 4.33 6.27 -0.17
C VAL A 43 5.43 6.28 -1.24
N LYS A 44 6.26 5.26 -1.23
CA LYS A 44 7.35 5.15 -2.20
C LYS A 44 6.98 4.20 -3.33
N PHE A 45 7.09 4.68 -4.57
CA PHE A 45 6.76 3.87 -5.74
C PHE A 45 7.83 2.82 -5.98
N THR A 46 7.54 1.88 -6.88
CA THR A 46 8.47 0.81 -7.20
C THR A 46 9.10 1.03 -8.58
N ASP A 47 8.28 1.47 -9.52
CA ASP A 47 8.75 1.72 -10.89
C ASP A 47 10.12 2.37 -10.87
N TYR A 48 10.29 3.37 -10.03
CA TYR A 48 11.56 4.08 -9.92
C TYR A 48 12.09 4.06 -8.49
N GLY A 49 11.21 4.39 -7.55
CA GLY A 49 11.60 4.41 -6.15
C GLY A 49 11.58 5.80 -5.55
N ASN A 50 10.58 6.59 -5.94
CA ASN A 50 10.46 7.96 -5.45
C ASN A 50 9.23 8.09 -4.54
N TYR A 51 9.34 8.94 -3.52
CA TYR A 51 8.24 9.16 -2.59
C TYR A 51 7.25 10.17 -3.14
N GLU A 52 5.98 10.01 -2.79
CA GLU A 52 4.93 10.91 -3.25
C GLU A 52 3.79 10.97 -2.24
N GLU A 53 3.39 12.19 -1.90
CA GLU A 53 2.31 12.40 -0.94
C GLU A 53 0.95 12.07 -1.57
N VAL A 54 0.46 10.86 -1.30
CA VAL A 54 -0.82 10.42 -1.82
C VAL A 54 -1.83 10.19 -0.70
N LEU A 55 -3.10 10.46 -1.01
CA LEU A 55 -4.17 10.28 -0.02
C LEU A 55 -4.43 8.80 0.23
N LEU A 56 -4.58 8.45 1.50
CA LEU A 56 -4.84 7.07 1.89
C LEU A 56 -6.04 6.51 1.14
N SER A 57 -7.03 7.38 0.89
CA SER A 57 -8.24 6.96 0.18
C SER A 57 -7.93 6.60 -1.27
N ASN A 58 -6.77 7.06 -1.75
CA ASN A 58 -6.35 6.77 -3.12
C ASN A 58 -5.27 5.70 -3.15
N ILE A 59 -5.32 4.79 -2.18
CA ILE A 59 -4.35 3.71 -2.09
C ILE A 59 -5.03 2.35 -2.06
N LYS A 60 -4.57 1.44 -2.92
CA LYS A 60 -5.14 0.10 -2.99
C LYS A 60 -4.19 -0.92 -2.37
N PRO A 61 -4.76 -1.87 -1.61
CA PRO A 61 -3.98 -2.92 -0.95
C PRO A 61 -3.42 -3.93 -1.94
N VAL A 62 -2.09 -4.07 -1.94
CA VAL A 62 -1.42 -5.00 -2.84
C VAL A 62 -1.32 -6.38 -2.21
N GLN A 63 -1.60 -7.40 -3.02
CA GLN A 63 -1.54 -8.79 -2.55
C GLN A 63 -0.15 -9.12 -2.01
N THR A 64 -0.08 -10.16 -1.19
CA THR A 64 1.19 -10.58 -0.59
C THR A 64 1.63 -11.92 -1.16
N GLU A 65 2.91 -12.25 -0.97
CA GLU A 65 3.46 -13.50 -1.47
C GLU A 65 3.92 -14.38 -0.31
N ALA A 66 3.04 -15.28 0.12
CA ALA A 66 3.37 -16.19 1.22
C ALA A 66 3.56 -17.61 0.72
N TRP A 67 4.25 -17.75 -0.40
CA TRP A 67 4.52 -19.05 -0.99
C TRP A 67 4.83 -20.08 0.09
N VAL A 68 4.24 -21.27 -0.05
CA VAL A 68 4.46 -22.34 0.92
C VAL A 68 5.44 -23.38 0.37
N ARG A 69 6.53 -23.60 1.10
CA ARG A 69 7.54 -24.57 0.69
C ARG A 69 8.07 -25.34 1.90
N ASP A 70 8.35 -26.63 1.69
CA ASP A 70 8.86 -27.48 2.75
C ASP A 70 9.97 -26.77 3.53
N PRO A 71 10.05 -27.06 4.84
CA PRO A 71 11.07 -26.46 5.72
C PRO A 71 12.47 -26.97 5.40
N ASN A 72 13.28 -26.10 4.78
CA ASN A 72 14.65 -26.47 4.44
C ASN A 72 15.41 -26.97 5.66
N SER A 73 16.37 -27.86 5.42
CA SER A 73 17.17 -28.43 6.51
C SER A 73 17.59 -27.34 7.49
N GLY A 74 18.34 -26.35 6.98
CA GLY A 74 18.80 -25.27 7.82
C GLY A 74 18.88 -23.95 7.08
N PRO A 75 17.75 -23.22 7.03
CA PRO A 75 17.68 -21.93 6.34
C PRO A 75 18.46 -20.84 7.07
N SER A 76 19.07 -19.94 6.29
CA SER A 76 19.85 -18.85 6.86
C SER A 76 19.16 -18.27 8.09
N SER A 77 19.84 -18.33 9.23
CA SER A 77 19.29 -17.81 10.48
C SER A 77 18.97 -16.33 10.35
N GLY A 78 17.74 -15.96 10.70
CA GLY A 78 17.34 -14.57 10.62
C GLY A 78 17.30 -13.89 11.98
N GLY A 1 -14.04 -9.58 21.67
CA GLY A 1 -14.35 -8.36 20.94
C GLY A 1 -14.89 -8.64 19.54
N SER A 2 -14.64 -7.72 18.62
CA SER A 2 -15.11 -7.88 17.25
C SER A 2 -14.23 -7.09 16.28
N SER A 3 -14.50 -7.26 14.98
CA SER A 3 -13.72 -6.57 13.96
C SER A 3 -14.40 -5.27 13.55
N GLY A 4 -15.71 -5.32 13.36
CA GLY A 4 -16.45 -4.13 12.98
C GLY A 4 -17.14 -4.29 11.62
N SER A 5 -17.77 -3.22 11.16
CA SER A 5 -18.48 -3.25 9.89
C SER A 5 -17.52 -2.99 8.73
N SER A 6 -16.71 -1.94 8.86
CA SER A 6 -15.74 -1.59 7.83
C SER A 6 -14.60 -0.75 8.41
N GLY A 7 -13.40 -0.96 7.88
CA GLY A 7 -12.24 -0.21 8.36
C GLY A 7 -10.94 -0.74 7.79
N LYS A 8 -10.20 0.12 7.13
CA LYS A 8 -8.92 -0.26 6.53
C LYS A 8 -7.81 0.71 6.94
N VAL A 9 -6.89 0.22 7.77
CA VAL A 9 -5.78 1.05 8.24
C VAL A 9 -4.48 0.67 7.53
N TRP A 10 -3.68 1.67 7.21
CA TRP A 10 -2.40 1.45 6.53
C TRP A 10 -1.25 1.41 7.53
N LYS A 11 -0.14 0.81 7.12
CA LYS A 11 1.04 0.70 7.98
C LYS A 11 2.32 0.91 7.17
N PRO A 12 3.35 1.45 7.83
CA PRO A 12 4.65 1.70 7.20
C PRO A 12 5.40 0.41 6.88
N GLY A 13 5.52 0.11 5.59
CA GLY A 13 6.21 -1.09 5.17
C GLY A 13 5.28 -2.13 4.58
N ASP A 14 4.25 -1.67 3.89
CA ASP A 14 3.28 -2.56 3.26
C ASP A 14 3.07 -2.20 1.80
N GLU A 15 3.34 -3.15 0.91
CA GLU A 15 3.18 -2.93 -0.52
C GLU A 15 1.75 -2.53 -0.85
N CYS A 16 1.61 -1.37 -1.50
CA CYS A 16 0.29 -0.87 -1.88
C CYS A 16 0.37 -0.07 -3.17
N PHE A 17 -0.78 0.14 -3.80
CA PHE A 17 -0.85 0.89 -5.05
C PHE A 17 -1.27 2.34 -4.80
N ALA A 18 -0.38 3.27 -5.10
CA ALA A 18 -0.65 4.68 -4.92
C ALA A 18 -0.77 5.40 -6.26
N LEU A 19 -1.77 6.26 -6.38
CA LEU A 19 -2.00 7.02 -7.61
C LEU A 19 -0.98 8.13 -7.75
N TYR A 20 -0.46 8.30 -8.97
CA TYR A 20 0.53 9.33 -9.24
C TYR A 20 -0.11 10.71 -9.26
N TRP A 21 0.73 11.75 -9.24
CA TRP A 21 0.24 13.12 -9.26
C TRP A 21 0.42 13.75 -10.63
N GLU A 22 1.01 13.00 -11.56
CA GLU A 22 1.25 13.49 -12.91
C GLU A 22 0.57 12.58 -13.94
N ASP A 23 0.11 11.43 -13.48
CA ASP A 23 -0.56 10.47 -14.36
C ASP A 23 -1.92 10.07 -13.80
N ASN A 24 -2.05 10.10 -12.48
CA ASN A 24 -3.30 9.73 -11.83
C ASN A 24 -3.63 8.26 -12.04
N LYS A 25 -2.58 7.45 -12.18
CA LYS A 25 -2.76 6.01 -12.39
C LYS A 25 -2.16 5.22 -11.24
N PHE A 26 -2.82 4.11 -10.88
CA PHE A 26 -2.36 3.27 -9.80
C PHE A 26 -1.02 2.61 -10.15
N TYR A 27 -0.03 2.80 -9.29
CA TYR A 27 1.29 2.23 -9.51
C TYR A 27 1.81 1.55 -8.25
N ARG A 28 2.55 0.46 -8.42
CA ARG A 28 3.12 -0.27 -7.30
C ARG A 28 3.90 0.66 -6.38
N ALA A 29 3.77 0.44 -5.08
CA ALA A 29 4.47 1.25 -4.09
C ALA A 29 4.46 0.59 -2.71
N GLU A 30 4.98 1.30 -1.72
CA GLU A 30 5.02 0.77 -0.36
C GLU A 30 4.90 1.90 0.67
N VAL A 31 3.88 1.82 1.51
CA VAL A 31 3.65 2.83 2.53
C VAL A 31 4.95 3.16 3.27
N GLU A 32 5.50 4.34 3.00
CA GLU A 32 6.74 4.76 3.64
C GLU A 32 6.48 5.21 5.07
N ALA A 33 5.57 6.16 5.24
CA ALA A 33 5.22 6.67 6.56
C ALA A 33 3.88 7.42 6.53
N LEU A 34 3.01 7.07 7.46
CA LEU A 34 1.70 7.71 7.55
C LEU A 34 1.77 9.02 8.31
N HIS A 35 0.73 9.84 8.19
CA HIS A 35 0.68 11.13 8.87
C HIS A 35 -0.23 11.05 10.10
N SER A 36 0.11 11.83 11.12
CA SER A 36 -0.67 11.84 12.36
C SER A 36 -2.11 12.26 12.09
N SER A 37 -2.27 13.42 11.44
CA SER A 37 -3.60 13.93 11.12
C SER A 37 -4.53 12.81 10.68
N GLY A 38 -4.03 11.96 9.78
CA GLY A 38 -4.82 10.85 9.28
C GLY A 38 -5.53 11.18 7.99
N MET A 39 -4.83 11.86 7.09
CA MET A 39 -5.40 12.25 5.80
C MET A 39 -4.54 11.72 4.65
N THR A 40 -3.26 12.08 4.67
CA THR A 40 -2.34 11.64 3.63
C THR A 40 -1.14 10.91 4.22
N ALA A 41 -0.34 10.29 3.36
CA ALA A 41 0.83 9.55 3.80
C ALA A 41 1.91 9.52 2.71
N VAL A 42 3.15 9.31 3.12
CA VAL A 42 4.27 9.26 2.17
C VAL A 42 4.50 7.83 1.69
N VAL A 43 4.22 7.59 0.41
CA VAL A 43 4.41 6.27 -0.18
C VAL A 43 5.52 6.29 -1.23
N LYS A 44 6.40 5.30 -1.18
CA LYS A 44 7.49 5.21 -2.13
C LYS A 44 7.16 4.23 -3.25
N PHE A 45 7.29 4.71 -4.49
CA PHE A 45 6.99 3.88 -5.65
C PHE A 45 8.09 2.83 -5.86
N THR A 46 7.78 1.83 -6.69
CA THR A 46 8.74 0.76 -6.98
C THR A 46 9.31 0.89 -8.38
N ASP A 47 8.48 1.37 -9.31
CA ASP A 47 8.90 1.54 -10.69
C ASP A 47 10.23 2.29 -10.76
N TYR A 48 10.36 3.33 -9.95
CA TYR A 48 11.57 4.13 -9.91
C TYR A 48 12.19 4.14 -8.52
N GLY A 49 11.37 4.43 -7.51
CA GLY A 49 11.85 4.46 -6.15
C GLY A 49 11.79 5.86 -5.55
N ASN A 50 10.75 6.60 -5.90
CA ASN A 50 10.58 7.96 -5.39
C ASN A 50 9.38 8.03 -4.44
N TYR A 51 9.31 9.14 -3.69
CA TYR A 51 8.21 9.34 -2.74
C TYR A 51 7.19 10.33 -3.28
N GLU A 52 5.96 10.20 -2.82
CA GLU A 52 4.88 11.08 -3.26
C GLU A 52 3.75 11.10 -2.24
N GLU A 53 3.28 12.31 -1.91
CA GLU A 53 2.19 12.46 -0.95
C GLU A 53 0.86 12.11 -1.58
N VAL A 54 0.33 10.93 -1.24
CA VAL A 54 -0.94 10.47 -1.77
C VAL A 54 -1.94 10.21 -0.65
N LEU A 55 -3.21 10.50 -0.92
CA LEU A 55 -4.27 10.29 0.06
C LEU A 55 -4.48 8.80 0.33
N LEU A 56 -4.69 8.46 1.59
CA LEU A 56 -4.91 7.06 1.97
C LEU A 56 -6.10 6.47 1.22
N SER A 57 -7.02 7.34 0.82
CA SER A 57 -8.22 6.90 0.10
C SER A 57 -7.88 6.57 -1.35
N ASN A 58 -6.71 7.03 -1.80
CA ASN A 58 -6.27 6.78 -3.16
C ASN A 58 -5.23 5.67 -3.21
N ILE A 59 -5.23 4.82 -2.18
CA ILE A 59 -4.29 3.71 -2.10
C ILE A 59 -5.02 2.38 -2.11
N LYS A 60 -4.57 1.47 -2.98
CA LYS A 60 -5.17 0.14 -3.08
C LYS A 60 -4.28 -0.92 -2.45
N PRO A 61 -4.90 -1.85 -1.70
CA PRO A 61 -4.18 -2.94 -1.03
C PRO A 61 -3.61 -3.95 -2.02
N VAL A 62 -2.31 -4.19 -1.92
CA VAL A 62 -1.64 -5.15 -2.80
C VAL A 62 -1.74 -6.57 -2.25
N GLN A 63 -2.07 -7.52 -3.12
CA GLN A 63 -2.20 -8.91 -2.72
C GLN A 63 -0.87 -9.45 -2.20
N THR A 64 -0.94 -10.25 -1.14
CA THR A 64 0.26 -10.83 -0.54
C THR A 64 -0.10 -11.87 0.51
N GLU A 65 0.47 -13.07 0.37
CA GLU A 65 0.22 -14.15 1.31
C GLU A 65 1.39 -14.33 2.28
N ALA A 66 1.44 -13.46 3.29
CA ALA A 66 2.52 -13.53 4.28
C ALA A 66 1.97 -13.97 5.64
N TRP A 67 1.29 -15.10 5.66
CA TRP A 67 0.72 -15.64 6.89
C TRP A 67 1.79 -15.80 7.95
N VAL A 68 1.46 -15.44 9.19
CA VAL A 68 2.40 -15.55 10.30
C VAL A 68 1.99 -16.68 11.24
N ARG A 69 1.81 -17.87 10.69
CA ARG A 69 1.42 -19.03 11.48
C ARG A 69 2.64 -19.65 12.17
N ASP A 70 2.69 -19.53 13.49
CA ASP A 70 3.80 -20.07 14.27
C ASP A 70 3.47 -20.06 15.75
N PRO A 71 3.94 -21.10 16.47
CA PRO A 71 3.71 -21.23 17.91
C PRO A 71 4.49 -20.19 18.73
N ASN A 72 3.81 -19.12 19.10
CA ASN A 72 4.43 -18.05 19.87
C ASN A 72 3.78 -17.93 21.25
N SER A 73 4.47 -17.25 22.17
CA SER A 73 3.96 -17.07 23.53
C SER A 73 2.47 -16.75 23.50
N GLY A 74 2.07 -15.88 22.59
CA GLY A 74 0.67 -15.51 22.48
C GLY A 74 0.24 -14.56 23.58
N PRO A 75 -1.09 -14.45 23.79
CA PRO A 75 -1.65 -13.56 24.81
C PRO A 75 -1.36 -14.05 26.23
N SER A 76 -0.55 -13.28 26.95
CA SER A 76 -0.18 -13.65 28.32
C SER A 76 -1.05 -12.88 29.32
N SER A 77 -1.21 -13.46 30.51
CA SER A 77 -2.01 -12.83 31.55
C SER A 77 -1.30 -11.61 32.14
N GLY A 78 -0.06 -11.82 32.61
CA GLY A 78 0.71 -10.74 33.18
C GLY A 78 2.16 -11.12 33.38
N GLY A 1 -17.07 -5.76 12.95
CA GLY A 1 -15.80 -5.05 12.85
C GLY A 1 -14.97 -5.15 14.10
N SER A 2 -14.81 -6.36 14.62
CA SER A 2 -14.04 -6.59 15.84
C SER A 2 -12.84 -5.65 15.89
N SER A 3 -12.08 -5.59 14.80
CA SER A 3 -10.90 -4.75 14.72
C SER A 3 -10.92 -3.90 13.45
N GLY A 4 -11.00 -2.59 13.62
CA GLY A 4 -11.02 -1.70 12.47
C GLY A 4 -12.11 -0.64 12.59
N SER A 5 -11.72 0.55 13.05
CA SER A 5 -12.68 1.64 13.21
C SER A 5 -13.20 2.11 11.85
N SER A 6 -12.28 2.51 10.97
CA SER A 6 -12.65 2.97 9.64
C SER A 6 -12.84 1.80 8.69
N GLY A 7 -12.05 0.75 8.88
CA GLY A 7 -12.14 -0.42 8.04
C GLY A 7 -10.78 -0.97 7.65
N LYS A 8 -10.02 -0.18 6.89
CA LYS A 8 -8.70 -0.60 6.46
C LYS A 8 -7.64 0.42 6.88
N VAL A 9 -6.72 0.00 7.73
CA VAL A 9 -5.66 0.87 8.21
C VAL A 9 -4.33 0.54 7.55
N TRP A 10 -3.54 1.57 7.25
CA TRP A 10 -2.25 1.39 6.61
C TRP A 10 -1.13 1.36 7.65
N LYS A 11 0.06 0.96 7.22
CA LYS A 11 1.22 0.90 8.11
C LYS A 11 2.51 0.94 7.31
N PRO A 12 3.58 1.47 7.95
CA PRO A 12 4.90 1.58 7.32
C PRO A 12 5.56 0.21 7.13
N GLY A 13 5.58 -0.25 5.88
CA GLY A 13 6.20 -1.54 5.59
C GLY A 13 5.25 -2.48 4.89
N ASP A 14 4.36 -1.92 4.07
CA ASP A 14 3.38 -2.72 3.33
C ASP A 14 3.23 -2.19 1.90
N GLU A 15 3.44 -3.07 0.93
CA GLU A 15 3.33 -2.70 -0.47
C GLU A 15 1.88 -2.35 -0.83
N CYS A 16 1.71 -1.25 -1.54
CA CYS A 16 0.38 -0.80 -1.94
C CYS A 16 0.44 -0.01 -3.25
N PHE A 17 -0.72 0.22 -3.85
CA PHE A 17 -0.79 0.96 -5.11
C PHE A 17 -1.25 2.39 -4.87
N ALA A 18 -0.40 3.35 -5.22
CA ALA A 18 -0.71 4.75 -5.05
C ALA A 18 -0.89 5.45 -6.39
N LEU A 19 -1.84 6.36 -6.46
CA LEU A 19 -2.12 7.10 -7.68
C LEU A 19 -1.14 8.26 -7.85
N TYR A 20 -0.57 8.37 -9.05
CA TYR A 20 0.39 9.43 -9.34
C TYR A 20 -0.31 10.79 -9.41
N TRP A 21 0.45 11.85 -9.16
CA TRP A 21 -0.10 13.20 -9.19
C TRP A 21 0.11 13.84 -10.56
N GLU A 22 0.83 13.14 -11.43
CA GLU A 22 1.11 13.64 -12.77
C GLU A 22 0.45 12.75 -13.83
N ASP A 23 0.04 11.55 -13.43
CA ASP A 23 -0.60 10.62 -14.33
C ASP A 23 -1.95 10.16 -13.78
N ASN A 24 -2.09 10.20 -12.46
CA ASN A 24 -3.33 9.80 -11.81
C ASN A 24 -3.63 8.32 -12.08
N LYS A 25 -2.58 7.53 -12.22
CA LYS A 25 -2.72 6.10 -12.48
C LYS A 25 -2.11 5.27 -11.35
N PHE A 26 -2.80 4.21 -10.97
CA PHE A 26 -2.33 3.33 -9.90
C PHE A 26 -0.98 2.71 -10.26
N TYR A 27 -0.02 2.81 -9.34
CA TYR A 27 1.31 2.27 -9.57
C TYR A 27 1.85 1.62 -8.30
N ARG A 28 2.67 0.59 -8.48
CA ARG A 28 3.26 -0.13 -7.36
C ARG A 28 3.92 0.85 -6.37
N ALA A 29 3.84 0.52 -5.09
CA ALA A 29 4.42 1.36 -4.05
C ALA A 29 4.46 0.64 -2.71
N GLU A 30 4.89 1.35 -1.67
CA GLU A 30 4.97 0.77 -0.33
C GLU A 30 4.90 1.87 0.73
N VAL A 31 3.90 1.77 1.60
CA VAL A 31 3.71 2.74 2.67
C VAL A 31 5.04 3.08 3.35
N GLU A 32 5.43 4.35 3.30
CA GLU A 32 6.68 4.79 3.90
C GLU A 32 6.44 5.31 5.32
N ALA A 33 5.55 6.29 5.44
CA ALA A 33 5.23 6.89 6.73
C ALA A 33 3.89 7.60 6.69
N LEU A 34 2.98 7.22 7.58
CA LEU A 34 1.66 7.83 7.64
C LEU A 34 1.72 9.21 8.28
N HIS A 35 0.71 10.03 8.03
CA HIS A 35 0.65 11.38 8.59
C HIS A 35 -0.11 11.38 9.91
N SER A 36 0.15 12.39 10.74
CA SER A 36 -0.50 12.51 12.03
C SER A 36 -2.01 12.62 11.86
N SER A 37 -2.45 13.73 11.27
CA SER A 37 -3.88 13.96 11.05
C SER A 37 -4.58 12.68 10.63
N GLY A 38 -4.09 12.06 9.56
CA GLY A 38 -4.67 10.84 9.07
C GLY A 38 -5.41 11.03 7.75
N MET A 39 -4.85 11.86 6.88
CA MET A 39 -5.45 12.13 5.58
C MET A 39 -4.55 11.65 4.45
N THR A 40 -3.24 11.82 4.62
CA THR A 40 -2.27 11.41 3.62
C THR A 40 -1.09 10.67 4.25
N ALA A 41 -0.29 10.02 3.42
CA ALA A 41 0.87 9.29 3.90
C ALA A 41 1.95 9.19 2.83
N VAL A 42 3.21 9.27 3.24
CA VAL A 42 4.33 9.19 2.31
C VAL A 42 4.54 7.76 1.84
N VAL A 43 4.33 7.54 0.55
CA VAL A 43 4.50 6.21 -0.05
C VAL A 43 5.58 6.22 -1.13
N LYS A 44 6.33 5.13 -1.22
CA LYS A 44 7.40 5.02 -2.20
C LYS A 44 7.00 4.04 -3.30
N PHE A 45 7.09 4.50 -4.56
CA PHE A 45 6.74 3.67 -5.70
C PHE A 45 7.78 2.57 -5.91
N THR A 46 7.35 1.45 -6.49
CA THR A 46 8.25 0.32 -6.74
C THR A 46 8.75 0.34 -8.19
N ASP A 47 8.10 1.14 -9.02
CA ASP A 47 8.47 1.24 -10.42
C ASP A 47 9.84 1.91 -10.58
N TYR A 48 10.04 3.01 -9.85
CA TYR A 48 11.29 3.74 -9.91
C TYR A 48 11.91 3.87 -8.52
N GLY A 49 11.08 4.27 -7.55
CA GLY A 49 11.56 4.44 -6.18
C GLY A 49 11.52 5.89 -5.73
N ASN A 50 10.48 6.60 -6.13
CA ASN A 50 10.33 8.00 -5.75
C ASN A 50 9.21 8.18 -4.73
N TYR A 51 9.41 9.11 -3.80
CA TYR A 51 8.42 9.38 -2.76
C TYR A 51 7.40 10.40 -3.24
N GLU A 52 6.15 10.23 -2.80
CA GLU A 52 5.08 11.13 -3.18
C GLU A 52 3.93 11.09 -2.16
N GLU A 53 3.39 12.25 -1.84
CA GLU A 53 2.29 12.34 -0.88
C GLU A 53 0.96 12.03 -1.54
N VAL A 54 0.35 10.92 -1.14
CA VAL A 54 -0.94 10.51 -1.69
C VAL A 54 -1.95 10.23 -0.59
N LEU A 55 -3.22 10.51 -0.88
CA LEU A 55 -4.29 10.30 0.09
C LEU A 55 -4.51 8.81 0.35
N LEU A 56 -4.74 8.46 1.61
CA LEU A 56 -4.96 7.07 1.99
C LEU A 56 -6.18 6.49 1.27
N SER A 57 -7.06 7.38 0.82
CA SER A 57 -8.27 6.95 0.12
C SER A 57 -7.97 6.67 -1.35
N ASN A 58 -6.74 6.95 -1.76
CA ASN A 58 -6.32 6.73 -3.15
C ASN A 58 -5.32 5.58 -3.23
N ILE A 59 -5.24 4.80 -2.16
CA ILE A 59 -4.32 3.67 -2.11
C ILE A 59 -5.08 2.35 -2.07
N LYS A 60 -4.68 1.41 -2.92
CA LYS A 60 -5.32 0.10 -2.98
C LYS A 60 -4.38 -0.99 -2.47
N PRO A 61 -4.93 -1.94 -1.71
CA PRO A 61 -4.15 -3.06 -1.15
C PRO A 61 -3.70 -4.04 -2.21
N VAL A 62 -2.40 -4.08 -2.47
CA VAL A 62 -1.83 -4.97 -3.47
C VAL A 62 -1.69 -6.39 -2.92
N GLN A 63 -1.89 -7.37 -3.78
CA GLN A 63 -1.78 -8.78 -3.39
C GLN A 63 -0.34 -9.16 -3.11
N THR A 64 -0.08 -9.62 -1.89
CA THR A 64 1.26 -10.03 -1.50
C THR A 64 1.31 -11.50 -1.12
N GLU A 65 0.61 -11.86 -0.05
CA GLU A 65 0.58 -13.24 0.40
C GLU A 65 -0.81 -13.85 0.19
N ALA A 66 -1.02 -14.41 -1.00
CA ALA A 66 -2.30 -15.02 -1.34
C ALA A 66 -2.28 -16.52 -1.04
N TRP A 67 -1.80 -16.87 0.15
CA TRP A 67 -1.73 -18.28 0.57
C TRP A 67 -2.96 -19.03 0.10
N VAL A 68 -2.79 -19.89 -0.89
CA VAL A 68 -3.90 -20.69 -1.42
C VAL A 68 -3.86 -22.11 -0.88
N ARG A 69 -4.95 -22.51 -0.23
CA ARG A 69 -5.05 -23.85 0.34
C ARG A 69 -5.58 -24.84 -0.69
N ASP A 70 -6.59 -24.43 -1.42
CA ASP A 70 -7.20 -25.29 -2.44
C ASP A 70 -6.66 -24.95 -3.82
N PRO A 71 -6.65 -25.95 -4.72
CA PRO A 71 -6.16 -25.78 -6.10
C PRO A 71 -7.07 -24.91 -6.93
N ASN A 72 -6.72 -24.75 -8.21
CA ASN A 72 -7.52 -23.94 -9.12
C ASN A 72 -8.38 -24.82 -10.02
N SER A 73 -7.73 -25.67 -10.80
CA SER A 73 -8.44 -26.56 -11.71
C SER A 73 -9.30 -27.56 -10.94
N GLY A 74 -10.57 -27.68 -11.35
CA GLY A 74 -11.47 -28.59 -10.68
C GLY A 74 -12.04 -29.64 -11.63
N PRO A 75 -13.23 -29.37 -12.17
CA PRO A 75 -13.90 -30.28 -13.10
C PRO A 75 -13.20 -30.36 -14.45
N SER A 76 -13.55 -31.37 -15.23
CA SER A 76 -12.95 -31.56 -16.54
C SER A 76 -13.97 -31.34 -17.65
N SER A 77 -13.53 -30.71 -18.73
CA SER A 77 -14.42 -30.43 -19.86
C SER A 77 -13.62 -29.93 -21.07
N GLY A 78 -13.91 -30.50 -22.23
CA GLY A 78 -13.21 -30.10 -23.45
C GLY A 78 -13.57 -28.69 -23.89
N GLY A 1 -5.31 11.91 19.05
CA GLY A 1 -6.69 12.18 18.71
C GLY A 1 -7.60 10.99 18.92
N SER A 2 -7.96 10.33 17.83
CA SER A 2 -8.84 9.17 17.90
C SER A 2 -8.36 8.05 16.99
N SER A 3 -8.33 6.84 17.51
CA SER A 3 -7.87 5.68 16.75
C SER A 3 -8.75 4.47 17.03
N GLY A 4 -8.59 3.43 16.21
CA GLY A 4 -9.38 2.22 16.37
C GLY A 4 -9.44 1.39 15.11
N SER A 5 -10.34 0.41 15.09
CA SER A 5 -10.50 -0.46 13.93
C SER A 5 -11.65 0.01 13.04
N SER A 6 -11.31 0.57 11.89
CA SER A 6 -12.30 1.07 10.95
C SER A 6 -11.74 1.11 9.52
N GLY A 7 -12.56 0.71 8.57
CA GLY A 7 -12.13 0.70 7.18
C GLY A 7 -10.85 -0.10 6.97
N LYS A 8 -9.80 0.58 6.54
CA LYS A 8 -8.52 -0.07 6.30
C LYS A 8 -7.36 0.80 6.79
N VAL A 9 -6.65 0.33 7.80
CA VAL A 9 -5.52 1.05 8.36
C VAL A 9 -4.21 0.64 7.69
N TRP A 10 -3.44 1.62 7.27
CA TRP A 10 -2.16 1.37 6.61
C TRP A 10 -1.02 1.34 7.63
N LYS A 11 0.15 0.88 7.20
CA LYS A 11 1.31 0.81 8.07
C LYS A 11 2.60 0.93 7.26
N PRO A 12 3.67 1.42 7.91
CA PRO A 12 4.98 1.59 7.27
C PRO A 12 5.65 0.26 6.96
N GLY A 13 5.67 -0.10 5.69
CA GLY A 13 6.30 -1.35 5.28
C GLY A 13 5.32 -2.27 4.57
N ASP A 14 4.26 -1.70 4.01
CA ASP A 14 3.26 -2.48 3.30
C ASP A 14 3.14 -2.01 1.85
N GLU A 15 3.37 -2.93 0.92
CA GLU A 15 3.29 -2.62 -0.50
C GLU A 15 1.85 -2.31 -0.91
N CYS A 16 1.66 -1.16 -1.55
CA CYS A 16 0.33 -0.74 -1.98
C CYS A 16 0.42 0.11 -3.25
N PHE A 17 -0.72 0.32 -3.89
CA PHE A 17 -0.77 1.12 -5.12
C PHE A 17 -1.24 2.54 -4.82
N ALA A 18 -0.36 3.50 -5.05
CA ALA A 18 -0.68 4.91 -4.80
C ALA A 18 -0.76 5.69 -6.12
N LEU A 19 -1.93 6.26 -6.38
CA LEU A 19 -2.13 7.03 -7.60
C LEU A 19 -1.10 8.16 -7.72
N TYR A 20 -0.52 8.29 -8.91
CA TYR A 20 0.48 9.33 -9.15
C TYR A 20 -0.14 10.72 -9.12
N TRP A 21 0.71 11.74 -9.11
CA TRP A 21 0.23 13.12 -9.09
C TRP A 21 0.48 13.81 -10.42
N GLU A 22 1.03 13.05 -11.37
CA GLU A 22 1.31 13.60 -12.70
C GLU A 22 0.62 12.78 -13.78
N ASP A 23 0.07 11.64 -13.38
CA ASP A 23 -0.62 10.76 -14.32
C ASP A 23 -1.99 10.35 -13.78
N ASN A 24 -2.09 10.23 -12.46
CA ASN A 24 -3.34 9.84 -11.82
C ASN A 24 -3.63 8.36 -12.02
N LYS A 25 -2.57 7.58 -12.18
CA LYS A 25 -2.71 6.14 -12.39
C LYS A 25 -2.14 5.37 -11.19
N PHE A 26 -2.65 4.15 -10.98
CA PHE A 26 -2.19 3.33 -9.88
C PHE A 26 -0.90 2.61 -10.24
N TYR A 27 0.15 2.86 -9.45
CA TYR A 27 1.45 2.25 -9.68
C TYR A 27 2.00 1.63 -8.40
N ARG A 28 2.70 0.51 -8.55
CA ARG A 28 3.28 -0.18 -7.40
C ARG A 28 3.91 0.81 -6.43
N ALA A 29 3.86 0.49 -5.14
CA ALA A 29 4.43 1.35 -4.12
C ALA A 29 4.43 0.67 -2.75
N GLU A 30 4.86 1.38 -1.73
CA GLU A 30 4.91 0.84 -0.37
C GLU A 30 4.86 1.96 0.66
N VAL A 31 3.82 1.94 1.49
CA VAL A 31 3.65 2.94 2.53
C VAL A 31 4.97 3.21 3.27
N GLU A 32 5.43 4.45 3.20
CA GLU A 32 6.68 4.83 3.85
C GLU A 32 6.42 5.31 5.27
N ALA A 33 5.51 6.27 5.41
CA ALA A 33 5.17 6.82 6.72
C ALA A 33 3.81 7.49 6.69
N LEU A 34 2.98 7.19 7.68
CA LEU A 34 1.65 7.77 7.77
C LEU A 34 1.69 9.14 8.44
N HIS A 35 0.62 9.91 8.27
CA HIS A 35 0.54 11.24 8.87
C HIS A 35 -0.13 11.19 10.24
N SER A 36 -0.13 12.31 10.94
CA SER A 36 -0.72 12.38 12.27
C SER A 36 -2.24 12.49 12.17
N SER A 37 -2.72 13.54 11.52
CA SER A 37 -4.15 13.77 11.35
C SER A 37 -4.84 12.51 10.84
N GLY A 38 -4.30 11.94 9.77
CA GLY A 38 -4.88 10.73 9.20
C GLY A 38 -5.54 10.98 7.86
N MET A 39 -4.86 11.73 7.00
CA MET A 39 -5.40 12.04 5.68
C MET A 39 -4.48 11.51 4.59
N THR A 40 -3.24 11.97 4.57
CA THR A 40 -2.27 11.54 3.58
C THR A 40 -1.12 10.78 4.22
N ALA A 41 -0.30 10.15 3.39
CA ALA A 41 0.84 9.38 3.88
C ALA A 41 1.94 9.29 2.82
N VAL A 42 3.19 9.40 3.26
CA VAL A 42 4.33 9.34 2.35
C VAL A 42 4.55 7.91 1.87
N VAL A 43 4.35 7.69 0.57
CA VAL A 43 4.53 6.37 -0.02
C VAL A 43 5.61 6.39 -1.10
N LYS A 44 6.25 5.25 -1.31
CA LYS A 44 7.30 5.14 -2.32
C LYS A 44 6.92 4.12 -3.38
N PHE A 45 7.01 4.53 -4.65
CA PHE A 45 6.68 3.65 -5.76
C PHE A 45 7.73 2.57 -5.92
N THR A 46 7.31 1.42 -6.46
CA THR A 46 8.22 0.30 -6.67
C THR A 46 8.75 0.29 -8.11
N ASP A 47 8.03 0.97 -9.00
CA ASP A 47 8.43 1.03 -10.40
C ASP A 47 9.82 1.64 -10.55
N TYR A 48 10.08 2.70 -9.79
CA TYR A 48 11.36 3.38 -9.84
C TYR A 48 11.96 3.51 -8.44
N GLY A 49 11.13 3.93 -7.48
CA GLY A 49 11.59 4.09 -6.12
C GLY A 49 11.54 5.54 -5.66
N ASN A 50 10.51 6.26 -6.10
CA ASN A 50 10.36 7.66 -5.73
C ASN A 50 9.21 7.84 -4.74
N TYR A 51 9.37 8.79 -3.82
CA TYR A 51 8.35 9.06 -2.82
C TYR A 51 7.32 10.08 -3.33
N GLU A 52 6.11 10.00 -2.80
CA GLU A 52 5.05 10.91 -3.20
C GLU A 52 3.94 10.97 -2.14
N GLU A 53 3.36 12.15 -1.97
CA GLU A 53 2.30 12.34 -0.99
C GLU A 53 0.93 12.03 -1.60
N VAL A 54 0.39 10.87 -1.27
CA VAL A 54 -0.92 10.46 -1.79
C VAL A 54 -1.91 10.24 -0.66
N LEU A 55 -3.19 10.45 -0.95
CA LEU A 55 -4.25 10.27 0.04
C LEU A 55 -4.47 8.78 0.34
N LEU A 56 -4.78 8.48 1.59
CA LEU A 56 -5.02 7.10 2.01
C LEU A 56 -6.22 6.51 1.27
N SER A 57 -7.12 7.38 0.83
CA SER A 57 -8.31 6.95 0.11
C SER A 57 -7.99 6.64 -1.35
N ASN A 58 -6.77 6.98 -1.76
CA ASN A 58 -6.34 6.75 -3.13
C ASN A 58 -5.31 5.61 -3.18
N ILE A 59 -5.30 4.79 -2.15
CA ILE A 59 -4.36 3.67 -2.08
C ILE A 59 -5.11 2.33 -2.06
N LYS A 60 -4.58 1.35 -2.78
CA LYS A 60 -5.19 0.03 -2.84
C LYS A 60 -4.20 -1.05 -2.40
N PRO A 61 -4.70 -2.04 -1.65
CA PRO A 61 -3.88 -3.14 -1.15
C PRO A 61 -3.44 -4.09 -2.27
N VAL A 62 -2.15 -4.40 -2.30
CA VAL A 62 -1.60 -5.30 -3.32
C VAL A 62 -1.88 -6.75 -2.97
N GLN A 63 -2.31 -7.52 -3.97
CA GLN A 63 -2.62 -8.93 -3.78
C GLN A 63 -1.41 -9.80 -4.13
N THR A 64 -1.05 -10.70 -3.23
CA THR A 64 0.08 -11.60 -3.44
C THR A 64 0.20 -12.62 -2.31
N GLU A 65 1.02 -13.64 -2.53
CA GLU A 65 1.22 -14.68 -1.53
C GLU A 65 2.70 -14.79 -1.15
N ALA A 66 3.34 -13.64 -1.01
CA ALA A 66 4.76 -13.59 -0.65
C ALA A 66 4.93 -13.71 0.86
N TRP A 67 4.16 -14.60 1.47
CA TRP A 67 4.23 -14.81 2.92
C TRP A 67 5.46 -15.64 3.29
N VAL A 68 6.08 -15.30 4.41
CA VAL A 68 7.26 -16.02 4.88
C VAL A 68 6.97 -16.74 6.19
N ARG A 69 7.25 -18.04 6.21
CA ARG A 69 7.03 -18.86 7.39
C ARG A 69 8.28 -19.66 7.75
N ASP A 70 8.55 -19.78 9.05
CA ASP A 70 9.72 -20.52 9.53
C ASP A 70 9.57 -22.00 9.23
N PRO A 71 10.70 -22.66 8.90
CA PRO A 71 10.72 -24.09 8.59
C PRO A 71 10.45 -24.95 9.81
N ASN A 72 10.43 -26.27 9.61
CA ASN A 72 10.19 -27.21 10.70
C ASN A 72 11.26 -27.08 11.77
N SER A 73 12.52 -27.29 11.37
CA SER A 73 13.64 -27.21 12.29
C SER A 73 13.39 -28.06 13.53
N GLY A 74 12.94 -29.30 13.32
CA GLY A 74 12.66 -30.20 14.43
C GLY A 74 11.88 -31.41 14.00
N PRO A 75 11.78 -32.40 14.91
CA PRO A 75 11.06 -33.65 14.64
C PRO A 75 9.55 -33.44 14.56
N SER A 76 9.11 -32.21 14.82
CA SER A 76 7.69 -31.89 14.78
C SER A 76 7.04 -32.44 13.52
N SER A 77 6.17 -33.43 13.70
CA SER A 77 5.47 -34.05 12.58
C SER A 77 3.96 -34.06 12.81
N GLY A 78 3.21 -34.13 11.71
CA GLY A 78 1.76 -34.14 11.81
C GLY A 78 1.14 -32.79 11.50
N GLY A 1 -8.64 0.54 23.49
CA GLY A 1 -9.72 -0.22 22.88
C GLY A 1 -9.26 -1.00 21.66
N SER A 2 -10.22 -1.56 20.93
CA SER A 2 -9.91 -2.33 19.73
C SER A 2 -8.98 -1.56 18.80
N SER A 3 -8.10 -2.28 18.12
CA SER A 3 -7.16 -1.66 17.20
C SER A 3 -7.54 -1.94 15.75
N GLY A 4 -6.97 -1.17 14.83
CA GLY A 4 -7.26 -1.35 13.42
C GLY A 4 -8.72 -1.06 13.09
N SER A 5 -8.98 0.18 12.67
CA SER A 5 -10.34 0.58 12.32
C SER A 5 -11.02 -0.47 11.45
N SER A 6 -12.30 -0.70 11.70
CA SER A 6 -13.06 -1.68 10.93
C SER A 6 -12.72 -1.60 9.45
N GLY A 7 -12.97 -0.43 8.86
CA GLY A 7 -12.68 -0.24 7.45
C GLY A 7 -11.35 -0.84 7.04
N LYS A 8 -10.30 -0.02 7.08
CA LYS A 8 -8.96 -0.47 6.71
C LYS A 8 -7.91 0.49 7.25
N VAL A 9 -6.79 -0.07 7.69
CA VAL A 9 -5.68 0.74 8.23
C VAL A 9 -4.36 0.38 7.56
N TRP A 10 -3.56 1.39 7.26
CA TRP A 10 -2.27 1.18 6.62
C TRP A 10 -1.15 1.18 7.66
N LYS A 11 0.09 1.01 7.19
CA LYS A 11 1.24 1.00 8.07
C LYS A 11 2.54 1.18 7.28
N PRO A 12 3.56 1.72 7.93
CA PRO A 12 4.87 1.96 7.31
C PRO A 12 5.62 0.66 7.02
N GLY A 13 5.65 0.27 5.75
CA GLY A 13 6.33 -0.95 5.37
C GLY A 13 5.39 -1.98 4.76
N ASP A 14 4.36 -1.50 4.08
CA ASP A 14 3.39 -2.39 3.45
C ASP A 14 3.22 -2.05 1.98
N GLU A 15 3.40 -3.05 1.13
CA GLU A 15 3.28 -2.87 -0.32
C GLU A 15 1.84 -2.54 -0.69
N CYS A 16 1.65 -1.47 -1.46
CA CYS A 16 0.33 -1.05 -1.89
C CYS A 16 0.40 -0.32 -3.23
N PHE A 17 -0.74 0.19 -3.68
CA PHE A 17 -0.81 0.91 -4.94
C PHE A 17 -1.27 2.35 -4.73
N ALA A 18 -0.39 3.30 -5.04
CA ALA A 18 -0.71 4.71 -4.88
C ALA A 18 -0.82 5.41 -6.22
N LEU A 19 -1.85 6.24 -6.37
CA LEU A 19 -2.08 6.97 -7.62
C LEU A 19 -1.04 8.08 -7.79
N TYR A 20 -0.55 8.23 -9.02
CA TYR A 20 0.44 9.25 -9.33
C TYR A 20 -0.18 10.64 -9.28
N TRP A 21 0.67 11.66 -9.24
CA TRP A 21 0.20 13.05 -9.19
C TRP A 21 0.36 13.72 -10.56
N GLU A 22 0.99 13.01 -11.49
CA GLU A 22 1.20 13.54 -12.83
C GLU A 22 0.52 12.67 -13.88
N ASP A 23 0.03 11.52 -13.45
CA ASP A 23 -0.65 10.59 -14.34
C ASP A 23 -2.02 10.20 -13.79
N ASN A 24 -2.14 10.20 -12.47
CA ASN A 24 -3.39 9.83 -11.82
C ASN A 24 -3.72 8.36 -12.03
N LYS A 25 -2.68 7.55 -12.18
CA LYS A 25 -2.85 6.11 -12.40
C LYS A 25 -2.31 5.32 -11.21
N PHE A 26 -2.91 4.15 -10.96
CA PHE A 26 -2.48 3.30 -9.86
C PHE A 26 -1.14 2.64 -10.17
N TYR A 27 -0.16 2.84 -9.30
CA TYR A 27 1.16 2.26 -9.48
C TYR A 27 1.67 1.65 -8.19
N ARG A 28 2.36 0.51 -8.31
CA ARG A 28 2.90 -0.19 -7.15
C ARG A 28 3.68 0.78 -6.26
N ALA A 29 3.67 0.50 -4.96
CA ALA A 29 4.37 1.35 -4.00
C ALA A 29 4.45 0.67 -2.63
N GLU A 30 5.01 1.38 -1.66
CA GLU A 30 5.14 0.86 -0.30
C GLU A 30 4.99 1.96 0.73
N VAL A 31 3.94 1.87 1.55
CA VAL A 31 3.69 2.85 2.58
C VAL A 31 4.96 3.17 3.37
N GLU A 32 5.53 4.35 3.12
CA GLU A 32 6.74 4.76 3.80
C GLU A 32 6.43 5.23 5.23
N ALA A 33 5.52 6.20 5.34
CA ALA A 33 5.13 6.74 6.63
C ALA A 33 3.74 7.35 6.57
N LEU A 34 2.95 7.11 7.62
CA LEU A 34 1.59 7.64 7.69
C LEU A 34 1.58 9.02 8.36
N HIS A 35 0.50 9.76 8.14
CA HIS A 35 0.37 11.10 8.71
C HIS A 35 -0.44 11.05 10.01
N SER A 36 0.04 11.75 11.03
CA SER A 36 -0.63 11.79 12.33
C SER A 36 -2.13 12.04 12.15
N SER A 37 -2.47 13.19 11.58
CA SER A 37 -3.87 13.55 11.36
C SER A 37 -4.66 12.36 10.84
N GLY A 38 -4.13 11.71 9.79
CA GLY A 38 -4.80 10.56 9.21
C GLY A 38 -5.49 10.89 7.90
N MET A 39 -4.77 11.59 7.02
CA MET A 39 -5.31 11.97 5.72
C MET A 39 -4.41 11.49 4.60
N THR A 40 -3.17 11.96 4.59
CA THR A 40 -2.21 11.59 3.56
C THR A 40 -1.08 10.74 4.15
N ALA A 41 -0.28 10.14 3.28
CA ALA A 41 0.84 9.31 3.71
C ALA A 41 1.93 9.26 2.65
N VAL A 42 3.18 9.23 3.09
CA VAL A 42 4.32 9.17 2.18
C VAL A 42 4.52 7.76 1.64
N VAL A 43 4.34 7.61 0.33
CA VAL A 43 4.51 6.31 -0.32
C VAL A 43 5.66 6.33 -1.31
N LYS A 44 6.37 5.21 -1.41
CA LYS A 44 7.50 5.10 -2.32
C LYS A 44 7.15 4.24 -3.52
N PHE A 45 7.36 4.78 -4.72
CA PHE A 45 7.05 4.04 -5.95
C PHE A 45 8.20 3.11 -6.31
N THR A 46 7.88 1.82 -6.45
CA THR A 46 8.89 0.82 -6.80
C THR A 46 9.48 1.08 -8.19
N ASP A 47 8.66 1.62 -9.07
CA ASP A 47 9.09 1.93 -10.43
C ASP A 47 10.52 2.48 -10.42
N TYR A 48 10.73 3.54 -9.66
CA TYR A 48 12.05 4.16 -9.57
C TYR A 48 12.53 4.23 -8.12
N GLY A 49 11.61 4.58 -7.22
CA GLY A 49 11.95 4.68 -5.81
C GLY A 49 11.85 6.09 -5.29
N ASN A 50 10.85 6.83 -5.76
CA ASN A 50 10.65 8.21 -5.32
C ASN A 50 9.41 8.34 -4.44
N TYR A 51 9.50 9.20 -3.44
CA TYR A 51 8.38 9.41 -2.52
C TYR A 51 7.39 10.41 -3.09
N GLU A 52 6.10 10.14 -2.88
CA GLU A 52 5.04 11.01 -3.38
C GLU A 52 3.89 11.09 -2.38
N GLU A 53 3.47 12.32 -2.07
CA GLU A 53 2.39 12.54 -1.13
C GLU A 53 1.04 12.17 -1.76
N VAL A 54 0.46 11.07 -1.30
CA VAL A 54 -0.83 10.61 -1.82
C VAL A 54 -1.81 10.33 -0.68
N LEU A 55 -3.08 10.61 -0.92
CA LEU A 55 -4.12 10.38 0.08
C LEU A 55 -4.32 8.89 0.33
N LEU A 56 -4.61 8.53 1.57
CA LEU A 56 -4.83 7.14 1.94
C LEU A 56 -6.04 6.57 1.22
N SER A 57 -6.98 7.44 0.86
CA SER A 57 -8.18 7.01 0.15
C SER A 57 -7.87 6.65 -1.30
N ASN A 58 -6.67 7.01 -1.75
CA ASN A 58 -6.24 6.72 -3.11
C ASN A 58 -5.26 5.56 -3.14
N ILE A 59 -5.33 4.70 -2.13
CA ILE A 59 -4.44 3.54 -2.05
C ILE A 59 -5.23 2.24 -2.08
N LYS A 60 -4.79 1.32 -2.93
CA LYS A 60 -5.44 0.02 -3.07
C LYS A 60 -4.56 -1.10 -2.55
N PRO A 61 -5.14 -2.03 -1.80
CA PRO A 61 -4.42 -3.18 -1.24
C PRO A 61 -3.97 -4.17 -2.31
N VAL A 62 -2.69 -4.49 -2.31
CA VAL A 62 -2.13 -5.43 -3.29
C VAL A 62 -1.93 -6.80 -2.67
N GLN A 63 -2.11 -7.84 -3.46
CA GLN A 63 -1.94 -9.21 -2.99
C GLN A 63 -0.49 -9.47 -2.58
N THR A 64 -0.31 -10.21 -1.49
CA THR A 64 1.02 -10.53 -1.00
C THR A 64 1.58 -11.77 -1.68
N GLU A 65 2.81 -11.66 -2.18
CA GLU A 65 3.47 -12.77 -2.86
C GLU A 65 3.88 -13.85 -1.87
N ALA A 66 2.94 -14.74 -1.55
CA ALA A 66 3.21 -15.82 -0.61
C ALA A 66 3.41 -17.14 -1.34
N TRP A 67 4.18 -17.10 -2.43
CA TRP A 67 4.44 -18.29 -3.22
C TRP A 67 5.04 -19.41 -2.35
N VAL A 68 5.26 -20.56 -2.95
CA VAL A 68 5.82 -21.70 -2.24
C VAL A 68 6.82 -22.47 -3.10
N ARG A 69 8.03 -22.65 -2.58
CA ARG A 69 9.07 -23.37 -3.30
C ARG A 69 8.49 -24.52 -4.10
N ASP A 70 8.73 -24.52 -5.40
CA ASP A 70 8.22 -25.57 -6.27
C ASP A 70 9.33 -26.57 -6.62
N PRO A 71 8.95 -27.85 -6.72
CA PRO A 71 9.91 -28.93 -7.04
C PRO A 71 10.40 -28.85 -8.48
N ASN A 72 11.23 -29.81 -8.88
CA ASN A 72 11.77 -29.85 -10.23
C ASN A 72 10.65 -29.79 -11.26
N SER A 73 10.86 -28.97 -12.30
CA SER A 73 9.87 -28.83 -13.35
C SER A 73 10.51 -28.26 -14.61
N GLY A 74 10.52 -29.06 -15.68
CA GLY A 74 11.10 -28.62 -16.94
C GLY A 74 10.13 -27.79 -17.76
N PRO A 75 9.28 -28.47 -18.54
CA PRO A 75 8.29 -27.80 -19.39
C PRO A 75 7.18 -27.12 -18.59
N SER A 76 6.68 -26.00 -19.10
CA SER A 76 5.63 -25.26 -18.41
C SER A 76 4.73 -24.55 -19.42
N SER A 77 3.64 -23.96 -18.93
CA SER A 77 2.71 -23.25 -19.80
C SER A 77 2.58 -21.78 -19.37
N GLY A 78 1.90 -21.00 -20.20
CA GLY A 78 1.71 -19.59 -19.89
C GLY A 78 0.80 -18.90 -20.87
#